data_5USE
# 
_entry.id   5USE 
# 
_audit_conform.dict_name       mmcif_pdbx.dic 
_audit_conform.dict_version    5.379 
_audit_conform.dict_location   http://mmcif.pdb.org/dictionaries/ascii/mmcif_pdbx.dic 
# 
loop_
_database_2.database_id 
_database_2.database_code 
_database_2.pdbx_database_accession 
_database_2.pdbx_DOI 
PDB   5USE         pdb_00005use 10.2210/pdb5use/pdb 
WWPDB D_1000226431 ?            ?                   
# 
loop_
_pdbx_database_related.content_type 
_pdbx_database_related.db_id 
_pdbx_database_related.db_name 
_pdbx_database_related.details 
unspecified 5US2 PDB . 
unspecified 5USA PDB . 
unspecified 5USG PDB . 
# 
_pdbx_database_status.status_code                     REL 
_pdbx_database_status.status_code_sf                  REL 
_pdbx_database_status.status_code_mr                  ? 
_pdbx_database_status.entry_id                        5USE 
_pdbx_database_status.recvd_initial_deposition_date   2017-02-13 
_pdbx_database_status.SG_entry                        N 
_pdbx_database_status.deposit_site                    RCSB 
_pdbx_database_status.process_site                    RCSB 
_pdbx_database_status.status_code_cs                  ? 
_pdbx_database_status.methods_development_category    ? 
_pdbx_database_status.pdb_format_compatible           Y 
_pdbx_database_status.status_code_nmr_data            ? 
# 
loop_
_audit_author.name 
_audit_author.pdbx_ordinal 
_audit_author.identifier_ORCID 
'Fang, Z.'  1 ? 
'Qin, L.'   2 ? 
'Huang, Z.' 3 ? 
# 
_citation.abstract                  ? 
_citation.abstract_id_CAS           ? 
_citation.book_id_ISBN              ? 
_citation.book_publisher            ? 
_citation.book_publisher_city       ? 
_citation.book_title                ? 
_citation.coordinate_linkage        ? 
_citation.country                   DE 
_citation.database_id_Medline       ? 
_citation.details                   ? 
_citation.id                        primary 
_citation.journal_abbrev            Chemistryselect 
_citation.journal_id_ASTM           ? 
_citation.journal_id_CSD            ? 
_citation.journal_id_ISSN           2365-6549 
_citation.journal_full              ? 
_citation.journal_issue             ? 
_citation.journal_volume            8 
_citation.language                  ? 
_citation.page_first                ? 
_citation.page_last                 ? 
_citation.title                     'Synthesis of Pyrimidine Modified Seleno-DNA as a Novel Approach to Antisense Candidate' 
_citation.year                      2023 
_citation.database_id_CSD           ? 
_citation.pdbx_database_id_DOI      10.1002/slct.202302253 
_citation.pdbx_database_id_PubMed   ? 
_citation.unpublished_flag          ? 
# 
loop_
_citation_author.citation_id 
_citation_author.name 
_citation_author.ordinal 
_citation_author.identifier_ORCID 
primary 'Fang, Z.'   1 ? 
primary 'Dantsu, Y.' 2 ? 
primary 'Chen, C.'   3 ? 
primary 'Zhang, W.'  4 ? 
primary 'Huang, Z.'  5 ? 
# 
_cell.angle_alpha                  90.00 
_cell.angle_alpha_esd              ? 
_cell.angle_beta                   96.17 
_cell.angle_beta_esd               ? 
_cell.angle_gamma                  90.00 
_cell.angle_gamma_esd              ? 
_cell.entry_id                     5USE 
_cell.details                      ? 
_cell.formula_units_Z              ? 
_cell.length_a                     80.912 
_cell.length_a_esd                 ? 
_cell.length_b                     37.560 
_cell.length_b_esd                 ? 
_cell.length_c                     62.258 
_cell.length_c_esd                 ? 
_cell.volume                       ? 
_cell.volume_esd                   ? 
_cell.Z_PDB                        4 
_cell.reciprocal_angle_alpha       ? 
_cell.reciprocal_angle_beta        ? 
_cell.reciprocal_angle_gamma       ? 
_cell.reciprocal_angle_alpha_esd   ? 
_cell.reciprocal_angle_beta_esd    ? 
_cell.reciprocal_angle_gamma_esd   ? 
_cell.reciprocal_length_a          ? 
_cell.reciprocal_length_b          ? 
_cell.reciprocal_length_c          ? 
_cell.reciprocal_length_a_esd      ? 
_cell.reciprocal_length_b_esd      ? 
_cell.reciprocal_length_c_esd      ? 
_cell.pdbx_unique_axis             ? 
# 
_symmetry.entry_id                         5USE 
_symmetry.cell_setting                     ? 
_symmetry.Int_Tables_number                5 
_symmetry.space_group_name_Hall            ? 
_symmetry.space_group_name_H-M             'C 1 2 1' 
_symmetry.pdbx_full_space_group_name_H-M   ? 
# 
loop_
_entity.id 
_entity.type 
_entity.src_method 
_entity.pdbx_description 
_entity.formula_weight 
_entity.pdbx_number_of_molecules 
_entity.pdbx_ec 
_entity.pdbx_mutation 
_entity.pdbx_fragment 
_entity.details 
1 polymer     syn 
;RNA (5'-R(*UP*CP*GP*AP*CP*A)-3')
;
1875.189  1  ?        ?     ?                 ? 
2 polymer     syn 
;DNA (5'-D(*AP*TP*GP*(T5S)P*CP*G)-3')
;
1903.188  1  ?        ?     ?                 ? 
3 polymer     man 'Ribonuclease H'                       16329.478 1  3.1.26.4 D132N 'residues 59-196' ? 
4 non-polymer syn 'MAGNESIUM ION'                        24.305    2  ?        ?     ?                 ? 
5 water       nat water                                  18.015    32 ?        ?     ?                 ? 
# 
_entity_name_com.entity_id   3 
_entity_name_com.name        'RNase H' 
# 
loop_
_entity_poly.entity_id 
_entity_poly.type 
_entity_poly.nstd_linkage 
_entity_poly.nstd_monomer 
_entity_poly.pdbx_seq_one_letter_code 
_entity_poly.pdbx_seq_one_letter_code_can 
_entity_poly.pdbx_strand_id 
_entity_poly.pdbx_target_identifier 
1 polyribonucleotide      no no  UCGACA UCGACA B ? 
2 polydeoxyribonucleotide no yes '(DA)(DT)(DG)(T5S)(DC)(DG)' ATGTCG C ? 
3 'polypeptide(L)'        no no  
;GSHMAKEEIIWESLSVDVGSQGNPGIVEYKGVDTKTGEVLFEREPIPIGTNNMGEFLAIVHGLRYLKERNSRKPIYSNSQ
TAIKWVKDKKAKSTLVRNEETALIWKLVDEAEEWLNTHTYETPILKWQTDKWGEIKADYGRK
;
;GSHMAKEEIIWESLSVDVGSQGNPGIVEYKGVDTKTGEVLFEREPIPIGTNNMGEFLAIVHGLRYLKERNSRKPIYSNSQ
TAIKWVKDKKAKSTLVRNEETALIWKLVDEAEEWLNTHTYETPILKWQTDKWGEIKADYGRK
;
A ? 
# 
loop_
_entity_poly_seq.entity_id 
_entity_poly_seq.num 
_entity_poly_seq.mon_id 
_entity_poly_seq.hetero 
1 1   U   n 
1 2   C   n 
1 3   G   n 
1 4   A   n 
1 5   C   n 
1 6   A   n 
2 1   DA  n 
2 2   DT  n 
2 3   DG  n 
2 4   T5S n 
2 5   DC  n 
2 6   DG  n 
3 1   GLY n 
3 2   SER n 
3 3   HIS n 
3 4   MET n 
3 5   ALA n 
3 6   LYS n 
3 7   GLU n 
3 8   GLU n 
3 9   ILE n 
3 10  ILE n 
3 11  TRP n 
3 12  GLU n 
3 13  SER n 
3 14  LEU n 
3 15  SER n 
3 16  VAL n 
3 17  ASP n 
3 18  VAL n 
3 19  GLY n 
3 20  SER n 
3 21  GLN n 
3 22  GLY n 
3 23  ASN n 
3 24  PRO n 
3 25  GLY n 
3 26  ILE n 
3 27  VAL n 
3 28  GLU n 
3 29  TYR n 
3 30  LYS n 
3 31  GLY n 
3 32  VAL n 
3 33  ASP n 
3 34  THR n 
3 35  LYS n 
3 36  THR n 
3 37  GLY n 
3 38  GLU n 
3 39  VAL n 
3 40  LEU n 
3 41  PHE n 
3 42  GLU n 
3 43  ARG n 
3 44  GLU n 
3 45  PRO n 
3 46  ILE n 
3 47  PRO n 
3 48  ILE n 
3 49  GLY n 
3 50  THR n 
3 51  ASN n 
3 52  ASN n 
3 53  MET n 
3 54  GLY n 
3 55  GLU n 
3 56  PHE n 
3 57  LEU n 
3 58  ALA n 
3 59  ILE n 
3 60  VAL n 
3 61  HIS n 
3 62  GLY n 
3 63  LEU n 
3 64  ARG n 
3 65  TYR n 
3 66  LEU n 
3 67  LYS n 
3 68  GLU n 
3 69  ARG n 
3 70  ASN n 
3 71  SER n 
3 72  ARG n 
3 73  LYS n 
3 74  PRO n 
3 75  ILE n 
3 76  TYR n 
3 77  SER n 
3 78  ASN n 
3 79  SER n 
3 80  GLN n 
3 81  THR n 
3 82  ALA n 
3 83  ILE n 
3 84  LYS n 
3 85  TRP n 
3 86  VAL n 
3 87  LYS n 
3 88  ASP n 
3 89  LYS n 
3 90  LYS n 
3 91  ALA n 
3 92  LYS n 
3 93  SER n 
3 94  THR n 
3 95  LEU n 
3 96  VAL n 
3 97  ARG n 
3 98  ASN n 
3 99  GLU n 
3 100 GLU n 
3 101 THR n 
3 102 ALA n 
3 103 LEU n 
3 104 ILE n 
3 105 TRP n 
3 106 LYS n 
3 107 LEU n 
3 108 VAL n 
3 109 ASP n 
3 110 GLU n 
3 111 ALA n 
3 112 GLU n 
3 113 GLU n 
3 114 TRP n 
3 115 LEU n 
3 116 ASN n 
3 117 THR n 
3 118 HIS n 
3 119 THR n 
3 120 TYR n 
3 121 GLU n 
3 122 THR n 
3 123 PRO n 
3 124 ILE n 
3 125 LEU n 
3 126 LYS n 
3 127 TRP n 
3 128 GLN n 
3 129 THR n 
3 130 ASP n 
3 131 LYS n 
3 132 TRP n 
3 133 GLY n 
3 134 GLU n 
3 135 ILE n 
3 136 LYS n 
3 137 ALA n 
3 138 ASP n 
3 139 TYR n 
3 140 GLY n 
3 141 ARG n 
3 142 LYS n 
# 
_entity_src_gen.entity_id                          3 
_entity_src_gen.pdbx_src_id                        1 
_entity_src_gen.pdbx_alt_source_flag               sample 
_entity_src_gen.pdbx_seq_type                      'Biological sequence' 
_entity_src_gen.pdbx_beg_seq_num                   1 
_entity_src_gen.pdbx_end_seq_num                   142 
_entity_src_gen.gene_src_common_name               ? 
_entity_src_gen.gene_src_genus                     ? 
_entity_src_gen.pdbx_gene_src_gene                 'rnhA, BH0863' 
_entity_src_gen.gene_src_species                   ? 
_entity_src_gen.gene_src_strain                    'ATCC BAA-125 / DSM 18197 / FERM 7344 / JCM 9153 / C-125' 
_entity_src_gen.gene_src_tissue                    ? 
_entity_src_gen.gene_src_tissue_fraction           ? 
_entity_src_gen.gene_src_details                   ? 
_entity_src_gen.pdbx_gene_src_fragment             ? 
_entity_src_gen.pdbx_gene_src_scientific_name      'Bacillus halodurans' 
_entity_src_gen.pdbx_gene_src_ncbi_taxonomy_id     272558 
_entity_src_gen.pdbx_gene_src_variant              ? 
_entity_src_gen.pdbx_gene_src_cell_line            ? 
_entity_src_gen.pdbx_gene_src_atcc                 ? 
_entity_src_gen.pdbx_gene_src_organ                ? 
_entity_src_gen.pdbx_gene_src_organelle            ? 
_entity_src_gen.pdbx_gene_src_cell                 ? 
_entity_src_gen.pdbx_gene_src_cellular_location    ? 
_entity_src_gen.host_org_common_name               ? 
_entity_src_gen.pdbx_host_org_scientific_name      'Escherichia coli K-12' 
_entity_src_gen.pdbx_host_org_ncbi_taxonomy_id     83333 
_entity_src_gen.host_org_genus                     ? 
_entity_src_gen.pdbx_host_org_gene                 ? 
_entity_src_gen.pdbx_host_org_organ                ? 
_entity_src_gen.host_org_species                   ? 
_entity_src_gen.pdbx_host_org_tissue               ? 
_entity_src_gen.pdbx_host_org_tissue_fraction      ? 
_entity_src_gen.pdbx_host_org_strain               ? 
_entity_src_gen.pdbx_host_org_variant              ? 
_entity_src_gen.pdbx_host_org_cell_line            ? 
_entity_src_gen.pdbx_host_org_atcc                 ? 
_entity_src_gen.pdbx_host_org_culture_collection   ? 
_entity_src_gen.pdbx_host_org_cell                 ? 
_entity_src_gen.pdbx_host_org_organelle            ? 
_entity_src_gen.pdbx_host_org_cellular_location    ? 
_entity_src_gen.pdbx_host_org_vector_type          ? 
_entity_src_gen.pdbx_host_org_vector               ? 
_entity_src_gen.host_org_details                   ? 
_entity_src_gen.expression_system_id               ? 
_entity_src_gen.plasmid_name                       ? 
_entity_src_gen.plasmid_details                    ? 
_entity_src_gen.pdbx_description                   ? 
# 
loop_
_pdbx_entity_src_syn.entity_id 
_pdbx_entity_src_syn.pdbx_src_id 
_pdbx_entity_src_syn.pdbx_alt_source_flag 
_pdbx_entity_src_syn.pdbx_beg_seq_num 
_pdbx_entity_src_syn.pdbx_end_seq_num 
_pdbx_entity_src_syn.organism_scientific 
_pdbx_entity_src_syn.organism_common_name 
_pdbx_entity_src_syn.ncbi_taxonomy_id 
_pdbx_entity_src_syn.details 
1 1 sample 1 6 'synthetic construct' ? 32630 ? 
2 1 sample 1 6 'synthetic construct' ? 32630 ? 
# 
loop_
_struct_ref.id 
_struct_ref.db_name 
_struct_ref.db_code 
_struct_ref.pdbx_db_accession 
_struct_ref.pdbx_db_isoform 
_struct_ref.entity_id 
_struct_ref.pdbx_seq_one_letter_code 
_struct_ref.pdbx_align_begin 
1 PDB 5USE       5USE   ? 1 ? 1  
2 PDB 5USE       5USE   ? 2 ? 1  
3 UNP RNH1_BACHD Q9KEI9 ? 3 
;AKEEIIWESLSVDVGSQGNPGIVEYKGVDTKTGEVLFEREPIPIGTNNMGEFLAIVHGLRYLKERNSRKPIYSDSQTAIK
WVKDKKAKSTLVRNEETALIWKLVDEAEEWLNTHTYETPILKWQTDKWGEIKADYGRK
;
59 
# 
loop_
_struct_ref_seq.align_id 
_struct_ref_seq.ref_id 
_struct_ref_seq.pdbx_PDB_id_code 
_struct_ref_seq.pdbx_strand_id 
_struct_ref_seq.seq_align_beg 
_struct_ref_seq.pdbx_seq_align_beg_ins_code 
_struct_ref_seq.seq_align_end 
_struct_ref_seq.pdbx_seq_align_end_ins_code 
_struct_ref_seq.pdbx_db_accession 
_struct_ref_seq.db_align_beg 
_struct_ref_seq.pdbx_db_align_beg_ins_code 
_struct_ref_seq.db_align_end 
_struct_ref_seq.pdbx_db_align_end_ins_code 
_struct_ref_seq.pdbx_auth_seq_align_beg 
_struct_ref_seq.pdbx_auth_seq_align_end 
1 1 5USE B 1 ? 6   ? 5USE   1  ? 6   ? 1  6   
2 2 5USE C 1 ? 6   ? 5USE   1  ? 6   ? 1  6   
3 3 5USE A 5 ? 142 ? Q9KEI9 59 ? 196 ? 59 196 
# 
loop_
_struct_ref_seq_dif.align_id 
_struct_ref_seq_dif.pdbx_pdb_id_code 
_struct_ref_seq_dif.mon_id 
_struct_ref_seq_dif.pdbx_pdb_strand_id 
_struct_ref_seq_dif.seq_num 
_struct_ref_seq_dif.pdbx_pdb_ins_code 
_struct_ref_seq_dif.pdbx_seq_db_name 
_struct_ref_seq_dif.pdbx_seq_db_accession_code 
_struct_ref_seq_dif.db_mon_id 
_struct_ref_seq_dif.pdbx_seq_db_seq_num 
_struct_ref_seq_dif.details 
_struct_ref_seq_dif.pdbx_auth_seq_num 
_struct_ref_seq_dif.pdbx_ordinal 
3 5USE GLY A 1  ? UNP Q9KEI9 ?   ?   'expression tag'      55  1 
3 5USE SER A 2  ? UNP Q9KEI9 ?   ?   'expression tag'      56  2 
3 5USE HIS A 3  ? UNP Q9KEI9 ?   ?   'expression tag'      57  3 
3 5USE MET A 4  ? UNP Q9KEI9 ?   ?   'expression tag'      58  4 
3 5USE ASN A 78 ? UNP Q9KEI9 ASP 132 'engineered mutation' 132 5 
# 
loop_
_chem_comp.id 
_chem_comp.type 
_chem_comp.mon_nstd_flag 
_chem_comp.name 
_chem_comp.pdbx_synonyms 
_chem_comp.formula 
_chem_comp.formula_weight 
A   'RNA linking'       y "ADENOSINE-5'-MONOPHOSPHATE"                     ? 'C10 H14 N5 O7 P'    347.221 
ALA 'L-peptide linking' y ALANINE                                          ? 'C3 H7 N O2'         89.093  
ARG 'L-peptide linking' y ARGININE                                         ? 'C6 H15 N4 O2 1'     175.209 
ASN 'L-peptide linking' y ASPARAGINE                                       ? 'C4 H8 N2 O3'        132.118 
ASP 'L-peptide linking' y 'ASPARTIC ACID'                                  ? 'C4 H7 N O4'         133.103 
C   'RNA linking'       y "CYTIDINE-5'-MONOPHOSPHATE"                      ? 'C9 H14 N3 O8 P'     323.197 
DA  'DNA linking'       y "2'-DEOXYADENOSINE-5'-MONOPHOSPHATE"             ? 'C10 H14 N5 O6 P'    331.222 
DC  'DNA linking'       y "2'-DEOXYCYTIDINE-5'-MONOPHOSPHATE"              ? 'C9 H14 N3 O7 P'     307.197 
DG  'DNA linking'       y "2'-DEOXYGUANOSINE-5'-MONOPHOSPHATE"             ? 'C10 H14 N5 O7 P'    347.221 
DT  'DNA linking'       y "THYMIDINE-5'-MONOPHOSPHATE"                     ? 'C10 H15 N2 O8 P'    322.208 
G   'RNA linking'       y "GUANOSINE-5'-MONOPHOSPHATE"                     ? 'C10 H14 N5 O8 P'    363.221 
GLN 'L-peptide linking' y GLUTAMINE                                        ? 'C5 H10 N2 O3'       146.144 
GLU 'L-peptide linking' y 'GLUTAMIC ACID'                                  ? 'C5 H9 N O4'         147.129 
GLY 'peptide linking'   y GLYCINE                                          ? 'C2 H5 N O2'         75.067  
HIS 'L-peptide linking' y HISTIDINE                                        ? 'C6 H10 N3 O2 1'     156.162 
HOH non-polymer         . WATER                                            ? 'H2 O'               18.015  
ILE 'L-peptide linking' y ISOLEUCINE                                       ? 'C6 H13 N O2'        131.173 
LEU 'L-peptide linking' y LEUCINE                                          ? 'C6 H13 N O2'        131.173 
LYS 'L-peptide linking' y LYSINE                                           ? 'C6 H15 N2 O2 1'     147.195 
MET 'L-peptide linking' y METHIONINE                                       ? 'C5 H11 N O2 S'      149.211 
MG  non-polymer         . 'MAGNESIUM ION'                                  ? 'Mg 2'               24.305  
PHE 'L-peptide linking' y PHENYLALANINE                                    ? 'C9 H11 N O2'        165.189 
PRO 'L-peptide linking' y PROLINE                                          ? 'C5 H9 N O2'         115.130 
SER 'L-peptide linking' y SERINE                                           ? 'C3 H7 N O3'         105.093 
T5S 'DNA linking'       n 
;2'-deoxy-5-(methylselanyl)uridine 5'-phosphate
;
? 'C10 H15 N2 O8 P Se' 401.168 
THR 'L-peptide linking' y THREONINE                                        ? 'C4 H9 N O3'         119.119 
TRP 'L-peptide linking' y TRYPTOPHAN                                       ? 'C11 H12 N2 O2'      204.225 
TYR 'L-peptide linking' y TYROSINE                                         ? 'C9 H11 N O3'        181.189 
U   'RNA linking'       y "URIDINE-5'-MONOPHOSPHATE"                       ? 'C9 H13 N2 O9 P'     324.181 
VAL 'L-peptide linking' y VALINE                                           ? 'C5 H11 N O2'        117.146 
# 
_exptl.absorpt_coefficient_mu     ? 
_exptl.absorpt_correction_T_max   ? 
_exptl.absorpt_correction_T_min   ? 
_exptl.absorpt_correction_type    ? 
_exptl.absorpt_process_details    ? 
_exptl.entry_id                   5USE 
_exptl.crystals_number            1 
_exptl.details                    ? 
_exptl.method                     'X-RAY DIFFRACTION' 
_exptl.method_details             ? 
# 
_exptl_crystal.colour                      ? 
_exptl_crystal.density_diffrn              ? 
_exptl_crystal.density_Matthews            2.35 
_exptl_crystal.density_method              ? 
_exptl_crystal.density_percent_sol         47.72 
_exptl_crystal.description                 ? 
_exptl_crystal.F_000                       ? 
_exptl_crystal.id                          1 
_exptl_crystal.preparation                 ? 
_exptl_crystal.size_max                    ? 
_exptl_crystal.size_mid                    ? 
_exptl_crystal.size_min                    ? 
_exptl_crystal.size_rad                    ? 
_exptl_crystal.colour_lustre               ? 
_exptl_crystal.colour_modifier             ? 
_exptl_crystal.colour_primary              ? 
_exptl_crystal.density_meas                ? 
_exptl_crystal.density_meas_esd            ? 
_exptl_crystal.density_meas_gt             ? 
_exptl_crystal.density_meas_lt             ? 
_exptl_crystal.density_meas_temp           ? 
_exptl_crystal.density_meas_temp_esd       ? 
_exptl_crystal.density_meas_temp_gt        ? 
_exptl_crystal.density_meas_temp_lt        ? 
_exptl_crystal.pdbx_crystal_image_url      ? 
_exptl_crystal.pdbx_crystal_image_format   ? 
_exptl_crystal.pdbx_mosaicity              ? 
_exptl_crystal.pdbx_mosaicity_esd          ? 
# 
_exptl_crystal_grow.apparatus       ? 
_exptl_crystal_grow.atmosphere      ? 
_exptl_crystal_grow.crystal_id      1 
_exptl_crystal_grow.details         ? 
_exptl_crystal_grow.method          'VAPOR DIFFUSION, HANGING DROP' 
_exptl_crystal_grow.method_ref      ? 
_exptl_crystal_grow.pH              6.5 
_exptl_crystal_grow.pressure        ? 
_exptl_crystal_grow.pressure_esd    ? 
_exptl_crystal_grow.seeding         ? 
_exptl_crystal_grow.seeding_ref     ? 
_exptl_crystal_grow.temp            293 
_exptl_crystal_grow.temp_details    ? 
_exptl_crystal_grow.temp_esd        ? 
_exptl_crystal_grow.time            ? 
_exptl_crystal_grow.pdbx_details    '0.1M MES pH 6.5, 12%(w/v) PEG 20000' 
_exptl_crystal_grow.pdbx_pH_range   ? 
# 
_diffrn.ambient_environment    ? 
_diffrn.ambient_temp           100 
_diffrn.ambient_temp_details   ? 
_diffrn.ambient_temp_esd       ? 
_diffrn.crystal_id             1 
_diffrn.crystal_support        ? 
_diffrn.crystal_treatment      ? 
_diffrn.details                ? 
_diffrn.id                     1 
_diffrn.ambient_pressure       ? 
_diffrn.ambient_pressure_esd   ? 
_diffrn.ambient_pressure_gt    ? 
_diffrn.ambient_pressure_lt    ? 
_diffrn.ambient_temp_gt        ? 
_diffrn.ambient_temp_lt        ? 
# 
_diffrn_detector.details                      ? 
_diffrn_detector.detector                     CCD 
_diffrn_detector.diffrn_id                    1 
_diffrn_detector.type                         'ADSC QUANTUM 315r' 
_diffrn_detector.area_resol_mean              ? 
_diffrn_detector.dtime                        ? 
_diffrn_detector.pdbx_frames_total            ? 
_diffrn_detector.pdbx_collection_time_total   ? 
_diffrn_detector.pdbx_collection_date         2016-10-17 
# 
_diffrn_radiation.collimation                      ? 
_diffrn_radiation.diffrn_id                        1 
_diffrn_radiation.filter_edge                      ? 
_diffrn_radiation.inhomogeneity                    ? 
_diffrn_radiation.monochromator                    ? 
_diffrn_radiation.polarisn_norm                    ? 
_diffrn_radiation.polarisn_ratio                   ? 
_diffrn_radiation.probe                            ? 
_diffrn_radiation.type                             ? 
_diffrn_radiation.xray_symbol                      ? 
_diffrn_radiation.wavelength_id                    1 
_diffrn_radiation.pdbx_monochromatic_or_laue_m_l   M 
_diffrn_radiation.pdbx_wavelength_list             ? 
_diffrn_radiation.pdbx_wavelength                  ? 
_diffrn_radiation.pdbx_diffrn_protocol             'SINGLE WAVELENGTH' 
_diffrn_radiation.pdbx_analyzer                    ? 
_diffrn_radiation.pdbx_scattering_type             x-ray 
# 
_diffrn_radiation_wavelength.id           1 
_diffrn_radiation_wavelength.wavelength   1 
_diffrn_radiation_wavelength.wt           1.0 
# 
_diffrn_source.current                     ? 
_diffrn_source.details                     ? 
_diffrn_source.diffrn_id                   1 
_diffrn_source.power                       ? 
_diffrn_source.size                        ? 
_diffrn_source.source                      SYNCHROTRON 
_diffrn_source.target                      ? 
_diffrn_source.type                        'ALS BEAMLINE 8.2.1' 
_diffrn_source.voltage                     ? 
_diffrn_source.take-off_angle              ? 
_diffrn_source.pdbx_wavelength_list        1 
_diffrn_source.pdbx_wavelength             ? 
_diffrn_source.pdbx_synchrotron_beamline   8.2.1 
_diffrn_source.pdbx_synchrotron_site       ALS 
# 
_reflns.B_iso_Wilson_estimate            ? 
_reflns.entry_id                         5USE 
_reflns.data_reduction_details           ? 
_reflns.data_reduction_method            ? 
_reflns.d_resolution_high                1.73 
_reflns.d_resolution_low                 50 
_reflns.details                          ? 
_reflns.limit_h_max                      ? 
_reflns.limit_h_min                      ? 
_reflns.limit_k_max                      ? 
_reflns.limit_k_min                      ? 
_reflns.limit_l_max                      ? 
_reflns.limit_l_min                      ? 
_reflns.number_all                       ? 
_reflns.number_obs                       19601 
_reflns.observed_criterion               ? 
_reflns.observed_criterion_F_max         ? 
_reflns.observed_criterion_F_min         ? 
_reflns.observed_criterion_I_max         ? 
_reflns.observed_criterion_I_min         ? 
_reflns.observed_criterion_sigma_F       ? 
_reflns.observed_criterion_sigma_I       ? 
_reflns.percent_possible_obs             99.8 
_reflns.R_free_details                   ? 
_reflns.Rmerge_F_all                     ? 
_reflns.Rmerge_F_obs                     ? 
_reflns.Friedel_coverage                 ? 
_reflns.number_gt                        ? 
_reflns.threshold_expression             ? 
_reflns.pdbx_redundancy                  6.0 
_reflns.pdbx_Rmerge_I_obs                ? 
_reflns.pdbx_Rmerge_I_all                ? 
_reflns.pdbx_Rsym_value                  ? 
_reflns.pdbx_netI_over_av_sigmaI         ? 
_reflns.pdbx_netI_over_sigmaI            53.7 
_reflns.pdbx_res_netI_over_av_sigmaI_2   ? 
_reflns.pdbx_res_netI_over_sigmaI_2      ? 
_reflns.pdbx_chi_squared                 ? 
_reflns.pdbx_scaling_rejects             ? 
_reflns.pdbx_d_res_high_opt              ? 
_reflns.pdbx_d_res_low_opt               ? 
_reflns.pdbx_d_res_opt_method            ? 
_reflns.phase_calculation_details        ? 
_reflns.pdbx_Rrim_I_all                  ? 
_reflns.pdbx_Rpim_I_all                  0.039 
_reflns.pdbx_d_opt                       ? 
_reflns.pdbx_number_measured_all         ? 
_reflns.pdbx_diffrn_id                   1 
_reflns.pdbx_ordinal                     1 
_reflns.pdbx_CC_half                     ? 
_reflns.pdbx_R_split                     ? 
# 
_reflns_shell.d_res_high                  . 
_reflns_shell.d_res_low                   ? 
_reflns_shell.meanI_over_sigI_all         ? 
_reflns_shell.meanI_over_sigI_obs         ? 
_reflns_shell.number_measured_all         ? 
_reflns_shell.number_measured_obs         ? 
_reflns_shell.number_possible             ? 
_reflns_shell.number_unique_all           ? 
_reflns_shell.number_unique_obs           ? 
_reflns_shell.percent_possible_all        ? 
_reflns_shell.percent_possible_obs        ? 
_reflns_shell.Rmerge_F_all                ? 
_reflns_shell.Rmerge_F_obs                ? 
_reflns_shell.Rmerge_I_all                ? 
_reflns_shell.Rmerge_I_obs                ? 
_reflns_shell.meanI_over_sigI_gt          ? 
_reflns_shell.meanI_over_uI_all           ? 
_reflns_shell.meanI_over_uI_gt            ? 
_reflns_shell.number_measured_gt          ? 
_reflns_shell.number_unique_gt            ? 
_reflns_shell.percent_possible_gt         ? 
_reflns_shell.Rmerge_F_gt                 ? 
_reflns_shell.Rmerge_I_gt                 ? 
_reflns_shell.pdbx_redundancy             ? 
_reflns_shell.pdbx_Rsym_value             ? 
_reflns_shell.pdbx_chi_squared            ? 
_reflns_shell.pdbx_netI_over_sigmaI_all   ? 
_reflns_shell.pdbx_netI_over_sigmaI_obs   ? 
_reflns_shell.pdbx_Rrim_I_all             ? 
_reflns_shell.pdbx_Rpim_I_all             ? 
_reflns_shell.pdbx_rejects                ? 
_reflns_shell.pdbx_ordinal                1 
_reflns_shell.pdbx_diffrn_id              1 
_reflns_shell.pdbx_CC_half                ? 
_reflns_shell.pdbx_R_split                ? 
# 
_refine.aniso_B[1][1]                            0.00 
_refine.aniso_B[1][2]                            -0.00 
_refine.aniso_B[1][3]                            0.00 
_refine.aniso_B[2][2]                            -0.01 
_refine.aniso_B[2][3]                            0.00 
_refine.aniso_B[3][3]                            0.00 
_refine.B_iso_max                                ? 
_refine.B_iso_mean                               27.801 
_refine.B_iso_min                                ? 
_refine.correlation_coeff_Fo_to_Fc               0.960 
_refine.correlation_coeff_Fo_to_Fc_free          0.943 
_refine.details                                  'HYDROGENS HAVE BEEN ADDED IN THE RIDING POSITIONS' 
_refine.diff_density_max                         ? 
_refine.diff_density_max_esd                     ? 
_refine.diff_density_min                         ? 
_refine.diff_density_min_esd                     ? 
_refine.diff_density_rms                         ? 
_refine.diff_density_rms_esd                     ? 
_refine.entry_id                                 5USE 
_refine.pdbx_refine_id                           'X-RAY DIFFRACTION' 
_refine.ls_abs_structure_details                 ? 
_refine.ls_abs_structure_Flack                   ? 
_refine.ls_abs_structure_Flack_esd               ? 
_refine.ls_abs_structure_Rogers                  ? 
_refine.ls_abs_structure_Rogers_esd              ? 
_refine.ls_d_res_high                            1.73 
_refine.ls_d_res_low                             30.949 
_refine.ls_extinction_coef                       ? 
_refine.ls_extinction_coef_esd                   ? 
_refine.ls_extinction_expression                 ? 
_refine.ls_extinction_method                     ? 
_refine.ls_goodness_of_fit_all                   ? 
_refine.ls_goodness_of_fit_all_esd               ? 
_refine.ls_goodness_of_fit_obs                   ? 
_refine.ls_goodness_of_fit_obs_esd               ? 
_refine.ls_hydrogen_treatment                    ? 
_refine.ls_matrix_type                           ? 
_refine.ls_number_constraints                    ? 
_refine.ls_number_parameters                     ? 
_refine.ls_number_reflns_all                     ? 
_refine.ls_number_reflns_obs                     18567 
_refine.ls_number_reflns_R_free                  1034 
_refine.ls_number_reflns_R_work                  ? 
_refine.ls_number_restraints                     ? 
_refine.ls_percent_reflns_obs                    99.69 
_refine.ls_percent_reflns_R_free                 5.3 
_refine.ls_R_factor_all                          ? 
_refine.ls_R_factor_obs                          0.19419 
_refine.ls_R_factor_R_free                       0.23398 
_refine.ls_R_factor_R_free_error                 ? 
_refine.ls_R_factor_R_free_error_details         ? 
_refine.ls_R_factor_R_work                       0.19196 
_refine.ls_R_Fsqd_factor_obs                     ? 
_refine.ls_R_I_factor_obs                        ? 
_refine.ls_redundancy_reflns_all                 ? 
_refine.ls_redundancy_reflns_obs                 ? 
_refine.ls_restrained_S_all                      ? 
_refine.ls_restrained_S_obs                      ? 
_refine.ls_shift_over_esd_max                    ? 
_refine.ls_shift_over_esd_mean                   ? 
_refine.ls_structure_factor_coef                 ? 
_refine.ls_weighting_details                     ? 
_refine.ls_weighting_scheme                      ? 
_refine.ls_wR_factor_all                         ? 
_refine.ls_wR_factor_obs                         ? 
_refine.ls_wR_factor_R_free                      ? 
_refine.ls_wR_factor_R_work                      ? 
_refine.occupancy_max                            ? 
_refine.occupancy_min                            ? 
_refine.solvent_model_details                    MASK 
_refine.solvent_model_param_bsol                 ? 
_refine.solvent_model_param_ksol                 ? 
_refine.ls_R_factor_gt                           ? 
_refine.ls_goodness_of_fit_gt                    ? 
_refine.ls_goodness_of_fit_ref                   ? 
_refine.ls_shift_over_su_max                     ? 
_refine.ls_shift_over_su_max_lt                  ? 
_refine.ls_shift_over_su_mean                    ? 
_refine.ls_shift_over_su_mean_lt                 ? 
_refine.pdbx_ls_sigma_I                          ? 
_refine.pdbx_ls_sigma_F                          ? 
_refine.pdbx_ls_sigma_Fsqd                       ? 
_refine.pdbx_data_cutoff_high_absF               ? 
_refine.pdbx_data_cutoff_high_rms_absF           ? 
_refine.pdbx_data_cutoff_low_absF                ? 
_refine.pdbx_isotropic_thermal_model             ? 
_refine.pdbx_ls_cross_valid_method               THROUGHOUT 
_refine.pdbx_method_to_determine_struct          'MOLECULAR REPLACEMENT' 
_refine.pdbx_starting_model                      2g8u 
_refine.pdbx_stereochemistry_target_values       'MAXIMUM LIKELIHOOD' 
_refine.pdbx_R_Free_selection_details            RANDOM 
_refine.pdbx_stereochem_target_val_spec_case     ? 
_refine.pdbx_overall_ESU_R                       0.109 
_refine.pdbx_overall_ESU_R_Free                  0.112 
_refine.pdbx_solvent_vdw_probe_radii             1.20 
_refine.pdbx_solvent_ion_probe_radii             0.80 
_refine.pdbx_solvent_shrinkage_radii             0.80 
_refine.pdbx_real_space_R                        ? 
_refine.pdbx_density_correlation                 ? 
_refine.pdbx_pd_number_of_powder_patterns        ? 
_refine.pdbx_pd_number_of_points                 ? 
_refine.pdbx_pd_meas_number_of_points            ? 
_refine.pdbx_pd_proc_ls_prof_R_factor            ? 
_refine.pdbx_pd_proc_ls_prof_wR_factor           ? 
_refine.pdbx_pd_Marquardt_correlation_coeff      ? 
_refine.pdbx_pd_Fsqrd_R_factor                   ? 
_refine.pdbx_pd_ls_matrix_band_width             ? 
_refine.pdbx_overall_phase_error                 ? 
_refine.pdbx_overall_SU_R_free_Cruickshank_DPI   ? 
_refine.pdbx_overall_SU_R_free_Blow_DPI          ? 
_refine.pdbx_overall_SU_R_Blow_DPI               ? 
_refine.pdbx_TLS_residual_ADP_flag               ? 
_refine.pdbx_diffrn_id                           1 
_refine.overall_SU_B                             2.224 
_refine.overall_SU_ML                            0.073 
_refine.overall_SU_R_Cruickshank_DPI             ? 
_refine.overall_SU_R_free                        ? 
_refine.overall_FOM_free_R_set                   ? 
_refine.overall_FOM_work_R_set                   ? 
_refine.pdbx_average_fsc_overall                 ? 
_refine.pdbx_average_fsc_work                    ? 
_refine.pdbx_average_fsc_free                    ? 
# 
_refine_hist.pdbx_refine_id                   'X-RAY DIFFRACTION' 
_refine_hist.cycle_id                         1 
_refine_hist.pdbx_number_atoms_protein        1076 
_refine_hist.pdbx_number_atoms_nucleic_acid   246 
_refine_hist.pdbx_number_atoms_ligand         2 
_refine_hist.number_atoms_solvent             32 
_refine_hist.number_atoms_total               1356 
_refine_hist.d_res_high                       1.73 
_refine_hist.d_res_low                        30.949 
# 
loop_
_refine_ls_restr.pdbx_refine_id 
_refine_ls_restr.criterion 
_refine_ls_restr.dev_ideal 
_refine_ls_restr.dev_ideal_target 
_refine_ls_restr.number 
_refine_ls_restr.rejects 
_refine_ls_restr.type 
_refine_ls_restr.weight 
_refine_ls_restr.pdbx_restraint_function 
'X-RAY DIFFRACTION' ? 0.021  0.018  1373 ? r_bond_refined_d             ? ? 
'X-RAY DIFFRACTION' ? 0.015  0.020  1181 ? r_bond_other_d               ? ? 
'X-RAY DIFFRACTION' ? 2.039  1.813  1905 ? r_angle_refined_deg          ? ? 
'X-RAY DIFFRACTION' ? 1.245  3.005  2740 ? r_angle_other_deg            ? ? 
'X-RAY DIFFRACTION' ? 6.384  5.000  131  ? r_dihedral_angle_1_deg       ? ? 
'X-RAY DIFFRACTION' ? 34.082 25.098 51   ? r_dihedral_angle_2_deg       ? ? 
'X-RAY DIFFRACTION' ? 14.099 15.000 202  ? r_dihedral_angle_3_deg       ? ? 
'X-RAY DIFFRACTION' ? 18.317 15.000 5    ? r_dihedral_angle_4_deg       ? ? 
'X-RAY DIFFRACTION' ? 0.132  0.200  205  ? r_chiral_restr               ? ? 
'X-RAY DIFFRACTION' ? 0.012  0.020  1354 ? r_gen_planes_refined         ? ? 
'X-RAY DIFFRACTION' ? 0.002  0.020  299  ? r_gen_planes_other           ? ? 
'X-RAY DIFFRACTION' ? ?      ?      ?    ? r_nbd_refined                ? ? 
'X-RAY DIFFRACTION' ? ?      ?      ?    ? r_nbd_other                  ? ? 
'X-RAY DIFFRACTION' ? ?      ?      ?    ? r_nbtor_refined              ? ? 
'X-RAY DIFFRACTION' ? ?      ?      ?    ? r_nbtor_other                ? ? 
'X-RAY DIFFRACTION' ? ?      ?      ?    ? r_xyhbond_nbd_refined        ? ? 
'X-RAY DIFFRACTION' ? ?      ?      ?    ? r_xyhbond_nbd_other          ? ? 
'X-RAY DIFFRACTION' ? ?      ?      ?    ? r_metal_ion_refined          ? ? 
'X-RAY DIFFRACTION' ? ?      ?      ?    ? r_metal_ion_other            ? ? 
'X-RAY DIFFRACTION' ? ?      ?      ?    ? r_symmetry_vdw_refined       ? ? 
'X-RAY DIFFRACTION' ? ?      ?      ?    ? r_symmetry_vdw_other         ? ? 
'X-RAY DIFFRACTION' ? ?      ?      ?    ? r_symmetry_hbond_refined     ? ? 
'X-RAY DIFFRACTION' ? ?      ?      ?    ? r_symmetry_hbond_other       ? ? 
'X-RAY DIFFRACTION' ? ?      ?      ?    ? r_symmetry_metal_ion_refined ? ? 
'X-RAY DIFFRACTION' ? ?      ?      ?    ? r_symmetry_metal_ion_other   ? ? 
'X-RAY DIFFRACTION' ? 2.614  2.481  527  ? r_mcbond_it                  ? ? 
'X-RAY DIFFRACTION' ? 2.584  2.477  526  ? r_mcbond_other               ? ? 
'X-RAY DIFFRACTION' ? 3.492  3.701  657  ? r_mcangle_it                 ? ? 
'X-RAY DIFFRACTION' ? 3.493  3.705  658  ? r_mcangle_other              ? ? 
'X-RAY DIFFRACTION' ? 3.679  2.906  846  ? r_scbond_it                  ? ? 
'X-RAY DIFFRACTION' ? 3.677  2.907  847  ? r_scbond_other               ? ? 
'X-RAY DIFFRACTION' ? ?      ?      ?    ? r_scangle_it                 ? ? 
'X-RAY DIFFRACTION' ? 5.290  4.235  1249 ? r_scangle_other              ? ? 
'X-RAY DIFFRACTION' ? 6.406  22.354 1673 ? r_long_range_B_refined       ? ? 
'X-RAY DIFFRACTION' ? 6.409  22.295 1663 ? r_long_range_B_other         ? ? 
'X-RAY DIFFRACTION' ? ?      ?      ?    ? r_rigid_bond_restr           ? ? 
'X-RAY DIFFRACTION' ? ?      ?      ?    ? r_sphericity_free            ? ? 
'X-RAY DIFFRACTION' ? ?      ?      ?    ? r_sphericity_bonded          ? ? 
# 
_refine_ls_shell.pdbx_refine_id                   'X-RAY DIFFRACTION' 
_refine_ls_shell.d_res_high                       1.730 
_refine_ls_shell.d_res_low                        1.775 
_refine_ls_shell.number_reflns_all                ? 
_refine_ls_shell.number_reflns_obs                ? 
_refine_ls_shell.number_reflns_R_free             79 
_refine_ls_shell.number_reflns_R_work             1344 
_refine_ls_shell.percent_reflns_obs               98.00 
_refine_ls_shell.percent_reflns_R_free            ? 
_refine_ls_shell.R_factor_all                     ? 
_refine_ls_shell.R_factor_obs                     ? 
_refine_ls_shell.R_factor_R_free                  0.290 
_refine_ls_shell.R_factor_R_free_error            ? 
_refine_ls_shell.R_factor_R_work                  0.218 
_refine_ls_shell.redundancy_reflns_all            ? 
_refine_ls_shell.redundancy_reflns_obs            ? 
_refine_ls_shell.wR_factor_all                    ? 
_refine_ls_shell.wR_factor_obs                    ? 
_refine_ls_shell.wR_factor_R_free                 ? 
_refine_ls_shell.wR_factor_R_work                 ? 
_refine_ls_shell.pdbx_total_number_of_bins_used   20 
_refine_ls_shell.pdbx_phase_error                 ? 
_refine_ls_shell.pdbx_fsc_work                    ? 
_refine_ls_shell.pdbx_fsc_free                    ? 
# 
_struct.entry_id                     5USE 
_struct.title                        '5-Se-T4-DNA and native RNA hybrid in complex with RNase H catalytic domain D132N mutant' 
_struct.pdbx_model_details           ? 
_struct.pdbx_formula_weight          ? 
_struct.pdbx_formula_weight_method   ? 
_struct.pdbx_model_type_details      ? 
_struct.pdbx_CASP_flag               N 
# 
_struct_keywords.entry_id        5USE 
_struct_keywords.text            'HYDROLASE - RNA - DNA complex' 
_struct_keywords.pdbx_keywords   'HYDROLASE / RNA / DNA' 
# 
loop_
_struct_asym.id 
_struct_asym.pdbx_blank_PDB_chainid_flag 
_struct_asym.pdbx_modified 
_struct_asym.entity_id 
_struct_asym.details 
A N N 1 ? 
B N N 2 ? 
C N N 3 ? 
D N N 4 ? 
E N N 4 ? 
F N N 5 ? 
G N N 5 ? 
H N N 5 ? 
# 
loop_
_struct_conf.conf_type_id 
_struct_conf.id 
_struct_conf.pdbx_PDB_helix_id 
_struct_conf.beg_label_comp_id 
_struct_conf.beg_label_asym_id 
_struct_conf.beg_label_seq_id 
_struct_conf.pdbx_beg_PDB_ins_code 
_struct_conf.end_label_comp_id 
_struct_conf.end_label_asym_id 
_struct_conf.end_label_seq_id 
_struct_conf.pdbx_end_PDB_ins_code 
_struct_conf.beg_auth_comp_id 
_struct_conf.beg_auth_asym_id 
_struct_conf.beg_auth_seq_id 
_struct_conf.end_auth_comp_id 
_struct_conf.end_auth_asym_id 
_struct_conf.end_auth_seq_id 
_struct_conf.pdbx_PDB_helix_class 
_struct_conf.details 
_struct_conf.pdbx_PDB_helix_length 
HELX_P HELX_P1 AA1 THR C 50  ? ARG C 69  ? THR A 104 ARG A 123 1 ? 20 
HELX_P HELX_P2 AA2 SER C 79  ? LYS C 89  ? SER A 133 LYS A 143 1 ? 11 
HELX_P HELX_P3 AA3 THR C 101 ? ASN C 116 ? THR A 155 ASN A 170 1 ? 16 
HELX_P HELX_P4 AA4 GLN C 128 ? GLY C 133 ? GLN A 182 GLY A 187 1 ? 6  
# 
_struct_conf_type.id          HELX_P 
_struct_conf_type.criteria    ? 
_struct_conf_type.reference   ? 
# 
loop_
_struct_conn.id 
_struct_conn.conn_type_id 
_struct_conn.pdbx_leaving_atom_flag 
_struct_conn.pdbx_PDB_id 
_struct_conn.ptnr1_label_asym_id 
_struct_conn.ptnr1_label_comp_id 
_struct_conn.ptnr1_label_seq_id 
_struct_conn.ptnr1_label_atom_id 
_struct_conn.pdbx_ptnr1_label_alt_id 
_struct_conn.pdbx_ptnr1_PDB_ins_code 
_struct_conn.pdbx_ptnr1_standard_comp_id 
_struct_conn.ptnr1_symmetry 
_struct_conn.ptnr2_label_asym_id 
_struct_conn.ptnr2_label_comp_id 
_struct_conn.ptnr2_label_seq_id 
_struct_conn.ptnr2_label_atom_id 
_struct_conn.pdbx_ptnr2_label_alt_id 
_struct_conn.pdbx_ptnr2_PDB_ins_code 
_struct_conn.ptnr1_auth_asym_id 
_struct_conn.ptnr1_auth_comp_id 
_struct_conn.ptnr1_auth_seq_id 
_struct_conn.ptnr2_auth_asym_id 
_struct_conn.ptnr2_auth_comp_id 
_struct_conn.ptnr2_auth_seq_id 
_struct_conn.ptnr2_symmetry 
_struct_conn.pdbx_ptnr3_label_atom_id 
_struct_conn.pdbx_ptnr3_label_seq_id 
_struct_conn.pdbx_ptnr3_label_comp_id 
_struct_conn.pdbx_ptnr3_label_asym_id 
_struct_conn.pdbx_ptnr3_label_alt_id 
_struct_conn.pdbx_ptnr3_PDB_ins_code 
_struct_conn.details 
_struct_conn.pdbx_dist_value 
_struct_conn.pdbx_value_order 
_struct_conn.pdbx_role 
covale1  covale both ? B DG  3   "O3'" ? ? ? 1_555 B T5S 4  P   ? ? C DG  3   C T5S 4   1_555 ? ? ? ? ? ? ?            1.726 ? ? 
covale2  covale both ? B T5S 4   "O3'" ? ? ? 1_555 B DC  5  P   ? ? C T5S 4   C DC  5   1_555 ? ? ? ? ? ? ?            1.626 ? ? 
metalc1  metalc ?    ? A A   6   "O3'" ? ? ? 1_555 D MG  .  MG  ? ? B A   6   B MG  101 1_555 ? ? ? ? ? ? ?            2.488 ? ? 
metalc2  metalc ?    ? D MG  .   MG    ? ? ? 1_555 F HOH .  O   ? ? B MG  101 B HOH 202 4_746 ? ? ? ? ? ? ?            2.944 ? ? 
metalc3  metalc ?    ? D MG  .   MG    ? ? ? 1_555 C ASP 17 OD1 ? ? B MG  101 A ASP 71  1_555 ? ? ? ? ? ? ?            2.147 ? ? 
metalc4  metalc ?    ? D MG  .   MG    ? ? ? 1_555 C GLU 55 OE2 ? ? B MG  101 A GLU 109 1_555 ? ? ? ? ? ? ?            2.279 ? ? 
metalc5  metalc ?    ? D MG  .   MG    ? ? ? 1_555 C ASN 78 OD1 ? ? B MG  101 A ASN 132 1_555 ? ? ? ? ? ? ?            2.168 ? ? 
metalc6  metalc ?    ? D MG  .   MG    ? ? ? 1_555 H HOH .  O   ? ? B MG  101 A HOH 304 1_555 ? ? ? ? ? ? ?            2.960 ? ? 
metalc7  metalc ?    ? F HOH .   O     ? ? ? 4_746 E MG  .  MG  ? ? B HOH 202 A MG  201 1_555 ? ? ? ? ? ? ?            2.083 ? ? 
metalc8  metalc ?    ? C ASP 17  OD2   ? ? ? 1_555 E MG  .  MG  ? ? A ASP 71  A MG  201 1_555 ? ? ? ? ? ? ?            2.144 ? ? 
metalc9  metalc ?    ? C ASP 138 OD1   ? ? ? 1_555 E MG  .  MG  ? ? A ASP 192 A MG  201 1_555 ? ? ? ? ? ? ?            2.125 ? ? 
metalc10 metalc ?    ? E MG  .   MG    ? ? ? 1_555 H HOH .  O   ? ? A MG  201 A HOH 304 1_555 ? ? ? ? ? ? ?            1.969 ? ? 
metalc11 metalc ?    ? E MG  .   MG    ? ? ? 1_555 H HOH .  O   ? ? A MG  201 A HOH 307 1_555 ? ? ? ? ? ? ?            2.068 ? ? 
hydrog1  hydrog ?    ? A C   2   N3    ? ? ? 1_555 B DG  6  N1  ? ? B C   2   C DG  6   1_555 ? ? ? ? ? ? WATSON-CRICK ?     ? ? 
hydrog2  hydrog ?    ? A C   2   N4    ? ? ? 1_555 B DG  6  O6  ? ? B C   2   C DG  6   1_555 ? ? ? ? ? ? WATSON-CRICK ?     ? ? 
hydrog3  hydrog ?    ? A C   2   O2    ? ? ? 1_555 B DG  6  N2  ? ? B C   2   C DG  6   1_555 ? ? ? ? ? ? WATSON-CRICK ?     ? ? 
hydrog4  hydrog ?    ? A G   3   N1    ? ? ? 1_555 B DC  5  N3  ? ? B G   3   C DC  5   1_555 ? ? ? ? ? ? WATSON-CRICK ?     ? ? 
hydrog5  hydrog ?    ? A G   3   N2    ? ? ? 1_555 B DC  5  O2  ? ? B G   3   C DC  5   1_555 ? ? ? ? ? ? WATSON-CRICK ?     ? ? 
hydrog6  hydrog ?    ? A G   3   O6    ? ? ? 1_555 B DC  5  N4  ? ? B G   3   C DC  5   1_555 ? ? ? ? ? ? WATSON-CRICK ?     ? ? 
hydrog7  hydrog ?    ? A A   4   N1    ? ? ? 1_555 B T5S 4  N3  ? ? B A   4   C T5S 4   1_555 ? ? ? ? ? ? WATSON-CRICK ?     ? ? 
hydrog8  hydrog ?    ? A A   4   N6    ? ? ? 1_555 B T5S 4  O4  ? ? B A   4   C T5S 4   1_555 ? ? ? ? ? ? WATSON-CRICK ?     ? ? 
hydrog9  hydrog ?    ? A C   5   N3    ? ? ? 1_555 B DG  3  N1  ? ? B C   5   C DG  3   1_555 ? ? ? ? ? ? WATSON-CRICK ?     ? ? 
hydrog10 hydrog ?    ? A C   5   N4    ? ? ? 1_555 B DG  3  O6  ? ? B C   5   C DG  3   1_555 ? ? ? ? ? ? WATSON-CRICK ?     ? ? 
hydrog11 hydrog ?    ? A C   5   O2    ? ? ? 1_555 B DG  3  N2  ? ? B C   5   C DG  3   1_555 ? ? ? ? ? ? WATSON-CRICK ?     ? ? 
hydrog12 hydrog ?    ? A A   6   N1    ? ? ? 1_555 B DT  2  N3  ? ? B A   6   C DT  2   1_555 ? ? ? ? ? ? WATSON-CRICK ?     ? ? 
hydrog13 hydrog ?    ? A A   6   N6    ? ? ? 1_555 B DT  2  O4  ? ? B A   6   C DT  2   1_555 ? ? ? ? ? ? WATSON-CRICK ?     ? ? 
# 
loop_
_struct_conn_type.id 
_struct_conn_type.criteria 
_struct_conn_type.reference 
covale ? ? 
metalc ? ? 
hydrog ? ? 
# 
_struct_mon_prot_cis.pdbx_id                1 
_struct_mon_prot_cis.label_comp_id          ASN 
_struct_mon_prot_cis.label_seq_id           23 
_struct_mon_prot_cis.label_asym_id          C 
_struct_mon_prot_cis.label_alt_id           . 
_struct_mon_prot_cis.pdbx_PDB_ins_code      ? 
_struct_mon_prot_cis.auth_comp_id           ASN 
_struct_mon_prot_cis.auth_seq_id            77 
_struct_mon_prot_cis.auth_asym_id           A 
_struct_mon_prot_cis.pdbx_label_comp_id_2   PRO 
_struct_mon_prot_cis.pdbx_label_seq_id_2    24 
_struct_mon_prot_cis.pdbx_label_asym_id_2   C 
_struct_mon_prot_cis.pdbx_PDB_ins_code_2    ? 
_struct_mon_prot_cis.pdbx_auth_comp_id_2    PRO 
_struct_mon_prot_cis.pdbx_auth_seq_id_2     78 
_struct_mon_prot_cis.pdbx_auth_asym_id_2    A 
_struct_mon_prot_cis.pdbx_PDB_model_num     1 
_struct_mon_prot_cis.pdbx_omega_angle       0.12 
# 
_struct_sheet.id               AA1 
_struct_sheet.type             ? 
_struct_sheet.number_strands   5 
_struct_sheet.details          ? 
# 
loop_
_struct_sheet_order.sheet_id 
_struct_sheet_order.range_id_1 
_struct_sheet_order.range_id_2 
_struct_sheet_order.offset 
_struct_sheet_order.sense 
AA1 1 2 ? anti-parallel 
AA1 2 3 ? anti-parallel 
AA1 3 4 ? parallel      
AA1 4 5 ? parallel      
# 
loop_
_struct_sheet_range.sheet_id 
_struct_sheet_range.id 
_struct_sheet_range.beg_label_comp_id 
_struct_sheet_range.beg_label_asym_id 
_struct_sheet_range.beg_label_seq_id 
_struct_sheet_range.pdbx_beg_PDB_ins_code 
_struct_sheet_range.end_label_comp_id 
_struct_sheet_range.end_label_asym_id 
_struct_sheet_range.end_label_seq_id 
_struct_sheet_range.pdbx_end_PDB_ins_code 
_struct_sheet_range.beg_auth_comp_id 
_struct_sheet_range.beg_auth_asym_id 
_struct_sheet_range.beg_auth_seq_id 
_struct_sheet_range.end_auth_comp_id 
_struct_sheet_range.end_auth_asym_id 
_struct_sheet_range.end_auth_seq_id 
AA1 1 VAL C 39  ? GLY C 49  ? VAL A 93  GLY A 103 
AA1 2 GLY C 25  ? ASP C 33  ? GLY A 79  ASP A 87  
AA1 3 LEU C 14  ? GLN C 21  ? LEU A 68  GLN A 75  
AA1 4 ILE C 75  ? SER C 77  ? ILE A 129 SER A 131 
AA1 5 ILE C 124 ? LYS C 126 ? ILE A 178 LYS A 180 
# 
loop_
_pdbx_struct_sheet_hbond.sheet_id 
_pdbx_struct_sheet_hbond.range_id_1 
_pdbx_struct_sheet_hbond.range_id_2 
_pdbx_struct_sheet_hbond.range_1_label_atom_id 
_pdbx_struct_sheet_hbond.range_1_label_comp_id 
_pdbx_struct_sheet_hbond.range_1_label_asym_id 
_pdbx_struct_sheet_hbond.range_1_label_seq_id 
_pdbx_struct_sheet_hbond.range_1_PDB_ins_code 
_pdbx_struct_sheet_hbond.range_1_auth_atom_id 
_pdbx_struct_sheet_hbond.range_1_auth_comp_id 
_pdbx_struct_sheet_hbond.range_1_auth_asym_id 
_pdbx_struct_sheet_hbond.range_1_auth_seq_id 
_pdbx_struct_sheet_hbond.range_2_label_atom_id 
_pdbx_struct_sheet_hbond.range_2_label_comp_id 
_pdbx_struct_sheet_hbond.range_2_label_asym_id 
_pdbx_struct_sheet_hbond.range_2_label_seq_id 
_pdbx_struct_sheet_hbond.range_2_PDB_ins_code 
_pdbx_struct_sheet_hbond.range_2_auth_atom_id 
_pdbx_struct_sheet_hbond.range_2_auth_comp_id 
_pdbx_struct_sheet_hbond.range_2_auth_asym_id 
_pdbx_struct_sheet_hbond.range_2_auth_seq_id 
AA1 1 2 O LEU C 40 ? O LEU A 94  N GLY C 31  ? N GLY A 85  
AA1 2 3 O GLU C 28 ? O GLU A 82  N GLY C 19  ? N GLY A 73  
AA1 3 4 N LEU C 14 ? N LEU A 68  O TYR C 76  ? O TYR A 130 
AA1 4 5 N ILE C 75 ? N ILE A 129 O LEU C 125 ? O LEU A 179 
# 
loop_
_struct_site.id 
_struct_site.pdbx_evidence_code 
_struct_site.pdbx_auth_asym_id 
_struct_site.pdbx_auth_comp_id 
_struct_site.pdbx_auth_seq_id 
_struct_site.pdbx_auth_ins_code 
_struct_site.pdbx_num_residues 
_struct_site.details 
AC1 Software B MG 101 ? 6 'binding site for residue MG B 101' 
AC2 Software A MG 201 ? 5 'binding site for residue MG A 201' 
# 
loop_
_struct_site_gen.id 
_struct_site_gen.site_id 
_struct_site_gen.pdbx_num_res 
_struct_site_gen.label_comp_id 
_struct_site_gen.label_asym_id 
_struct_site_gen.label_seq_id 
_struct_site_gen.pdbx_auth_ins_code 
_struct_site_gen.auth_comp_id 
_struct_site_gen.auth_asym_id 
_struct_site_gen.auth_seq_id 
_struct_site_gen.label_atom_id 
_struct_site_gen.label_alt_id 
_struct_site_gen.symmetry 
_struct_site_gen.details 
1  AC1 6 ASP C 17  ? ASP A 71  . ? 1_555 ? 
2  AC1 6 GLU C 55  ? GLU A 109 . ? 1_555 ? 
3  AC1 6 ASN C 78  ? ASN A 132 . ? 1_555 ? 
4  AC1 6 HOH H .   ? HOH A 304 . ? 1_555 ? 
5  AC1 6 A   A 6   ? A   B 6   . ? 1_555 ? 
6  AC1 6 HOH F .   ? HOH B 202 . ? 4_746 ? 
7  AC2 5 ASP C 17  ? ASP A 71  . ? 1_555 ? 
8  AC2 5 ASP C 138 ? ASP A 192 . ? 1_555 ? 
9  AC2 5 HOH H .   ? HOH A 304 . ? 1_555 ? 
10 AC2 5 HOH H .   ? HOH A 307 . ? 1_555 ? 
11 AC2 5 HOH F .   ? HOH B 202 . ? 4_746 ? 
# 
_atom_sites.entry_id                    5USE 
_atom_sites.fract_transf_matrix[1][1]   0.01187971 
_atom_sites.fract_transf_matrix[1][2]   0.00309110 
_atom_sites.fract_transf_matrix[1][3]   0.00196213 
_atom_sites.fract_transf_matrix[2][1]   -0.00569713 
_atom_sites.fract_transf_matrix[2][2]   0.00580277 
_atom_sites.fract_transf_matrix[2][3]   0.02535169 
_atom_sites.fract_transf_matrix[3][1]   0.00491113 
_atom_sites.fract_transf_matrix[3][2]   -0.01472672 
_atom_sites.fract_transf_matrix[3][3]   0.00447446 
_atom_sites.fract_transf_vector[1]      1.203109 
_atom_sites.fract_transf_vector[2]      -0.212571 
_atom_sites.fract_transf_vector[3]      0.174205 
# 
loop_
_atom_type.symbol 
C  
MG 
N  
O  
P  
S  
SE 
# 
loop_
_atom_site.group_PDB 
_atom_site.id 
_atom_site.type_symbol 
_atom_site.label_atom_id 
_atom_site.label_alt_id 
_atom_site.label_comp_id 
_atom_site.label_asym_id 
_atom_site.label_entity_id 
_atom_site.label_seq_id 
_atom_site.pdbx_PDB_ins_code 
_atom_site.Cartn_x 
_atom_site.Cartn_y 
_atom_site.Cartn_z 
_atom_site.occupancy 
_atom_site.B_iso_or_equiv 
_atom_site.pdbx_formal_charge 
_atom_site.auth_seq_id 
_atom_site.auth_comp_id 
_atom_site.auth_asym_id 
_atom_site.auth_atom_id 
_atom_site.pdbx_PDB_model_num 
ATOM   1    O  "O5'" . U   A 1 1   ? 8.224   -22.249 22.871  1.00 36.32 ? 1   U   B "O5'" 1 
ATOM   2    C  "C5'" . U   A 1 1   ? 7.693   -23.494 23.407  1.00 32.86 ? 1   U   B "C5'" 1 
ATOM   3    C  "C4'" . U   A 1 1   ? 6.190   -23.499 23.322  1.00 28.90 ? 1   U   B "C4'" 1 
ATOM   4    O  "O4'" . U   A 1 1   ? 5.601   -22.395 24.080  1.00 25.73 ? 1   U   B "O4'" 1 
ATOM   5    C  "C3'" . U   A 1 1   ? 5.598   -23.248 21.948  1.00 28.91 ? 1   U   B "C3'" 1 
ATOM   6    O  "O3'" . U   A 1 1   ? 5.782   -24.318 21.026  1.00 30.92 ? 1   U   B "O3'" 1 
ATOM   7    C  "C2'" . U   A 1 1   ? 4.155   -22.997 22.332  1.00 27.16 ? 1   U   B "C2'" 1 
ATOM   8    O  "O2'" . U   A 1 1   ? 3.467   -24.205 22.630  1.00 26.54 ? 1   U   B "O2'" 1 
ATOM   9    C  "C1'" . U   A 1 1   ? 4.362   -22.048 23.500  1.00 26.29 ? 1   U   B "C1'" 1 
ATOM   10   N  N1    . U   A 1 1   ? 4.478   -20.655 23.046  1.00 25.92 ? 1   U   B N1    1 
ATOM   11   C  C2    . U   A 1 1   ? 3.316   -19.957 22.751  1.00 26.95 ? 1   U   B C2    1 
ATOM   12   O  O2    . U   A 1 1   ? 2.211   -20.477 22.737  1.00 26.58 ? 1   U   B O2    1 
ATOM   13   N  N3    . U   A 1 1   ? 3.515   -18.655 22.354  1.00 25.93 ? 1   U   B N3    1 
ATOM   14   C  C4    . U   A 1 1   ? 4.712   -17.988 22.266  1.00 26.48 ? 1   U   B C4    1 
ATOM   15   O  O4    . U   A 1 1   ? 4.726   -16.821 21.858  1.00 29.36 ? 1   U   B O4    1 
ATOM   16   C  C5    . U   A 1 1   ? 5.865   -18.773 22.606  1.00 25.07 ? 1   U   B C5    1 
ATOM   17   C  C6    . U   A 1 1   ? 5.711   -20.048 22.986  1.00 24.83 ? 1   U   B C6    1 
ATOM   18   P  P     . C   A 1 2   ? 6.536   -24.011 19.637  1.00 29.32 ? 2   C   B P     1 
ATOM   19   O  OP1   . C   A 1 2   ? 6.498   -25.218 18.824  1.00 26.13 ? 2   C   B OP1   1 
ATOM   20   O  OP2   . C   A 1 2   ? 7.849   -23.410 20.074  1.00 33.27 ? 2   C   B OP2   1 
ATOM   21   O  "O5'" . C   A 1 2   ? 5.801   -22.728 19.041  1.00 31.42 ? 2   C   B "O5'" 1 
ATOM   22   C  "C5'" . C   A 1 2   ? 4.810   -22.862 17.994  1.00 31.21 ? 2   C   B "C5'" 1 
ATOM   23   C  "C4'" . C   A 1 2   ? 3.396   -22.790 18.524  1.00 30.27 ? 2   C   B "C4'" 1 
ATOM   24   O  "O4'" . C   A 1 2   ? 3.304   -21.710 19.509  1.00 28.59 ? 2   C   B "O4'" 1 
ATOM   25   C  "C3'" . C   A 1 2   ? 2.395   -22.400 17.438  1.00 29.91 ? 2   C   B "C3'" 1 
ATOM   26   O  "O3'" . C   A 1 2   ? 1.831   -23.496 16.751  1.00 27.92 ? 2   C   B "O3'" 1 
ATOM   27   C  "C2'" . C   A 1 2   ? 1.340   -21.614 18.197  1.00 31.33 ? 2   C   B "C2'" 1 
ATOM   28   O  "O2'" . C   A 1 2   ? 0.380   -22.401 18.851  1.00 32.10 ? 2   C   B "O2'" 1 
ATOM   29   C  "C1'" . C   A 1 2   ? 2.188   -20.886 19.235  1.00 32.32 ? 2   C   B "C1'" 1 
ATOM   30   N  N1    . C   A 1 2   ? 2.702   -19.552 18.872  1.00 26.12 ? 2   C   B N1    1 
ATOM   31   C  C2    . C   A 1 2   ? 1.800   -18.506 18.717  1.00 24.51 ? 2   C   B C2    1 
ATOM   32   O  O2    . C   A 1 2   ? 0.581   -18.760 18.686  1.00 26.18 ? 2   C   B O2    1 
ATOM   33   N  N3    . C   A 1 2   ? 2.277   -17.272 18.433  1.00 29.07 ? 2   C   B N3    1 
ATOM   34   C  C4    . C   A 1 2   ? 3.593   -17.051 18.416  1.00 27.74 ? 2   C   B C4    1 
ATOM   35   N  N4    . C   A 1 2   ? 4.016   -15.815 18.175  1.00 28.74 ? 2   C   B N4    1 
ATOM   36   C  C5    . C   A 1 2   ? 4.531   -18.089 18.642  1.00 30.84 ? 2   C   B C5    1 
ATOM   37   C  C6    . C   A 1 2   ? 4.045   -19.309 18.887  1.00 28.13 ? 2   C   B C6    1 
ATOM   38   P  P     . G   A 1 3   ? 1.737   -23.392 15.100  1.00 32.21 ? 3   G   B P     1 
ATOM   39   O  OP1   . G   A 1 3   ? 1.419   -24.720 14.570  1.00 27.76 ? 3   G   B OP1   1 
ATOM   40   O  OP2   . G   A 1 3   ? 2.979   -22.722 14.645  1.00 31.07 ? 3   G   B OP2   1 
ATOM   41   O  "O5'" . G   A 1 3   ? 0.560   -22.358 14.911  1.00 28.70 ? 3   G   B "O5'" 1 
ATOM   42   C  "C5'" . G   A 1 3   ? -0.803  -22.682 15.183  1.00 29.76 ? 3   G   B "C5'" 1 
ATOM   43   C  "C4'" . G   A 1 3   ? -1.642  -21.443 15.124  1.00 30.39 ? 3   G   B "C4'" 1 
ATOM   44   O  "O4'" . G   A 1 3   ? -1.195  -20.432 16.063  1.00 31.08 ? 3   G   B "O4'" 1 
ATOM   45   C  "C3'" . G   A 1 3   ? -1.602  -20.733 13.777  1.00 29.99 ? 3   G   B "C3'" 1 
ATOM   46   O  "O3'" . G   A 1 3   ? -2.459  -21.346 12.860  1.00 33.69 ? 3   G   B "O3'" 1 
ATOM   47   C  "C2'" . G   A 1 3   ? -2.123  -19.370 14.162  1.00 28.65 ? 3   G   B "C2'" 1 
ATOM   48   O  "O2'" . G   A 1 3   ? -3.525  -19.388 14.298  1.00 33.55 ? 3   G   B "O2'" 1 
ATOM   49   C  "C1'" . G   A 1 3   ? -1.357  -19.153 15.459  1.00 29.34 ? 3   G   B "C1'" 1 
ATOM   50   N  N9    . G   A 1 3   ? -0.049  -18.554 15.245  1.00 27.40 ? 3   G   B N9    1 
ATOM   51   C  C8    . G   A 1 3   ? 1.199   -19.116 15.303  1.00 25.82 ? 3   G   B C8    1 
ATOM   52   N  N7    . G   A 1 3   ? 2.163   -18.246 15.175  1.00 26.02 ? 3   G   B N7    1 
ATOM   53   C  C5    . G   A 1 3   ? 1.506   -17.037 14.995  1.00 24.46 ? 3   G   B C5    1 
ATOM   54   C  C6    . G   A 1 3   ? 2.015   -15.746 14.713  1.00 25.21 ? 3   G   B C6    1 
ATOM   55   O  O6    . G   A 1 3   ? 3.187   -15.369 14.676  1.00 26.31 ? 3   G   B O6    1 
ATOM   56   N  N1    . G   A 1 3   ? 0.991   -14.811 14.601  1.00 27.38 ? 3   G   B N1    1 
ATOM   57   C  C2    . G   A 1 3   ? -0.348  -15.102 14.618  1.00 28.70 ? 3   G   B C2    1 
ATOM   58   N  N2    . G   A 1 3   ? -1.183  -14.060 14.472  1.00 28.30 ? 3   G   B N2    1 
ATOM   59   N  N3    . G   A 1 3   ? -0.837  -16.306 14.862  1.00 29.74 ? 3   G   B N3    1 
ATOM   60   C  C4    . G   A 1 3   ? 0.138   -17.218 15.014  1.00 26.70 ? 3   G   B C4    1 
ATOM   61   P  P     . A   A 1 4   ? -2.121  -21.316 11.288  1.00 38.50 ? 4   A   B P     1 
ATOM   62   O  OP1   . A   A 1 4   ? -3.104  -22.150 10.601  1.00 38.41 ? 4   A   B OP1   1 
ATOM   63   O  OP2   . A   A 1 4   ? -0.707  -21.525 11.068  1.00 33.76 ? 4   A   B OP2   1 
ATOM   64   O  "O5'" . A   A 1 4   ? -2.290  -19.768 10.894  1.00 35.07 ? 4   A   B "O5'" 1 
ATOM   65   C  "C5'" . A   A 1 4   ? -3.572  -19.170 10.927  1.00 36.64 ? 4   A   B "C5'" 1 
ATOM   66   C  "C4'" . A   A 1 4   ? -3.478  -17.668 10.843  1.00 32.61 ? 4   A   B "C4'" 1 
ATOM   67   O  "O4'" . A   A 1 4   ? -2.613  -17.111 11.863  1.00 32.54 ? 4   A   B "O4'" 1 
ATOM   68   C  "C3'" . A   A 1 4   ? -2.905  -17.092 9.552   1.00 32.47 ? 4   A   B "C3'" 1 
ATOM   69   O  "O3'" . A   A 1 4   ? -3.877  -17.120 8.533   1.00 29.73 ? 4   A   B "O3'" 1 
ATOM   70   C  "C2'" . A   A 1 4   ? -2.617  -15.680 9.995   1.00 30.77 ? 4   A   B "C2'" 1 
ATOM   71   O  "O2'" . A   A 1 4   ? -3.779  -14.969 10.311  1.00 33.25 ? 4   A   B "O2'" 1 
ATOM   72   C  "C1'" . A   A 1 4   ? -1.990  -15.927 11.365  1.00 32.66 ? 4   A   B "C1'" 1 
ATOM   73   N  N9    . A   A 1 4   ? -0.540  -16.130 11.350  1.00 28.40 ? 4   A   B N9    1 
ATOM   74   C  C8    . A   A 1 4   ? 0.176   -17.306 11.334  1.00 26.72 ? 4   A   B C8    1 
ATOM   75   N  N7    . A   A 1 4   ? 1.475   -17.131 11.385  1.00 26.46 ? 4   A   B N7    1 
ATOM   76   C  C5    . A   A 1 4   ? 1.621   -15.750 11.407  1.00 25.50 ? 4   A   B C5    1 
ATOM   77   C  C6    . A   A 1 4   ? 2.754   -14.923 11.423  1.00 23.41 ? 4   A   B C6    1 
ATOM   78   N  N6    . A   A 1 4   ? 3.996   -15.386 11.479  1.00 21.83 ? 4   A   B N6    1 
ATOM   79   N  N1    . A   A 1 4   ? 2.556   -13.585 11.423  1.00 23.31 ? 4   A   B N1    1 
ATOM   80   C  C2    . A   A 1 4   ? 1.298   -13.128 11.333  1.00 23.16 ? 4   A   B C2    1 
ATOM   81   N  N3    . A   A 1 4   ? 0.162   -13.798 11.330  1.00 24.63 ? 4   A   B N3    1 
ATOM   82   C  C4    . A   A 1 4   ? 0.393   -15.124 11.358  1.00 25.96 ? 4   A   B C4    1 
ATOM   83   P  P     . C   A 1 5   ? -3.432  -17.106 7.042   1.00 28.67 ? 5   C   B P     1 
ATOM   84   O  OP1   . C   A 1 5   ? -4.633  -17.303 6.180   1.00 28.18 ? 5   C   B OP1   1 
ATOM   85   O  OP2   . C   A 1 5   ? -2.234  -17.900 6.825   1.00 31.31 ? 5   C   B OP2   1 
ATOM   86   O  "O5'" . C   A 1 5   ? -2.987  -15.569 6.819   1.00 25.53 ? 5   C   B "O5'" 1 
ATOM   87   C  "C5'" . C   A 1 5   ? -3.906  -14.492 6.911   1.00 28.35 ? 5   C   B "C5'" 1 
ATOM   88   C  "C4'" . C   A 1 5   ? -3.122  -13.213 6.709   1.00 26.02 ? 5   C   B "C4'" 1 
ATOM   89   O  "O4'" . C   A 1 5   ? -2.192  -12.980 7.806   1.00 23.12 ? 5   C   B "O4'" 1 
ATOM   90   C  "C3'" . C   A 1 5   ? -2.214  -13.148 5.486   1.00 24.49 ? 5   C   B "C3'" 1 
ATOM   91   O  "O3'" . C   A 1 5   ? -3.001  -12.856 4.345   1.00 23.71 ? 5   C   B "O3'" 1 
ATOM   92   C  "C2'" . C   A 1 5   ? -1.292  -12.006 5.852   1.00 23.19 ? 5   C   B "C2'" 1 
ATOM   93   O  "O2'" . C   A 1 5   ? -1.879  -10.714 5.799   1.00 21.82 ? 5   C   B "O2'" 1 
ATOM   94   C  "C1'" . C   A 1 5   ? -1.058  -12.277 7.334   1.00 24.15 ? 5   C   B "C1'" 1 
ATOM   95   N  N1    . C   A 1 5   ? 0.143   -13.080 7.569   1.00 21.29 ? 5   C   B N1    1 
ATOM   96   C  C2    . C   A 1 5   ? 1.369   -12.422 7.698   1.00 20.19 ? 5   C   B C2    1 
ATOM   97   O  O2    . C   A 1 5   ? 1.399   -11.186 7.630   1.00 22.63 ? 5   C   B O2    1 
ATOM   98   N  N3    . C   A 1 5   ? 2.484   -13.142 7.911   1.00 20.32 ? 5   C   B N3    1 
ATOM   99   C  C4    . C   A 1 5   ? 2.409   -14.477 8.000   1.00 22.29 ? 5   C   B C4    1 
ATOM   100  N  N4    . C   A 1 5   ? 3.537   -15.149 8.205   1.00 23.82 ? 5   C   B N4    1 
ATOM   101  C  C5    . C   A 1 5   ? 1.181   -15.174 7.837   1.00 21.90 ? 5   C   B C5    1 
ATOM   102  C  C6    . C   A 1 5   ? 0.079   -14.445 7.655   1.00 22.62 ? 5   C   B C6    1 
ATOM   103  P  P     . A   A 1 6   ? -2.421  -13.109 2.892   1.00 23.66 ? 6   A   B P     1 
ATOM   104  O  OP1   . A   A 1 6   ? -3.534  -12.683 1.975   1.00 23.95 ? 6   A   B OP1   1 
ATOM   105  O  OP2   . A   A 1 6   ? -1.915  -14.553 2.736   1.00 23.59 ? 6   A   B OP2   1 
ATOM   106  O  "O5'" . A   A 1 6   ? -1.129  -12.186 2.921   1.00 27.37 ? 6   A   B "O5'" 1 
ATOM   107  C  "C5'" . A   A 1 6   ? -0.019  -12.261 2.121   1.00 24.30 ? 6   A   B "C5'" 1 
ATOM   108  C  "C4'" . A   A 1 6   ? 0.910   -11.175 2.582   1.00 24.61 ? 6   A   B "C4'" 1 
ATOM   109  O  "O4'" . A   A 1 6   ? 1.290   -11.361 3.999   1.00 23.08 ? 6   A   B "O4'" 1 
ATOM   110  C  "C3'" . A   A 1 6   ? 2.217   -11.154 1.831   1.00 25.32 ? 6   A   B "C3'" 1 
ATOM   111  O  "O3'" . A   A 1 6   ? 2.121   -10.376 0.652   1.00 25.66 ? 6   A   B "O3'" 1 
ATOM   112  C  "C2'" . A   A 1 6   ? 3.157   -10.503 2.832   1.00 24.13 ? 6   A   B "C2'" 1 
ATOM   113  O  "O2'" . A   A 1 6   ? 2.985   -9.082  2.871   1.00 25.64 ? 6   A   B "O2'" 1 
ATOM   114  C  "C1'" . A   A 1 6   ? 2.701   -11.183 4.122   1.00 21.17 ? 6   A   B "C1'" 1 
ATOM   115  N  N9    . A   A 1 6   ? 3.338   -12.467 4.483   1.00 21.97 ? 6   A   B N9    1 
ATOM   116  C  C8    . A   A 1 6   ? 2.785   -13.725 4.588   1.00 24.55 ? 6   A   B C8    1 
ATOM   117  N  N7    . A   A 1 6   ? 3.643   -14.649 4.960   1.00 22.45 ? 6   A   B N7    1 
ATOM   118  C  C5    . A   A 1 6   ? 4.819   -13.943 5.169   1.00 23.86 ? 6   A   B C5    1 
ATOM   119  C  C6    . A   A 1 6   ? 6.088   -14.342 5.606   1.00 24.26 ? 6   A   B C6    1 
ATOM   120  N  N6    . A   A 1 6   ? 6.381   -15.599 5.934   1.00 23.46 ? 6   A   B N6    1 
ATOM   121  N  N1    . A   A 1 6   ? 7.055   -13.396 5.694   1.00 22.41 ? 6   A   B N1    1 
ATOM   122  C  C2    . A   A 1 6   ? 6.756   -12.134 5.328   1.00 20.94 ? 6   A   B C2    1 
ATOM   123  N  N3    . A   A 1 6   ? 5.596   -11.641 4.898   1.00 19.97 ? 6   A   B N3    1 
ATOM   124  C  C4    . A   A 1 6   ? 4.653   -12.603 4.860   1.00 21.36 ? 6   A   B C4    1 
ATOM   125  O  "O5'" . DA  B 2 1   ? 15.160  -19.159 8.731   1.00 43.80 ? 1   DA  C "O5'" 1 
ATOM   126  C  "C5'" . DA  B 2 1   ? 16.524  -18.854 8.374   1.00 44.05 ? 1   DA  C "C5'" 1 
ATOM   127  C  "C4'" . DA  B 2 1   ? 16.602  -17.645 7.462   1.00 50.27 ? 1   DA  C "C4'" 1 
ATOM   128  O  "O4'" . DA  B 2 1   ? 16.115  -17.927 6.131   1.00 43.94 ? 1   DA  C "O4'" 1 
ATOM   129  C  "C3'" . DA  B 2 1   ? 15.798  -16.431 7.916   1.00 46.29 ? 1   DA  C "C3'" 1 
ATOM   130  O  "O3'" . DA  B 2 1   ? 16.579  -15.678 8.828   1.00 49.44 ? 1   DA  C "O3'" 1 
ATOM   131  C  "C2'" . DA  B 2 1   ? 15.596  -15.661 6.632   1.00 41.17 ? 1   DA  C "C2'" 1 
ATOM   132  C  "C1'" . DA  B 2 1   ? 15.426  -16.762 5.628   1.00 41.39 ? 1   DA  C "C1'" 1 
ATOM   133  N  N9    . DA  B 2 1   ? 14.039  -17.134 5.403   1.00 39.00 ? 1   DA  C N9    1 
ATOM   134  C  C8    . DA  B 2 1   ? 13.442  -18.334 5.687   1.00 30.81 ? 1   DA  C C8    1 
ATOM   135  N  N7    . DA  B 2 1   ? 12.187  -18.395 5.337   1.00 33.58 ? 1   DA  C N7    1 
ATOM   136  C  C5    . DA  B 2 1   ? 11.930  -17.140 4.806   1.00 29.95 ? 1   DA  C C5    1 
ATOM   137  C  C6    . DA  B 2 1   ? 10.776  -16.575 4.255   1.00 30.90 ? 1   DA  C C6    1 
ATOM   138  N  N6    . DA  B 2 1   ? 9.642   -17.252 4.082   1.00 28.00 ? 1   DA  C N6    1 
ATOM   139  N  N1    . DA  B 2 1   ? 10.840  -15.291 3.840   1.00 31.08 ? 1   DA  C N1    1 
ATOM   140  C  C2    . DA  B 2 1   ? 12.008  -14.641 3.956   1.00 30.37 ? 1   DA  C C2    1 
ATOM   141  N  N3    . DA  B 2 1   ? 13.156  -15.061 4.485   1.00 31.78 ? 1   DA  C N3    1 
ATOM   142  C  C4    . DA  B 2 1   ? 13.048  -16.337 4.886   1.00 34.51 ? 1   DA  C C4    1 
ATOM   143  P  P     . DT  B 2 2   ? 15.851  -14.792 9.930   1.00 46.67 ? 2   DT  C P     1 
ATOM   144  O  OP1   . DT  B 2 2   ? 16.905  -14.234 10.782  1.00 46.55 ? 2   DT  C OP1   1 
ATOM   145  O  OP2   . DT  B 2 2   ? 14.755  -15.570 10.504  1.00 36.36 ? 2   DT  C OP2   1 
ATOM   146  O  "O5'" . DT  B 2 2   ? 15.186  -13.633 9.050   1.00 35.56 ? 2   DT  C "O5'" 1 
ATOM   147  C  "C5'" . DT  B 2 2   ? 15.957  -12.709 8.292   1.00 28.58 ? 2   DT  C "C5'" 1 
ATOM   148  C  "C4'" . DT  B 2 2   ? 14.991  -11.679 7.755   1.00 30.59 ? 2   DT  C "C4'" 1 
ATOM   149  O  "O4'" . DT  B 2 2   ? 13.954  -12.326 6.971   1.00 28.19 ? 2   DT  C "O4'" 1 
ATOM   150  C  "C3'" . DT  B 2 2   ? 14.273  -10.932 8.888   1.00 27.86 ? 2   DT  C "C3'" 1 
ATOM   151  O  "O3'" . DT  B 2 2   ? 14.454  -9.547  8.640   1.00 27.25 ? 2   DT  C "O3'" 1 
ATOM   152  C  "C2'" . DT  B 2 2   ? 12.838  -11.408 8.830   1.00 29.47 ? 2   DT  C "C2'" 1 
ATOM   153  C  "C1'" . DT  B 2 2   ? 12.673  -11.855 7.378   1.00 27.74 ? 2   DT  C "C1'" 1 
ATOM   154  N  N1    . DT  B 2 2   ? 11.703  -12.962 7.274   1.00 27.42 ? 2   DT  C N1    1 
ATOM   155  C  C2    . DT  B 2 2   ? 10.470  -12.738 6.683   1.00 23.72 ? 2   DT  C C2    1 
ATOM   156  O  O2    . DT  B 2 2   ? 10.157  -11.676 6.156   1.00 22.43 ? 2   DT  C O2    1 
ATOM   157  N  N3    . DT  B 2 2   ? 9.624   -13.812 6.716   1.00 22.62 ? 2   DT  C N3    1 
ATOM   158  C  C4    . DT  B 2 2   ? 9.894   -15.074 7.215   1.00 24.32 ? 2   DT  C C4    1 
ATOM   159  O  O4    . DT  B 2 2   ? 9.044   -15.946 7.156   1.00 24.52 ? 2   DT  C O4    1 
ATOM   160  C  C5    . DT  B 2 2   ? 11.194  -15.238 7.815   1.00 25.66 ? 2   DT  C C5    1 
ATOM   161  C  C7    . DT  B 2 2   ? 11.525  -16.546 8.461   1.00 28.65 ? 2   DT  C C7    1 
ATOM   162  C  C6    . DT  B 2 2   ? 12.005  -14.180 7.857   1.00 27.73 ? 2   DT  C C6    1 
ATOM   163  P  P     . DG  B 2 3   ? 13.958  -8.423  9.740   1.00 26.23 ? 3   DG  C P     1 
ATOM   164  O  OP1   . DG  B 2 3   ? 14.736  -7.221  9.441   1.00 23.74 ? 3   DG  C OP1   1 
ATOM   165  O  OP2   . DG  B 2 3   ? 13.805  -9.079  11.071  1.00 25.07 ? 3   DG  C OP2   1 
ATOM   166  O  "O5'" . DG  B 2 3   ? 12.411  -8.243  9.312   1.00 26.03 ? 3   DG  C "O5'" 1 
ATOM   167  C  "C5'" . DG  B 2 3   ? 12.150  -7.542  8.089   1.00 23.32 ? 3   DG  C "C5'" 1 
ATOM   168  C  "C4'" . DG  B 2 3   ? 10.657  -7.349  7.938   1.00 22.71 ? 3   DG  C "C4'" 1 
ATOM   169  O  "O4'" . DG  B 2 3   ? 9.951   -8.610  7.835   1.00 21.55 ? 3   DG  C "O4'" 1 
ATOM   170  C  "C3'" . DG  B 2 3   ? 10.069  -6.679  9.175   1.00 22.04 ? 3   DG  C "C3'" 1 
ATOM   171  O  "O3'" . DG  B 2 3   ? 9.269   -5.633  8.703   1.00 22.24 ? 3   DG  C "O3'" 1 
ATOM   172  C  "C2'" . DG  B 2 3   ? 9.221   -7.738  9.824   1.00 20.53 ? 3   DG  C "C2'" 1 
ATOM   173  C  "C1'" . DG  B 2 3   ? 8.808   -8.527  8.587   1.00 23.00 ? 3   DG  C "C1'" 1 
ATOM   174  N  N9    . DG  B 2 3   ? 8.356   -9.884  8.848   1.00 23.07 ? 3   DG  C N9    1 
ATOM   175  C  C8    . DG  B 2 3   ? 9.100   -10.956 9.280   1.00 26.55 ? 3   DG  C C8    1 
ATOM   176  N  N7    . DG  B 2 3   ? 8.409   -12.057 9.368   1.00 23.95 ? 3   DG  C N7    1 
ATOM   177  C  C5    . DG  B 2 3   ? 7.152   -11.710 8.881   1.00 21.52 ? 3   DG  C C5    1 
ATOM   178  C  C6    . DG  B 2 3   ? 5.965   -12.478 8.766   1.00 20.01 ? 3   DG  C C6    1 
ATOM   179  O  O6    . DG  B 2 3   ? 5.807   -13.693 8.972   1.00 23.10 ? 3   DG  C O6    1 
ATOM   180  N  N1    . DG  B 2 3   ? 4.901   -11.713 8.292   1.00 20.01 ? 3   DG  C N1    1 
ATOM   181  C  C2    . DG  B 2 3   ? 4.990   -10.370 7.950   1.00 16.35 ? 3   DG  C C2    1 
ATOM   182  N  N2    . DG  B 2 3   ? 3.891   -9.802  7.448   1.00 19.35 ? 3   DG  C N2    1 
ATOM   183  N  N3    . DG  B 2 3   ? 6.075   -9.646  8.090   1.00 20.11 ? 3   DG  C N3    1 
ATOM   184  C  C4    . DG  B 2 3   ? 7.105   -10.365 8.574   1.00 20.74 ? 3   DG  C C4    1 
HETATM 185  P  P     . T5S B 2 4   ? 8.679   -4.335  9.676   1.00 21.81 ? 4   T5S C P     1 
HETATM 186  O  OP1   . T5S B 2 4   ? 8.560   -3.149  8.825   1.00 20.15 ? 4   T5S C OP1   1 
HETATM 187  O  OP2   . T5S B 2 4   ? 9.601   -4.252  10.891  1.00 22.47 ? 4   T5S C OP2   1 
HETATM 188  O  "O5'" . T5S B 2 4   ? 7.376   -4.854  10.176  1.00 20.07 ? 4   T5S C "O5'" 1 
HETATM 189  N  N1    . T5S B 2 4   ? 5.202   -9.388  11.630  1.00 21.41 ? 4   T5S C N1    1 
HETATM 190  C  C6    . T5S B 2 4   ? 6.485   -9.717  12.143  1.00 23.15 ? 4   T5S C C6    1 
HETATM 191  C  C2    . T5S B 2 4   ? 4.271   -10.318 11.431  1.00 21.28 ? 4   T5S C C2    1 
HETATM 192  O  O2    . T5S B 2 4   ? 3.107   -10.140 11.046  1.00 23.20 ? 4   T5S C O2    1 
HETATM 193  N  N3    . T5S B 2 4   ? 4.570   -11.668 11.628  1.00 22.78 ? 4   T5S C N3    1 
HETATM 194  C  C4    . T5S B 2 4   ? 5.792   -12.053 12.126  1.00 26.01 ? 4   T5S C C4    1 
HETATM 195  O  O4    . T5S B 2 4   ? 6.013   -13.285 12.329  1.00 23.06 ? 4   T5S C O4    1 
HETATM 196  C  C5    . T5S B 2 4   ? 6.703   -11.071 12.349  1.00 23.83 ? 4   T5S C C5    1 
HETATM 197  SE SE    . T5S B 2 4   ? 8.503   -11.414 13.014  0.88 33.32 ? 4   T5S C SE    1 
HETATM 198  C  CH3   . T5S B 2 4   ? 8.469   -13.347 13.465  0.88 45.43 ? 4   T5S C CH3   1 
HETATM 199  C  "C2'" . T5S B 2 4   ? 4.307   -7.328  12.764  1.00 25.17 ? 4   T5S C "C2'" 1 
HETATM 200  C  "C5'" . T5S B 2 4   ? 6.957   -5.139  11.547  1.00 24.01 ? 4   T5S C "C5'" 1 
HETATM 201  C  "C4'" . T5S B 2 4   ? 5.663   -5.825  11.516  1.00 22.42 ? 4   T5S C "C4'" 1 
HETATM 202  O  "O4'" . T5S B 2 4   ? 5.934   -7.235  11.068  1.00 24.36 ? 4   T5S C "O4'" 1 
HETATM 203  C  "C1'" . T5S B 2 4   ? 4.864   -7.899  11.434  1.00 19.91 ? 4   T5S C "C1'" 1 
HETATM 204  C  "C3'" . T5S B 2 4   ? 5.070   -6.035  12.829  1.00 25.20 ? 4   T5S C "C3'" 1 
HETATM 205  O  "O3'" . T5S B 2 4   ? 4.124   -4.999  12.967  1.00 26.11 ? 4   T5S C "O3'" 1 
ATOM   206  P  P     . DC  B 2 5   ? 3.232   -4.643  14.279  1.00 26.59 ? 5   DC  C P     1 
ATOM   207  O  OP1   . DC  B 2 5   ? 2.673   -3.282  14.182  1.00 24.56 ? 5   DC  C OP1   1 
ATOM   208  O  OP2   . DC  B 2 5   ? 4.145   -4.953  15.451  1.00 28.63 ? 5   DC  C OP2   1 
ATOM   209  O  "O5'" . DC  B 2 5   ? 2.032   -5.644  14.324  1.00 22.81 ? 5   DC  C "O5'" 1 
ATOM   210  C  "C5'" . DC  B 2 5   ? 0.967   -5.569  13.357  1.00 28.68 ? 5   DC  C "C5'" 1 
ATOM   211  C  "C4'" . DC  B 2 5   ? -0.051  -6.659  13.547  1.00 26.79 ? 5   DC  C "C4'" 1 
ATOM   212  O  "O4'" . DC  B 2 5   ? 0.562   -7.956  13.338  1.00 29.96 ? 5   DC  C "O4'" 1 
ATOM   213  C  "C3'" . DC  B 2 5   ? -0.718  -6.702  14.929  1.00 32.77 ? 5   DC  C "C3'" 1 
ATOM   214  O  "O3'" . DC  B 2 5   ? -2.135  -6.858  14.772  1.00 34.54 ? 5   DC  C "O3'" 1 
ATOM   215  C  "C2'" . DC  B 2 5   ? -0.051  -7.889  15.595  1.00 29.78 ? 5   DC  C "C2'" 1 
ATOM   216  C  "C1'" . DC  B 2 5   ? 0.176   -8.799  14.408  1.00 27.99 ? 5   DC  C "C1'" 1 
ATOM   217  N  N1    . DC  B 2 5   ? 1.223   -9.800  14.581  1.00 27.93 ? 5   DC  C N1    1 
ATOM   218  C  C2    . DC  B 2 5   ? 0.895   -11.142 14.377  1.00 24.74 ? 5   DC  C C2    1 
ATOM   219  O  O2    . DC  B 2 5   ? -0.257  -11.436 14.013  1.00 28.16 ? 5   DC  C O2    1 
ATOM   220  N  N3    . DC  B 2 5   ? 1.849   -12.082 14.536  1.00 25.28 ? 5   DC  C N3    1 
ATOM   221  C  C4    . DC  B 2 5   ? 3.076   -11.730 14.913  1.00 26.26 ? 5   DC  C C4    1 
ATOM   222  N  N4    . DC  B 2 5   ? 3.980   -12.693 15.042  1.00 25.37 ? 5   DC  C N4    1 
ATOM   223  C  C5    . DC  B 2 5   ? 3.433   -10.370 15.151  1.00 29.23 ? 5   DC  C C5    1 
ATOM   224  C  C6    . DC  B 2 5   ? 2.476   -9.450  15.005  1.00 27.01 ? 5   DC  C C6    1 
ATOM   225  P  P     . DG  B 2 6   ? -3.115  -6.791  16.075  1.00 37.49 ? 6   DG  C P     1 
ATOM   226  O  OP1   . DG  B 2 6   ? -4.355  -6.123  15.635  1.00 43.95 ? 6   DG  C OP1   1 
ATOM   227  O  OP2   . DG  B 2 6   ? -2.326  -6.333  17.228  1.00 37.03 ? 6   DG  C OP2   1 
ATOM   228  O  "O5'" . DG  B 2 6   ? -3.425  -8.332  16.371  1.00 38.51 ? 6   DG  C "O5'" 1 
ATOM   229  C  "C5'" . DG  B 2 6   ? -4.359  -9.039  15.538  1.00 40.86 ? 6   DG  C "C5'" 1 
ATOM   230  C  "C4'" . DG  B 2 6   ? -4.758  -10.358 16.155  1.00 42.20 ? 6   DG  C "C4'" 1 
ATOM   231  O  "O4'" . DG  B 2 6   ? -3.645  -11.284 16.069  1.00 40.87 ? 6   DG  C "O4'" 1 
ATOM   232  C  "C3'" . DG  B 2 6   ? -5.152  -10.266 17.635  1.00 39.21 ? 6   DG  C "C3'" 1 
ATOM   233  O  "O3'" . DG  B 2 6   ? -6.337  -10.985 17.913  1.00 45.62 ? 6   DG  C "O3'" 1 
ATOM   234  C  "C2'" . DG  B 2 6   ? -3.987  -10.872 18.376  1.00 39.22 ? 6   DG  C "C2'" 1 
ATOM   235  C  "C1'" . DG  B 2 6   ? -3.383  -11.838 17.355  1.00 37.98 ? 6   DG  C "C1'" 1 
ATOM   236  N  N9    . DG  B 2 6   ? -1.945  -11.963 17.506  1.00 29.08 ? 6   DG  C N9    1 
ATOM   237  C  C8    . DG  B 2 6   ? -1.010  -10.961 17.457  1.00 31.53 ? 6   DG  C C8    1 
ATOM   238  N  N7    . DG  B 2 6   ? 0.206   -11.384 17.651  1.00 29.75 ? 6   DG  C N7    1 
ATOM   239  C  C5    . DG  B 2 6   ? 0.071   -12.760 17.772  1.00 28.36 ? 6   DG  C C5    1 
ATOM   240  C  C6    . DG  B 2 6   ? 1.047   -13.757 17.993  1.00 29.05 ? 6   DG  C C6    1 
ATOM   241  O  O6    . DG  B 2 6   ? 2.273   -13.622 18.091  1.00 31.28 ? 6   DG  C O6    1 
ATOM   242  N  N1    . DG  B 2 6   ? 0.474   -15.022 18.081  1.00 28.69 ? 6   DG  C N1    1 
ATOM   243  C  C2    . DG  B 2 6   ? -0.874  -15.290 17.983  1.00 29.58 ? 6   DG  C C2    1 
ATOM   244  N  N2    . DG  B 2 6   ? -1.243  -16.578 18.073  1.00 31.20 ? 6   DG  C N2    1 
ATOM   245  N  N3    . DG  B 2 6   ? -1.796  -14.362 17.788  1.00 29.80 ? 6   DG  C N3    1 
ATOM   246  C  C4    . DG  B 2 6   ? -1.253  -13.130 17.676  1.00 30.33 ? 6   DG  C C4    1 
ATOM   247  N  N     . GLU C 3 8   ? -18.488 -12.533 -3.687  1.00 54.87 ? 62  GLU A N     1 
ATOM   248  C  CA    . GLU C 3 8   ? -18.459 -11.394 -2.746  1.00 44.58 ? 62  GLU A CA    1 
ATOM   249  C  C     . GLU C 3 8   ? -17.181 -10.502 -2.855  1.00 37.53 ? 62  GLU A C     1 
ATOM   250  O  O     . GLU C 3 8   ? -17.027 -9.614  -2.050  1.00 38.46 ? 62  GLU A O     1 
ATOM   251  C  CB    . GLU C 3 8   ? -18.703 -11.861 -1.315  1.00 44.74 ? 62  GLU A CB    1 
ATOM   252  C  CG    . GLU C 3 8   ? -17.698 -12.807 -0.696  1.00 46.06 ? 62  GLU A CG    1 
ATOM   253  C  CD    . GLU C 3 8   ? -18.199 -13.294 0.654   1.00 54.70 ? 62  GLU A CD    1 
ATOM   254  O  OE1   . GLU C 3 8   ? -19.229 -14.039 0.684   1.00 55.69 ? 62  GLU A OE1   1 
ATOM   255  O  OE2   . GLU C 3 8   ? -17.593 -12.901 1.683   1.00 62.46 ? 62  GLU A OE2   1 
ATOM   256  N  N     . ILE C 3 9   ? -16.352 -10.731 -3.876  1.00 32.80 ? 63  ILE A N     1 
ATOM   257  C  CA    . ILE C 3 9   ? -15.310 -9.810  -4.298  1.00 30.89 ? 63  ILE A CA    1 
ATOM   258  C  C     . ILE C 3 9   ? -16.006 -8.553  -4.780  1.00 33.08 ? 63  ILE A C     1 
ATOM   259  O  O     . ILE C 3 9   ? -16.932 -8.600  -5.642  1.00 28.46 ? 63  ILE A O     1 
ATOM   260  C  CB    . ILE C 3 9   ? -14.459 -10.395 -5.436  1.00 28.75 ? 63  ILE A CB    1 
ATOM   261  C  CG1   . ILE C 3 9   ? -13.636 -11.608 -4.932  1.00 32.81 ? 63  ILE A CG1   1 
ATOM   262  C  CG2   . ILE C 3 9   ? -13.547 -9.350  -6.060  1.00 26.67 ? 63  ILE A CG2   1 
ATOM   263  C  CD1   . ILE C 3 9   ? -12.823 -12.237 -6.046  1.00 31.75 ? 63  ILE A CD1   1 
ATOM   264  N  N     . ILE C 3 10  ? -15.571 -7.409  -4.238  1.00 26.36 ? 64  ILE A N     1 
ATOM   265  C  CA    . ILE C 3 10  ? -16.067 -6.102  -4.719  1.00 25.57 ? 64  ILE A CA    1 
ATOM   266  C  C     . ILE C 3 10  ? -15.184 -5.734  -5.925  1.00 25.02 ? 64  ILE A C     1 
ATOM   267  O  O     . ILE C 3 10  ? -14.070 -5.295  -5.796  1.00 22.31 ? 64  ILE A O     1 
ATOM   268  C  CB    . ILE C 3 10  ? -16.043 -5.059  -3.615  1.00 24.19 ? 64  ILE A CB    1 
ATOM   269  C  CG1   . ILE C 3 10  ? -16.874 -5.540  -2.394  1.00 28.88 ? 64  ILE A CG1   1 
ATOM   270  C  CG2   . ILE C 3 10  ? -16.462 -3.653  -4.133  1.00 24.64 ? 64  ILE A CG2   1 
ATOM   271  C  CD1   . ILE C 3 10  ? -16.658 -4.778  -1.137  1.00 33.82 ? 64  ILE A CD1   1 
ATOM   272  N  N     . TRP C 3 11  ? -15.681 -5.961  -7.132  1.00 26.15 ? 65  TRP A N     1 
ATOM   273  C  CA    . TRP C 3 11  ? -14.866 -5.848  -8.308  1.00 26.14 ? 65  TRP A CA    1 
ATOM   274  C  C     . TRP C 3 11  ? -14.569 -4.395  -8.627  1.00 22.55 ? 65  TRP A C     1 
ATOM   275  O  O     . TRP C 3 11  ? -13.544 -4.137  -9.231  1.00 25.23 ? 65  TRP A O     1 
ATOM   276  C  CB    . TRP C 3 11  ? -15.516 -6.529  -9.532  1.00 29.00 ? 65  TRP A CB    1 
ATOM   277  C  CG    . TRP C 3 11  ? -15.464 -8.016  -9.388  1.00 29.10 ? 65  TRP A CG    1 
ATOM   278  C  CD1   . TRP C 3 11  ? -16.479 -8.827  -9.013  1.00 30.88 ? 65  TRP A CD1   1 
ATOM   279  C  CD2   . TRP C 3 11  ? -14.307 -8.849  -9.541  1.00 29.67 ? 65  TRP A CD2   1 
ATOM   280  N  NE1   . TRP C 3 11  ? -16.042 -10.137 -8.960  1.00 30.44 ? 65  TRP A NE1   1 
ATOM   281  C  CE2   . TRP C 3 11  ? -14.722 -10.182 -9.308  1.00 35.05 ? 65  TRP A CE2   1 
ATOM   282  C  CE3   . TRP C 3 11  ? -12.977 -8.613  -9.904  1.00 33.42 ? 65  TRP A CE3   1 
ATOM   283  C  CZ2   . TRP C 3 11  ? -13.851 -11.255 -9.359  1.00 32.54 ? 65  TRP A CZ2   1 
ATOM   284  C  CZ3   . TRP C 3 11  ? -12.100 -9.714  -10.020 1.00 36.38 ? 65  TRP A CZ3   1 
ATOM   285  C  CH2   . TRP C 3 11  ? -12.554 -11.014 -9.757  1.00 34.43 ? 65  TRP A CH2   1 
ATOM   286  N  N     . GLU C 3 12  ? -15.435 -3.496  -8.199  1.00 21.76 ? 66  GLU A N     1 
ATOM   287  C  CA    . GLU C 3 12  ? -15.256 -2.060  -8.472  1.00 23.70 ? 66  GLU A CA    1 
ATOM   288  C  C     . GLU C 3 12  ? -14.363 -1.518  -7.354  1.00 21.26 ? 66  GLU A C     1 
ATOM   289  O  O     . GLU C 3 12  ? -14.857 -0.940  -6.361  1.00 23.16 ? 66  GLU A O     1 
ATOM   290  C  CB    . GLU C 3 12  ? -16.581 -1.361  -8.499  1.00 27.18 ? 66  GLU A CB    1 
ATOM   291  C  CG    . GLU C 3 12  ? -16.554 0.052   -9.021  1.00 27.77 ? 66  GLU A CG    1 
ATOM   292  C  CD    . GLU C 3 12  ? -18.015 0.591   -9.128  1.00 31.22 ? 66  GLU A CD    1 
ATOM   293  O  OE1   . GLU C 3 12  ? -18.853 -0.028  -9.820  1.00 33.91 ? 66  GLU A OE1   1 
ATOM   294  O  OE2   . GLU C 3 12  ? -18.328 1.621   -8.541  1.00 33.33 ? 66  GLU A OE2   1 
ATOM   295  N  N     . SER C 3 13  ? -13.069 -1.740  -7.525  1.00 21.65 ? 67  SER A N     1 
ATOM   296  C  CA    . SER C 3 13  ? -12.108 -1.501  -6.440  1.00 18.19 ? 67  SER A CA    1 
ATOM   297  C  C     . SER C 3 13  ? -10.715 -1.351  -7.028  1.00 18.81 ? 67  SER A C     1 
ATOM   298  O  O     . SER C 3 13  ? -10.461 -1.633  -8.226  1.00 19.12 ? 67  SER A O     1 
ATOM   299  C  CB    . SER C 3 13  ? -12.138 -2.649  -5.412  1.00 18.75 ? 67  SER A CB    1 
ATOM   300  O  OG    . SER C 3 13  ? -11.798 -3.867  -6.012  1.00 21.28 ? 67  SER A OG    1 
ATOM   301  N  N     . LEU C 3 14  ? -9.792  -0.843  -6.177  1.00 17.29 ? 68  LEU A N     1 
ATOM   302  C  CA    . LEU C 3 14  ? -8.393  -0.698  -6.473  1.00 18.66 ? 68  LEU A CA    1 
ATOM   303  C  C     . LEU C 3 14  ? -7.679  -1.775  -5.608  1.00 23.18 ? 68  LEU A C     1 
ATOM   304  O  O     . LEU C 3 14  ? -8.004  -1.870  -4.409  1.00 24.86 ? 68  LEU A O     1 
ATOM   305  C  CB    . LEU C 3 14  ? -7.888  0.656   -6.005  1.00 20.88 ? 68  LEU A CB    1 
ATOM   306  C  CG    . LEU C 3 14  ? -6.346  0.978   -6.055  1.00 27.03 ? 68  LEU A CG    1 
ATOM   307  C  CD1   . LEU C 3 14  ? -5.928  1.063   -7.504  1.00 30.35 ? 68  LEU A CD1   1 
ATOM   308  C  CD2   . LEU C 3 14  ? -5.952  2.282   -5.365  1.00 31.64 ? 68  LEU A CD2   1 
ATOM   309  N  N     . SER C 3 15  ? -6.773  -2.547  -6.187  1.00 18.93 ? 69  SER A N     1 
ATOM   310  C  CA    . SER C 3 15  ? -5.989  -3.541  -5.444  1.00 19.38 ? 69  SER A CA    1 
ATOM   311  C  C     . SER C 3 15  ? -4.550  -3.075  -5.448  1.00 18.84 ? 69  SER A C     1 
ATOM   312  O  O     . SER C 3 15  ? -4.058  -2.601  -6.443  1.00 17.27 ? 69  SER A O     1 
ATOM   313  C  CB    . SER C 3 15  ? -6.085  -4.952  -6.117  1.00 18.77 ? 69  SER A CB    1 
ATOM   314  O  OG    . SER C 3 15  ? -7.410  -5.447  -5.937  1.00 19.15 ? 69  SER A OG    1 
ATOM   315  N  N     . VAL C 3 16  ? -3.902  -3.131  -4.294  1.00 17.59 ? 70  VAL A N     1 
ATOM   316  C  CA    . VAL C 3 16  ? -2.477  -2.754  -4.170  1.00 16.44 ? 70  VAL A CA    1 
ATOM   317  C  C     . VAL C 3 16  ? -1.621  -3.915  -3.678  1.00 21.01 ? 70  VAL A C     1 
ATOM   318  O  O     . VAL C 3 16  ? -2.065  -4.794  -2.963  1.00 19.71 ? 70  VAL A O     1 
ATOM   319  C  CB    . VAL C 3 16  ? -2.299  -1.492  -3.322  1.00 18.65 ? 70  VAL A CB    1 
ATOM   320  C  CG1   . VAL C 3 16  ? -3.071  -0.381  -3.923  1.00 19.98 ? 70  VAL A CG1   1 
ATOM   321  C  CG2   . VAL C 3 16  ? -2.704  -1.702  -1.857  1.00 18.92 ? 70  VAL A CG2   1 
ATOM   322  N  N     . ASP C 3 17  ? -0.333  -3.926  -4.059  1.00 22.05 ? 71  ASP A N     1 
ATOM   323  C  CA    . ASP C 3 17  ? 0.562   -4.926  -3.508  1.00 21.68 ? 71  ASP A CA    1 
ATOM   324  C  C     . ASP C 3 17  ? 1.986   -4.438  -3.627  1.00 20.93 ? 71  ASP A C     1 
ATOM   325  O  O     . ASP C 3 17  ? 2.298   -3.548  -4.476  1.00 19.10 ? 71  ASP A O     1 
ATOM   326  C  CB    . ASP C 3 17  ? 0.437   -6.277  -4.232  1.00 20.71 ? 71  ASP A CB    1 
ATOM   327  C  CG    . ASP C 3 17  ? 0.953   -7.447  -3.422  1.00 25.54 ? 71  ASP A CG    1 
ATOM   328  O  OD1   . ASP C 3 17  ? 1.239   -7.341  -2.216  1.00 24.61 ? 71  ASP A OD1   1 
ATOM   329  O  OD2   . ASP C 3 17  ? 1.140   -8.498  -4.060  1.00 26.12 ? 71  ASP A OD2   1 
ATOM   330  N  N     . VAL C 3 18  ? 2.817   -4.979  -2.773  1.00 19.75 ? 72  VAL A N     1 
ATOM   331  C  CA    . VAL C 3 18  ? 4.280   -4.755  -2.772  1.00 20.53 ? 72  VAL A CA    1 
ATOM   332  C  C     . VAL C 3 18  ? 4.996   -5.848  -3.568  1.00 23.93 ? 72  VAL A C     1 
ATOM   333  O  O     . VAL C 3 18  ? 4.566   -6.973  -3.631  1.00 21.59 ? 72  VAL A O     1 
ATOM   334  C  CB    . VAL C 3 18  ? 4.795   -4.705  -1.313  1.00 22.31 ? 72  VAL A CB    1 
ATOM   335  C  CG1   . VAL C 3 18  ? 4.741   -6.055  -0.636  1.00 25.27 ? 72  VAL A CG1   1 
ATOM   336  C  CG2   . VAL C 3 18  ? 6.234   -4.193  -1.190  1.00 26.38 ? 72  VAL A CG2   1 
ATOM   337  N  N     . GLY C 3 19  ? 6.161   -5.498  -4.116  1.00 23.70 ? 73  GLY A N     1 
ATOM   338  C  CA    . GLY C 3 19  ? 7.101   -6.488  -4.634  1.00 23.91 ? 73  GLY A CA    1 
ATOM   339  C  C     . GLY C 3 19  ? 8.474   -6.137  -4.023  1.00 23.04 ? 73  GLY A C     1 
ATOM   340  O  O     . GLY C 3 19  ? 8.800   -4.930  -3.806  1.00 23.26 ? 73  GLY A O     1 
ATOM   341  N  N     . SER C 3 20  ? 9.256   -7.153  -3.683  1.00 22.23 ? 74  SER A N     1 
ATOM   342  C  CA    . SER C 3 20  ? 10.582  -6.890  -3.233  1.00 23.09 ? 74  SER A CA    1 
ATOM   343  C  C     . SER C 3 20  ? 11.596  -7.835  -3.800  1.00 24.32 ? 74  SER A C     1 
ATOM   344  O  O     . SER C 3 20  ? 11.261  -8.946  -4.235  1.00 24.54 ? 74  SER A O     1 
ATOM   345  C  CB    . SER C 3 20  ? 10.686  -6.824  -1.706  1.00 24.36 ? 74  SER A CB    1 
ATOM   346  O  OG    . SER C 3 20  ? 10.894  -8.124  -1.109  1.00 24.66 ? 74  SER A OG    1 
ATOM   347  N  N     . GLN C 3 21  ? 12.845  -7.410  -3.607  1.00 23.90 ? 75  GLN A N     1 
ATOM   348  C  CA    . GLN C 3 21  ? 14.031  -8.244  -3.742  1.00 24.72 ? 75  GLN A CA    1 
ATOM   349  C  C     . GLN C 3 21  ? 14.855  -8.171  -2.451  1.00 24.44 ? 75  GLN A C     1 
ATOM   350  O  O     . GLN C 3 21  ? 15.534  -7.168  -2.173  1.00 25.24 ? 75  GLN A O     1 
ATOM   351  C  CB    . GLN C 3 21  ? 14.833  -7.772  -4.917  1.00 30.21 ? 75  GLN A CB    1 
ATOM   352  C  CG    . GLN C 3 21  ? 16.070  -8.599  -5.166  1.00 34.54 ? 75  GLN A CG    1 
ATOM   353  C  CD    . GLN C 3 21  ? 16.845  -8.055  -6.321  1.00 39.20 ? 75  GLN A CD    1 
ATOM   354  O  OE1   . GLN C 3 21  ? 16.463  -8.228  -7.480  1.00 48.22 ? 75  GLN A OE1   1 
ATOM   355  N  NE2   . GLN C 3 21  ? 17.923  -7.345  -6.013  1.00 44.21 ? 75  GLN A NE2   1 
ATOM   356  N  N     . GLY C 3 22  ? 14.713  -9.217  -1.631  1.00 24.54 ? 76  GLY A N     1 
ATOM   357  C  CA    . GLY C 3 22  ? 15.151  -9.155  -0.266  1.00 26.51 ? 76  GLY A CA    1 
ATOM   358  C  C     . GLY C 3 22  ? 14.055  -8.624  0.634   1.00 24.85 ? 76  GLY A C     1 
ATOM   359  O  O     . GLY C 3 22  ? 13.141  -7.816  0.224   1.00 25.31 ? 76  GLY A O     1 
ATOM   360  N  N     . ASN C 3 23  ? 14.137  -8.961  1.891   1.00 24.62 ? 77  ASN A N     1 
ATOM   361  C  CA    . ASN C 3 23  ? 13.310  -8.297  2.901   1.00 23.66 ? 77  ASN A CA    1 
ATOM   362  C  C     . ASN C 3 23  ? 14.097  -8.287  4.219   1.00 25.35 ? 77  ASN A C     1 
ATOM   363  O  O     . ASN C 3 23  ? 14.242  -9.355  4.856   1.00 26.83 ? 77  ASN A O     1 
ATOM   364  C  CB    . ASN C 3 23  ? 11.988  -9.045  3.077   1.00 22.78 ? 77  ASN A CB    1 
ATOM   365  C  CG    . ASN C 3 23  ? 11.097  -8.424  4.136   1.00 23.17 ? 77  ASN A CG    1 
ATOM   366  O  OD1   . ASN C 3 23  ? 11.132  -7.191  4.342   1.00 24.65 ? 77  ASN A OD1   1 
ATOM   367  N  ND2   . ASN C 3 23  ? 10.349  -9.231  4.814   1.00 21.79 ? 77  ASN A ND2   1 
ATOM   368  N  N     . PRO C 3 24  ? 14.693  -7.158  4.595   1.00 23.37 ? 78  PRO A N     1 
ATOM   369  C  CA    . PRO C 3 24  ? 14.692  -5.849  3.872   1.00 21.82 ? 78  PRO A CA    1 
ATOM   370  C  C     . PRO C 3 24  ? 15.456  -5.864  2.599   1.00 25.04 ? 78  PRO A C     1 
ATOM   371  O  O     . PRO C 3 24  ? 16.424  -6.641  2.438   1.00 27.41 ? 78  PRO A O     1 
ATOM   372  C  CB    . PRO C 3 24  ? 15.384  -4.889  4.871   1.00 24.19 ? 78  PRO A CB    1 
ATOM   373  C  CG    . PRO C 3 24  ? 15.353  -5.591  6.154   1.00 24.29 ? 78  PRO A CG    1 
ATOM   374  C  CD    . PRO C 3 24  ? 15.307  -7.086  5.943   1.00 26.70 ? 78  PRO A CD    1 
ATOM   375  N  N     . GLY C 3 25  ? 14.995  -5.105  1.637   1.00 23.66 ? 79  GLY A N     1 
ATOM   376  C  CA    . GLY C 3 25  ? 15.628  -5.050  0.377   1.00 26.09 ? 79  GLY A CA    1 
ATOM   377  C  C     . GLY C 3 25  ? 14.911  -4.070  -0.516  1.00 24.37 ? 79  GLY A C     1 
ATOM   378  O  O     . GLY C 3 25  ? 14.321  -3.118  -0.006  1.00 22.31 ? 79  GLY A O     1 
ATOM   379  N  N     . ILE C 3 26  ? 15.064  -4.253  -1.825  1.00 24.60 ? 80  ILE A N     1 
ATOM   380  C  CA    . ILE C 3 26  ? 14.565  -3.298  -2.783  1.00 24.69 ? 80  ILE A CA    1 
ATOM   381  C  C     . ILE C 3 26  ? 13.044  -3.492  -2.777  1.00 26.11 ? 80  ILE A C     1 
ATOM   382  O  O     . ILE C 3 26  ? 12.604  -4.586  -2.915  1.00 23.51 ? 80  ILE A O     1 
ATOM   383  C  CB    . ILE C 3 26  ? 15.107  -3.501  -4.185  1.00 27.83 ? 80  ILE A CB    1 
ATOM   384  C  CG1   . ILE C 3 26  ? 16.630  -3.316  -4.183  1.00 29.56 ? 80  ILE A CG1   1 
ATOM   385  C  CG2   . ILE C 3 26  ? 14.457  -2.517  -5.182  1.00 28.79 ? 80  ILE A CG2   1 
ATOM   386  C  CD1   . ILE C 3 26  ? 17.252  -3.770  -5.490  1.00 32.78 ? 80  ILE A CD1   1 
ATOM   387  N  N     . VAL C 3 27  ? 12.291  -2.423  -2.538  1.00 21.33 ? 81  VAL A N     1 
ATOM   388  C  CA    . VAL C 3 27  ? 10.800  -2.447  -2.467  1.00 21.65 ? 81  VAL A CA    1 
ATOM   389  C  C     . VAL C 3 27  ? 10.171  -1.599  -3.570  1.00 22.34 ? 81  VAL A C     1 
ATOM   390  O  O     . VAL C 3 27  ? 10.552  -0.451  -3.820  1.00 22.81 ? 81  VAL A O     1 
ATOM   391  C  CB    . VAL C 3 27  ? 10.424  -1.837  -1.072  1.00 24.73 ? 81  VAL A CB    1 
ATOM   392  C  CG1   . VAL C 3 27  ? 8.906   -1.509  -0.965  1.00 29.78 ? 81  VAL A CG1   1 
ATOM   393  C  CG2   . VAL C 3 27  ? 10.782  -2.883  0.007   1.00 27.29 ? 81  VAL A CG2   1 
ATOM   394  N  N     . GLU C 3 28  ? 9.103   -2.094  -4.137  1.00 21.36 ? 82  GLU A N     1 
ATOM   395  C  CA    . GLU C 3 28  ? 8.271   -1.327  -5.089  1.00 22.69 ? 82  GLU A CA    1 
ATOM   396  C  C     . GLU C 3 28  ? 6.840   -1.704  -4.773  1.00 20.52 ? 82  GLU A C     1 
ATOM   397  O  O     . GLU C 3 28  ? 6.552   -2.621  -3.995  1.00 20.49 ? 82  GLU A O     1 
ATOM   398  C  CB    . GLU C 3 28  ? 8.565   -1.653  -6.550  1.00 24.97 ? 82  GLU A CB    1 
ATOM   399  C  CG    . GLU C 3 28  ? 8.384   -3.073  -6.922  1.00 27.12 ? 82  GLU A CG    1 
ATOM   400  C  CD    . GLU C 3 28  ? 8.903   -3.391  -8.336  1.00 39.50 ? 82  GLU A CD    1 
ATOM   401  O  OE1   . GLU C 3 28  ? 9.072   -4.564  -8.588  1.00 40.85 ? 82  GLU A OE1   1 
ATOM   402  O  OE2   . GLU C 3 28  ? 9.156   -2.493  -9.167  1.00 37.32 ? 82  GLU A OE2   1 
ATOM   403  N  N     . TYR C 3 29  ? 5.905   -0.948  -5.307  1.00 19.40 ? 83  TYR A N     1 
ATOM   404  C  CA    . TYR C 3 29  ? 4.502   -1.294  -5.116  1.00 19.82 ? 83  TYR A CA    1 
ATOM   405  C  C     . TYR C 3 29  ? 3.708   -0.786  -6.335  1.00 21.91 ? 83  TYR A C     1 
ATOM   406  O  O     . TYR C 3 29  ? 4.187   0.098   -7.063  1.00 22.64 ? 83  TYR A O     1 
ATOM   407  C  CB    . TYR C 3 29  ? 3.926   -0.796  -3.786  1.00 20.15 ? 83  TYR A CB    1 
ATOM   408  C  CG    . TYR C 3 29  ? 3.926   0.699   -3.583  1.00 20.32 ? 83  TYR A CG    1 
ATOM   409  C  CD1   . TYR C 3 29  ? 3.036   1.470   -4.256  1.00 22.80 ? 83  TYR A CD1   1 
ATOM   410  C  CD2   . TYR C 3 29  ? 4.860   1.291   -2.784  1.00 26.59 ? 83  TYR A CD2   1 
ATOM   411  C  CE1   . TYR C 3 29  ? 3.041   2.831   -4.138  1.00 26.36 ? 83  TYR A CE1   1 
ATOM   412  C  CE2   . TYR C 3 29  ? 4.840   2.701   -2.627  1.00 25.00 ? 83  TYR A CE2   1 
ATOM   413  C  CZ    . TYR C 3 29  ? 3.920   3.404   -3.323  1.00 23.58 ? 83  TYR A CZ    1 
ATOM   414  O  OH    . TYR C 3 29  ? 3.822   4.794   -3.339  1.00 31.66 ? 83  TYR A OH    1 
ATOM   415  N  N     . LYS C 3 30  ? 2.477   -1.256  -6.465  1.00 21.02 ? 84  LYS A N     1 
ATOM   416  C  CA    . LYS C 3 30  ? 1.662   -0.819  -7.567  1.00 21.55 ? 84  LYS A CA    1 
ATOM   417  C  C     . LYS C 3 30  ? 0.226   -0.959  -7.180  1.00 20.94 ? 84  LYS A C     1 
ATOM   418  O  O     . LYS C 3 30  ? -0.119  -1.757  -6.269  1.00 18.89 ? 84  LYS A O     1 
ATOM   419  C  CB    . LYS C 3 30  ? 1.933   -1.652  -8.824  1.00 23.59 ? 84  LYS A CB    1 
ATOM   420  C  CG    . LYS C 3 30  ? 1.510   -3.060  -8.873  1.00 27.51 ? 84  LYS A CG    1 
ATOM   421  C  CD    . LYS C 3 30  ? 1.972   -3.630  -10.255 1.00 30.82 ? 84  LYS A CD    1 
ATOM   422  C  CE    . LYS C 3 30  ? 1.471   -5.050  -10.464 1.00 35.00 ? 84  LYS A CE    1 
ATOM   423  N  NZ    . LYS C 3 30  ? 2.327   -6.045  -9.834  1.00 37.60 ? 84  LYS A NZ    1 
ATOM   424  N  N     . GLY C 3 31  ? -0.606  -0.222  -7.904  1.00 18.66 ? 85  GLY A N     1 
ATOM   425  C  CA    . GLY C 3 31  ? -2.030  -0.289  -7.758  1.00 18.19 ? 85  GLY A CA    1 
ATOM   426  C  C     . GLY C 3 31  ? -2.698  -0.625  -9.091  1.00 20.43 ? 85  GLY A C     1 
ATOM   427  O  O     . GLY C 3 31  ? -2.306  -0.091  -10.119 1.00 25.75 ? 85  GLY A O     1 
ATOM   428  N  N     . VAL C 3 32  ? -3.682  -1.499  -9.049  1.00 19.23 ? 86  VAL A N     1 
ATOM   429  C  CA    . VAL C 3 32  ? -4.355  -1.935  -10.291 1.00 22.54 ? 86  VAL A CA    1 
ATOM   430  C  C     . VAL C 3 32  ? -5.858  -1.950  -10.134 1.00 24.15 ? 86  VAL A C     1 
ATOM   431  O  O     . VAL C 3 32  ? -6.357  -2.049  -9.063  1.00 21.41 ? 86  VAL A O     1 
ATOM   432  C  CB    . VAL C 3 32  ? -3.884  -3.325  -10.728 1.00 22.36 ? 86  VAL A CB    1 
ATOM   433  C  CG1   . VAL C 3 32  ? -2.349  -3.444  -10.727 1.00 22.30 ? 86  VAL A CG1   1 
ATOM   434  C  CG2   . VAL C 3 32  ? -4.533  -4.460  -9.970  1.00 27.27 ? 86  VAL A CG2   1 
ATOM   435  N  N     . ASP C 3 33  ? -6.572  -1.839  -11.241 1.00 22.14 ? 87  ASP A N     1 
ATOM   436  C  CA    . ASP C 3 33  ? -8.034  -2.006  -11.246 1.00 24.82 ? 87  ASP A CA    1 
ATOM   437  C  C     . ASP C 3 33  ? -8.315  -3.468  -10.993 1.00 24.49 ? 87  ASP A C     1 
ATOM   438  O  O     . ASP C 3 33  ? -7.794  -4.377  -11.675 1.00 26.71 ? 87  ASP A O     1 
ATOM   439  C  CB    . ASP C 3 33  ? -8.589  -1.490  -12.603 1.00 28.08 ? 87  ASP A CB    1 
ATOM   440  C  CG    . ASP C 3 33  ? -10.111 -1.642  -12.715 1.00 32.07 ? 87  ASP A CG    1 
ATOM   441  O  OD1   . ASP C 3 33  ? -10.642 -2.727  -12.410 1.00 36.95 ? 87  ASP A OD1   1 
ATOM   442  O  OD2   . ASP C 3 33  ? -10.714 -0.665  -13.138 1.00 41.54 ? 87  ASP A OD2   1 
ATOM   443  N  N     . THR C 3 34  ? -9.091  -3.767  -9.970  1.00 22.44 ? 88  THR A N     1 
ATOM   444  C  CA    . THR C 3 34  ? -9.301  -5.173  -9.592  1.00 22.64 ? 88  THR A CA    1 
ATOM   445  C  C     . THR C 3 34  ? -9.993  -5.998  -10.758 1.00 26.58 ? 88  THR A C     1 
ATOM   446  O  O     . THR C 3 34  ? -9.724  -7.188  -10.915 1.00 28.96 ? 88  THR A O     1 
ATOM   447  C  CB    . THR C 3 34  ? -10.153 -5.249  -8.355  1.00 23.35 ? 88  THR A CB    1 
ATOM   448  O  OG1   . THR C 3 34  ? -9.467  -4.468  -7.325  1.00 20.99 ? 88  THR A OG1   1 
ATOM   449  C  CG2   . THR C 3 34  ? -10.343 -6.671  -7.828  1.00 22.42 ? 88  THR A CG2   1 
ATOM   450  N  N     . LYS C 3 35  ? -10.882 -5.321  -11.448 1.00 32.34 ? 89  LYS A N     1 
ATOM   451  C  CA    . LYS C 3 35  ? -11.683 -5.936  -12.529 1.00 39.20 ? 89  LYS A CA    1 
ATOM   452  C  C     . LYS C 3 35  ? -10.781 -6.334  -13.685 1.00 39.91 ? 89  LYS A C     1 
ATOM   453  O  O     . LYS C 3 35  ? -10.733 -7.488  -14.069 1.00 40.28 ? 89  LYS A O     1 
ATOM   454  C  CB    . LYS C 3 35  ? -12.788 -4.966  -12.974 1.00 43.14 ? 89  LYS A CB    1 
ATOM   455  C  CG    . LYS C 3 35  ? -13.721 -5.502  -14.083 1.00 49.75 ? 89  LYS A CG    1 
ATOM   456  C  CD    . LYS C 3 35  ? -15.128 -4.916  -14.074 1.00 47.68 ? 89  LYS A CD    1 
ATOM   457  C  CE    . LYS C 3 35  ? -15.270 -3.559  -13.391 1.00 52.14 ? 89  LYS A CE    1 
ATOM   458  N  NZ    . LYS C 3 35  ? -16.572 -2.911  -13.701 1.00 58.02 ? 89  LYS A NZ    1 
ATOM   459  N  N     . THR C 3 36  ? -9.997  -5.382  -14.167 1.00 39.51 ? 90  THR A N     1 
ATOM   460  C  CA    . THR C 3 36  ? -9.256  -5.538  -15.401 1.00 39.83 ? 90  THR A CA    1 
ATOM   461  C  C     . THR C 3 36  ? -7.765  -5.789  -15.302 1.00 44.42 ? 90  THR A C     1 
ATOM   462  O  O     . THR C 3 36  ? -7.161  -6.140  -16.316 1.00 45.31 ? 90  THR A O     1 
ATOM   463  C  CB    . THR C 3 36  ? -9.411  -4.275  -16.242 1.00 40.46 ? 90  THR A CB    1 
ATOM   464  O  OG1   . THR C 3 36  ? -8.695  -3.209  -15.612 1.00 36.52 ? 90  THR A OG1   1 
ATOM   465  C  CG2   . THR C 3 36  ? -10.856 -3.885  -16.377 1.00 41.21 ? 90  THR A CG2   1 
ATOM   466  N  N     . GLY C 3 37  ? -7.144  -5.587  -14.130 1.00 32.04 ? 91  GLY A N     1 
ATOM   467  C  CA    . GLY C 3 37  ? -5.707  -5.660  -14.004 1.00 35.76 ? 91  GLY A CA    1 
ATOM   468  C  C     . GLY C 3 37  ? -4.933  -4.462  -14.528 1.00 30.21 ? 91  GLY A C     1 
ATOM   469  O  O     . GLY C 3 37  ? -3.668  -4.423  -14.418 1.00 36.27 ? 91  GLY A O     1 
ATOM   470  N  N     . GLU C 3 38  ? -5.620  -3.468  -15.051 1.00 31.83 ? 92  GLU A N     1 
ATOM   471  C  CA    . GLU C 3 38  ? -4.955  -2.298  -15.514 1.00 32.94 ? 92  GLU A CA    1 
ATOM   472  C  C     . GLU C 3 38  ? -4.107  -1.675  -14.409 1.00 32.81 ? 92  GLU A C     1 
ATOM   473  O  O     . GLU C 3 38  ? -4.626  -1.408  -13.340 1.00 27.28 ? 92  GLU A O     1 
ATOM   474  C  CB    . GLU C 3 38  ? -5.883  -1.220  -15.981 1.00 33.46 ? 92  GLU A CB    1 
ATOM   475  C  CG    . GLU C 3 38  ? -5.128  -0.135  -16.750 1.00 42.84 ? 92  GLU A CG    1 
ATOM   476  C  CD    . GLU C 3 38  ? -5.982  1.064   -17.139 1.00 46.45 ? 92  GLU A CD    1 
ATOM   477  O  OE1   . GLU C 3 38  ? -7.215  1.044   -16.937 1.00 47.10 ? 92  GLU A OE1   1 
ATOM   478  O  OE2   . GLU C 3 38  ? -5.406  2.025   -17.665 1.00 49.42 ? 92  GLU A OE2   1 
ATOM   479  N  N     . VAL C 3 39  ? -2.866  -1.375  -14.714 1.00 30.30 ? 93  VAL A N     1 
ATOM   480  C  CA    . VAL C 3 39  ? -1.942  -0.783  -13.753 1.00 29.64 ? 93  VAL A CA    1 
ATOM   481  C  C     . VAL C 3 39  ? -2.232  0.682   -13.695 1.00 28.31 ? 93  VAL A C     1 
ATOM   482  O  O     . VAL C 3 39  ? -2.155  1.427   -14.684 1.00 31.21 ? 93  VAL A O     1 
ATOM   483  C  CB    . VAL C 3 39  ? -0.448  -1.033  -14.115 1.00 32.79 ? 93  VAL A CB    1 
ATOM   484  C  CG1   . VAL C 3 39  ? 0.482   -0.409  -13.055 1.00 29.97 ? 93  VAL A CG1   1 
ATOM   485  C  CG2   . VAL C 3 39  ? -0.142  -2.528  -14.159 1.00 36.59 ? 93  VAL A CG2   1 
ATOM   486  N  N     . LEU C 3 40  ? -2.571  1.177   -12.530 1.00 23.26 ? 94  LEU A N     1 
ATOM   487  C  CA    . LEU C 3 40  ? -2.913  2.570   -12.350 1.00 23.50 ? 94  LEU A CA    1 
ATOM   488  C  C     . LEU C 3 40  ? -1.816  3.460   -11.817 1.00 25.78 ? 94  LEU A C     1 
ATOM   489  O  O     . LEU C 3 40  ? -1.815  4.661   -12.077 1.00 26.74 ? 94  LEU A O     1 
ATOM   490  C  CB    . LEU C 3 40  ? -4.162  2.666   -11.460 1.00 26.62 ? 94  LEU A CB    1 
ATOM   491  C  CG    . LEU C 3 40  ? -5.553  2.519   -12.071 1.00 33.71 ? 94  LEU A CG    1 
ATOM   492  C  CD1   . LEU C 3 40  ? -5.691  2.130   -13.539 1.00 34.94 ? 94  LEU A CD1   1 
ATOM   493  C  CD2   . LEU C 3 40  ? -6.524  1.838   -11.095 1.00 31.34 ? 94  LEU A CD2   1 
ATOM   494  N  N     . PHE C 3 41  ? -0.986  2.910   -10.931 1.00 26.21 ? 95  PHE A N     1 
ATOM   495  C  CA    . PHE C 3 41  ? 0.226   3.578   -10.421 1.00 24.21 ? 95  PHE A CA    1 
ATOM   496  C  C     . PHE C 3 41  ? 1.250   2.510   -10.084 1.00 23.04 ? 95  PHE A C     1 
ATOM   497  O  O     . PHE C 3 41  ? 0.866   1.367   -9.762  1.00 23.23 ? 95  PHE A O     1 
ATOM   498  C  CB    . PHE C 3 41  ? -0.094  4.518   -9.281  1.00 23.00 ? 95  PHE A CB    1 
ATOM   499  C  CG    . PHE C 3 41  ? -0.710  3.862   -8.068  1.00 23.03 ? 95  PHE A CG    1 
ATOM   500  C  CD1   . PHE C 3 41  ? 0.101   3.192   -7.133  1.00 23.14 ? 95  PHE A CD1   1 
ATOM   501  C  CD2   . PHE C 3 41  ? -2.058  3.922   -7.855  1.00 21.99 ? 95  PHE A CD2   1 
ATOM   502  C  CE1   . PHE C 3 41  ? -0.459  2.657   -5.965  1.00 23.73 ? 95  PHE A CE1   1 
ATOM   503  C  CE2   . PHE C 3 41  ? -2.626  3.375   -6.712  1.00 24.39 ? 95  PHE A CE2   1 
ATOM   504  C  CZ    . PHE C 3 41  ? -1.841  2.715   -5.797  1.00 23.15 ? 95  PHE A CZ    1 
ATOM   505  N  N     . GLU C 3 42  ? 2.533   2.851   -10.191 1.00 25.70 ? 96  GLU A N     1 
ATOM   506  C  CA    . GLU C 3 42  ? 3.642   1.926   -9.873  1.00 27.61 ? 96  GLU A CA    1 
ATOM   507  C  C     . GLU C 3 42  ? 4.759   2.827   -9.354  1.00 27.22 ? 96  GLU A C     1 
ATOM   508  O  O     . GLU C 3 42  ? 5.151   3.806   -10.029 1.00 25.96 ? 96  GLU A O     1 
ATOM   509  C  CB    . GLU C 3 42  ? 4.140   1.092   -11.076 1.00 33.38 ? 96  GLU A CB    1 
ATOM   510  C  CG    . GLU C 3 42  ? 5.292   0.135   -10.683 1.00 42.97 ? 96  GLU A CG    1 
ATOM   511  C  CD    . GLU C 3 42  ? 5.313   -1.200  -11.419 1.00 49.40 ? 96  GLU A CD    1 
ATOM   512  O  OE1   . GLU C 3 42  ? 5.783   -2.193  -10.839 1.00 52.36 ? 96  GLU A OE1   1 
ATOM   513  O  OE2   . GLU C 3 42  ? 4.860   -1.256  -12.576 1.00 53.56 ? 96  GLU A OE2   1 
ATOM   514  N  N     . ARG C 3 43  ? 5.207   2.578   -8.126  1.00 22.61 ? 97  ARG A N     1 
ATOM   515  C  CA    . ARG C 3 43  ? 6.223   3.359   -7.486  1.00 23.24 ? 97  ARG A CA    1 
ATOM   516  C  C     . ARG C 3 43  ? 7.581   2.867   -7.940  1.00 22.12 ? 97  ARG A C     1 
ATOM   517  O  O     . ARG C 3 43  ? 7.829   1.655   -7.982  1.00 21.73 ? 97  ARG A O     1 
ATOM   518  C  CB    . ARG C 3 43  ? 6.140   3.162   -5.971  1.00 24.87 ? 97  ARG A CB    1 
ATOM   519  C  CG    . ARG C 3 43  ? 7.301   3.639   -5.144  1.00 28.37 ? 97  ARG A CG    1 
ATOM   520  C  CD    . ARG C 3 43  ? 7.494   5.126   -5.246  1.00 30.57 ? 97  ARG A CD    1 
ATOM   521  N  NE    . ARG C 3 43  ? 8.896   5.475   -5.035  1.00 36.21 ? 97  ARG A NE    1 
ATOM   522  C  CZ    . ARG C 3 43  ? 9.301   6.640   -4.555  1.00 38.76 ? 97  ARG A CZ    1 
ATOM   523  N  NH1   . ARG C 3 43  ? 8.430   7.588   -4.238  1.00 36.28 ? 97  ARG A NH1   1 
ATOM   524  N  NH2   . ARG C 3 43  ? 10.595  6.878   -4.405  1.00 38.34 ? 97  ARG A NH2   1 
ATOM   525  N  N     . GLU C 3 44  ? 8.457   3.813   -8.236  1.00 25.41 ? 98  GLU A N     1 
ATOM   526  C  CA    . GLU C 3 44  ? 9.866   3.521   -8.561  1.00 28.05 ? 98  GLU A CA    1 
ATOM   527  C  C     . GLU C 3 44  ? 10.533  2.760   -7.405  1.00 24.93 ? 98  GLU A C     1 
ATOM   528  O  O     . GLU C 3 44  ? 10.339  3.124   -6.284  1.00 23.86 ? 98  GLU A O     1 
ATOM   529  C  CB    . GLU C 3 44  ? 10.597  4.844   -8.759  1.00 30.41 ? 98  GLU A CB    1 
ATOM   530  C  CG    . GLU C 3 44  ? 12.103  4.753   -8.842  1.00 33.17 ? 98  GLU A CG    1 
ATOM   531  C  CD    . GLU C 3 44  ? 12.763  5.981   -9.459  1.00 42.27 ? 98  GLU A CD    1 
ATOM   532  O  OE1   . GLU C 3 44  ? 13.965  5.817   -9.851  1.00 47.01 ? 98  GLU A OE1   1 
ATOM   533  O  OE2   . GLU C 3 44  ? 12.144  7.069   -9.577  1.00 33.08 ? 98  GLU A OE2   1 
ATOM   534  N  N     . PRO C 3 45  ? 11.348  1.733   -7.704  1.00 29.88 ? 99  PRO A N     1 
ATOM   535  C  CA    . PRO C 3 45  ? 11.954  0.918   -6.627  1.00 28.14 ? 99  PRO A CA    1 
ATOM   536  C  C     . PRO C 3 45  ? 12.721  1.762   -5.614  1.00 27.22 ? 99  PRO A C     1 
ATOM   537  O  O     . PRO C 3 45  ? 13.384  2.746   -5.988  1.00 27.70 ? 99  PRO A O     1 
ATOM   538  C  CB    . PRO C 3 45  ? 12.809  -0.080  -7.395  1.00 28.78 ? 99  PRO A CB    1 
ATOM   539  C  CG    . PRO C 3 45  ? 12.162  -0.191  -8.728  1.00 32.34 ? 99  PRO A CG    1 
ATOM   540  C  CD    . PRO C 3 45  ? 11.677  1.192   -9.030  1.00 29.38 ? 99  PRO A CD    1 
ATOM   541  N  N     . ILE C 3 46  ? 12.513  1.478   -4.349  1.00 24.48 ? 100 ILE A N     1 
ATOM   542  C  CA    . ILE C 3 46  ? 13.113  2.136   -3.225  1.00 26.65 ? 100 ILE A CA    1 
ATOM   543  C  C     . ILE C 3 46  ? 14.235  1.178   -2.788  1.00 27.89 ? 100 ILE A C     1 
ATOM   544  O  O     . ILE C 3 46  ? 13.973  -0.025  -2.622  1.00 23.44 ? 100 ILE A O     1 
ATOM   545  C  CB    . ILE C 3 46  ? 12.080  2.307   -2.084  1.00 27.05 ? 100 ILE A CB    1 
ATOM   546  C  CG1   . ILE C 3 46  ? 10.917  3.186   -2.575  1.00 27.07 ? 100 ILE A CG1   1 
ATOM   547  C  CG2   . ILE C 3 46  ? 12.699  2.816   -0.802  1.00 30.39 ? 100 ILE A CG2   1 
ATOM   548  C  CD1   . ILE C 3 46  ? 9.620   2.884   -1.851  1.00 28.97 ? 100 ILE A CD1   1 
ATOM   549  N  N     . PRO C 3 47  ? 15.466  1.695   -2.583  1.00 32.96 ? 101 PRO A N     1 
ATOM   550  C  CA    . PRO C 3 47  ? 16.576  0.716   -2.499  1.00 31.48 ? 101 PRO A CA    1 
ATOM   551  C  C     . PRO C 3 47  ? 16.582  -0.232  -1.323  1.00 28.21 ? 101 PRO A C     1 
ATOM   552  O  O     . PRO C 3 47  ? 17.012  -1.373  -1.486  1.00 27.03 ? 101 PRO A O     1 
ATOM   553  C  CB    . PRO C 3 47  ? 17.829  1.610   -2.485  1.00 33.27 ? 101 PRO A CB    1 
ATOM   554  C  CG    . PRO C 3 47  ? 17.383  2.893   -3.103  1.00 38.11 ? 101 PRO A CG    1 
ATOM   555  C  CD    . PRO C 3 47  ? 15.971  3.081   -2.635  1.00 35.56 ? 101 PRO A CD    1 
ATOM   556  N  N     . ILE C 3 48  ? 16.174  0.216   -0.139  1.00 23.02 ? 102 ILE A N     1 
ATOM   557  C  CA    . ILE C 3 48  ? 15.985  -0.610  1.045   1.00 28.54 ? 102 ILE A CA    1 
ATOM   558  C  C     . ILE C 3 48  ? 14.706  -0.220  1.760   1.00 28.20 ? 102 ILE A C     1 
ATOM   559  O  O     . ILE C 3 48  ? 14.489  0.959   2.148   1.00 28.83 ? 102 ILE A O     1 
ATOM   560  C  CB    . ILE C 3 48  ? 17.166  -0.535  2.096   1.00 31.23 ? 102 ILE A CB    1 
ATOM   561  C  CG1   . ILE C 3 48  ? 18.447  -1.054  1.456   1.00 36.83 ? 102 ILE A CG1   1 
ATOM   562  C  CG2   . ILE C 3 48  ? 16.874  -1.341  3.304   1.00 34.11 ? 102 ILE A CG2   1 
ATOM   563  C  CD1   . ILE C 3 48  ? 19.199  0.009   0.715   1.00 47.83 ? 102 ILE A CD1   1 
ATOM   564  N  N     . GLY C 3 49  ? 13.895  -1.225  1.995   1.00 25.48 ? 103 GLY A N     1 
ATOM   565  C  CA    . GLY C 3 49  ? 12.712  -1.146  2.823   1.00 23.48 ? 103 GLY A CA    1 
ATOM   566  C  C     . GLY C 3 49  ? 12.262  -2.525  3.281   1.00 24.64 ? 103 GLY A C     1 
ATOM   567  O  O     . GLY C 3 49  ? 12.874  -3.547  2.902   1.00 25.24 ? 103 GLY A O     1 
ATOM   568  N  N     . THR C 3 50  ? 11.144  -2.573  3.981   1.00 19.44 ? 104 THR A N     1 
ATOM   569  C  CA    . THR C 3 50  ? 10.593  -3.859  4.454   1.00 21.48 ? 104 THR A CA    1 
ATOM   570  C  C     . THR C 3 50  ? 9.305   -4.076  3.626   1.00 23.65 ? 104 THR A C     1 
ATOM   571  O  O     . THR C 3 50  ? 8.669   -3.126  3.161   1.00 19.18 ? 104 THR A O     1 
ATOM   572  C  CB    . THR C 3 50  ? 10.205  -3.946  5.919   1.00 22.26 ? 104 THR A CB    1 
ATOM   573  O  OG1   . THR C 3 50  ? 9.136   -3.067  6.165   1.00 22.08 ? 104 THR A OG1   1 
ATOM   574  C  CG2   . THR C 3 50  ? 11.429  -3.688  6.898   1.00 21.27 ? 104 THR A CG2   1 
ATOM   575  N  N     . ASN C 3 51  ? 8.935   -5.332  3.516   1.00 20.90 ? 105 ASN A N     1 
ATOM   576  C  CA    . ASN C 3 51  ? 7.608   -5.702  2.979   1.00 20.42 ? 105 ASN A CA    1 
ATOM   577  C  C     . ASN C 3 51  ? 6.477   -4.879  3.567   1.00 19.09 ? 105 ASN A C     1 
ATOM   578  O  O     . ASN C 3 51  ? 5.616   -4.395  2.852   1.00 21.40 ? 105 ASN A O     1 
ATOM   579  C  CB    . ASN C 3 51  ? 7.379   -7.204  3.146   1.00 21.36 ? 105 ASN A CB    1 
ATOM   580  C  CG    . ASN C 3 51  ? 7.267   -7.687  4.607   1.00 24.17 ? 105 ASN A CG    1 
ATOM   581  O  OD1   . ASN C 3 51  ? 7.872   -7.162  5.545   1.00 21.28 ? 105 ASN A OD1   1 
ATOM   582  N  ND2   . ASN C 3 51  ? 6.463   -8.755  4.807   1.00 25.00 ? 105 ASN A ND2   1 
ATOM   583  N  N     . ASN C 3 52  ? 6.386   -4.819  4.879   1.00 18.41 ? 106 ASN A N     1 
ATOM   584  C  CA    . ASN C 3 52  ? 5.258   -4.197  5.508   1.00 17.83 ? 106 ASN A CA    1 
ATOM   585  C  C     . ASN C 3 52  ? 5.234   -2.688  5.238   1.00 18.81 ? 106 ASN A C     1 
ATOM   586  O  O     . ASN C 3 52  ? 4.168   -2.106  5.090   1.00 19.14 ? 106 ASN A O     1 
ATOM   587  C  CB    . ASN C 3 52  ? 5.248   -4.537  6.989   1.00 17.61 ? 106 ASN A CB    1 
ATOM   588  C  CG    . ASN C 3 52  ? 5.041   -6.038  7.221   1.00 19.78 ? 106 ASN A CG    1 
ATOM   589  O  OD1   . ASN C 3 52  ? 4.250   -6.743  6.525   1.00 21.09 ? 106 ASN A OD1   1 
ATOM   590  N  ND2   . ASN C 3 52  ? 5.711   -6.531  8.197   1.00 19.89 ? 106 ASN A ND2   1 
ATOM   591  N  N     . MET C 3 53  ? 6.406   -2.064  5.285   1.00 18.66 ? 107 MET A N     1 
ATOM   592  C  CA    . MET C 3 53  ? 6.487   -0.618  4.920   1.00 18.77 ? 107 MET A CA    1 
ATOM   593  C  C     . MET C 3 53  ? 5.943   -0.432  3.518   1.00 19.08 ? 107 MET A C     1 
ATOM   594  O  O     . MET C 3 53  ? 5.224   0.503   3.231   1.00 19.36 ? 107 MET A O     1 
ATOM   595  C  CB    . MET C 3 53  ? 7.920   -0.083  4.970   1.00 22.03 ? 107 MET A CB    1 
ATOM   596  C  CG    . MET C 3 53  ? 8.453   0.055   6.368   1.00 24.52 ? 107 MET A CG    1 
ATOM   597  S  SD    . MET C 3 53  ? 10.181  0.528   6.222   1.00 32.32 ? 107 MET A SD    1 
ATOM   598  C  CE    . MET C 3 53  ? 10.372  1.685   7.585   1.00 31.80 ? 107 MET A CE    1 
ATOM   599  N  N     . GLY C 3 54  ? 6.360   -1.278  2.595   1.00 18.77 ? 108 GLY A N     1 
ATOM   600  C  CA    . GLY C 3 54  ? 5.860   -1.146  1.236   1.00 18.87 ? 108 GLY A CA    1 
ATOM   601  C  C     . GLY C 3 54  ? 4.365   -1.312  1.118   1.00 18.42 ? 108 GLY A C     1 
ATOM   602  O  O     . GLY C 3 54  ? 3.707   -0.613  0.392   1.00 18.16 ? 108 GLY A O     1 
ATOM   603  N  N     . GLU C 3 55  ? 3.848   -2.302  1.797   1.00 16.93 ? 109 GLU A N     1 
ATOM   604  C  CA    . GLU C 3 55  ? 2.379   -2.577  1.817   1.00 15.97 ? 109 GLU A CA    1 
ATOM   605  C  C     . GLU C 3 55  ? 1.606   -1.377  2.369   1.00 17.05 ? 109 GLU A C     1 
ATOM   606  O  O     . GLU C 3 55  ? 0.552   -0.995  1.837   1.00 18.46 ? 109 GLU A O     1 
ATOM   607  C  CB    . GLU C 3 55  ? 2.038   -3.802  2.660   1.00 18.59 ? 109 GLU A CB    1 
ATOM   608  C  CG    . GLU C 3 55  ? 2.596   -5.129  2.158   1.00 19.04 ? 109 GLU A CG    1 
ATOM   609  C  CD    . GLU C 3 55  ? 1.768   -5.854  1.121   1.00 23.94 ? 109 GLU A CD    1 
ATOM   610  O  OE1   . GLU C 3 55  ? 0.953   -5.212  0.447   1.00 26.88 ? 109 GLU A OE1   1 
ATOM   611  O  OE2   . GLU C 3 55  ? 2.022   -7.116  1.023   1.00 28.50 ? 109 GLU A OE2   1 
ATOM   612  N  N     . PHE C 3 56  ? 2.154   -0.749  3.416   1.00 16.77 ? 110 PHE A N     1 
ATOM   613  C  CA    . PHE C 3 56  ? 1.581   0.486   3.965   1.00 16.77 ? 110 PHE A CA    1 
ATOM   614  C  C     . PHE C 3 56  ? 1.603   1.659   3.002   1.00 17.16 ? 110 PHE A C     1 
ATOM   615  O  O     . PHE C 3 56  ? 0.615   2.311   2.810   1.00 18.50 ? 110 PHE A O     1 
ATOM   616  C  CB    . PHE C 3 56  ? 2.399   0.802   5.232   1.00 17.37 ? 110 PHE A CB    1 
ATOM   617  C  CG    . PHE C 3 56  ? 2.119   2.140   5.847   1.00 16.81 ? 110 PHE A CG    1 
ATOM   618  C  CD1   . PHE C 3 56  ? 0.999   2.284   6.676   1.00 21.90 ? 110 PHE A CD1   1 
ATOM   619  C  CD2   . PHE C 3 56  ? 2.982   3.184   5.678   1.00 19.74 ? 110 PHE A CD2   1 
ATOM   620  C  CE1   . PHE C 3 56  ? 0.718   3.534   7.250   1.00 20.76 ? 110 PHE A CE1   1 
ATOM   621  C  CE2   . PHE C 3 56  ? 2.709   4.445   6.266   1.00 21.43 ? 110 PHE A CE2   1 
ATOM   622  C  CZ    . PHE C 3 56  ? 1.582   4.561   7.058   1.00 20.79 ? 110 PHE A CZ    1 
ATOM   623  N  N     . LEU C 3 57  ? 2.745   1.926   2.391   1.00 16.50 ? 111 LEU A N     1 
ATOM   624  C  CA    . LEU C 3 57  ? 2.910   2.985   1.428   1.00 16.54 ? 111 LEU A CA    1 
ATOM   625  C  C     . LEU C 3 57  ? 1.949   2.756   0.233   1.00 16.35 ? 111 LEU A C     1 
ATOM   626  O  O     . LEU C 3 57  ? 1.432   3.725   -0.340  1.00 17.46 ? 111 LEU A O     1 
ATOM   627  C  CB    . LEU C 3 57  ? 4.357   3.054   0.919   1.00 18.31 ? 111 LEU A CB    1 
ATOM   628  C  CG    . LEU C 3 57  ? 5.401   3.553   1.946   1.00 18.98 ? 111 LEU A CG    1 
ATOM   629  C  CD1   . LEU C 3 57  ? 6.721   3.587   1.256   1.00 20.68 ? 111 LEU A CD1   1 
ATOM   630  C  CD2   . LEU C 3 57  ? 5.013   4.942   2.417   1.00 21.07 ? 111 LEU A CD2   1 
ATOM   631  N  N     . ALA C 3 58  ? 1.787   1.473   -0.153  1.00 15.74 ? 112 ALA A N     1 
ATOM   632  C  CA    . ALA C 3 58  ? 0.869   1.163   -1.271  1.00 17.96 ? 112 ALA A CA    1 
ATOM   633  C  C     . ALA C 3 58  ? -0.574  1.559   -0.949  1.00 18.42 ? 112 ALA A C     1 
ATOM   634  O  O     . ALA C 3 58  ? -1.251  2.164   -1.751  1.00 17.35 ? 112 ALA A O     1 
ATOM   635  C  CB    . ALA C 3 58  ? 0.964   -0.273  -1.617  1.00 17.66 ? 112 ALA A CB    1 
ATOM   636  N  N     . ILE C 3 59  ? -1.027  1.263   0.266   1.00 15.76 ? 113 ILE A N     1 
ATOM   637  C  CA    . ILE C 3 59  ? -2.393  1.620   0.672   1.00 15.75 ? 113 ILE A CA    1 
ATOM   638  C  C     . ILE C 3 59  ? -2.546  3.133   0.694   1.00 17.13 ? 113 ILE A C     1 
ATOM   639  O  O     . ILE C 3 59  ? -3.507  3.676   0.197   1.00 17.93 ? 113 ILE A O     1 
ATOM   640  C  CB    . ILE C 3 59  ? -2.811  1.077   2.009   1.00 15.81 ? 113 ILE A CB    1 
ATOM   641  C  CG1   . ILE C 3 59  ? -2.828  -0.487  1.926   1.00 17.41 ? 113 ILE A CG1   1 
ATOM   642  C  CG2   . ILE C 3 59  ? -4.190  1.564   2.459   1.00 16.19 ? 113 ILE A CG2   1 
ATOM   643  C  CD1   . ILE C 3 59  ? -3.046  -1.193  3.263   1.00 18.83 ? 113 ILE A CD1   1 
ATOM   644  N  N     . VAL C 3 60  ? -1.602  3.818   1.335   1.00 16.76 ? 114 VAL A N     1 
ATOM   645  C  CA    . VAL C 3 60  ? -1.729  5.258   1.442   1.00 17.48 ? 114 VAL A CA    1 
ATOM   646  C  C     . VAL C 3 60  ? -1.665  5.950   0.107   1.00 18.92 ? 114 VAL A C     1 
ATOM   647  O  O     . VAL C 3 60  ? -2.453  6.860   -0.101  1.00 17.05 ? 114 VAL A O     1 
ATOM   648  C  CB    . VAL C 3 60  ? -0.712  5.906   2.434   1.00 18.12 ? 114 VAL A CB    1 
ATOM   649  C  CG1   . VAL C 3 60  ? -0.909  7.446   2.450   1.00 19.68 ? 114 VAL A CG1   1 
ATOM   650  C  CG2   . VAL C 3 60  ? -0.822  5.267   3.780   1.00 18.98 ? 114 VAL A CG2   1 
ATOM   651  N  N     . HIS C 3 61  ? -0.762  5.545   -0.779  1.00 17.24 ? 115 HIS A N     1 
ATOM   652  C  CA    . HIS C 3 61  ? -0.777  5.947   -2.204  1.00 19.00 ? 115 HIS A CA    1 
ATOM   653  C  C     . HIS C 3 61  ? -2.135  5.763   -2.837  1.00 18.50 ? 115 HIS A C     1 
ATOM   654  O  O     . HIS C 3 61  ? -2.669  6.717   -3.411  1.00 18.21 ? 115 HIS A O     1 
ATOM   655  C  CB    . HIS C 3 61  ? 0.266   5.261   -3.067  1.00 19.77 ? 115 HIS A CB    1 
ATOM   656  C  CG    . HIS C 3 61  ? 0.617   6.079   -4.277  1.00 26.62 ? 115 HIS A CG    1 
ATOM   657  N  ND1   . HIS C 3 61  ? -0.080  6.017   -5.467  1.00 28.19 ? 115 HIS A ND1   1 
ATOM   658  C  CD2   . HIS C 3 61  ? 1.448   7.134   -4.387  1.00 31.18 ? 115 HIS A CD2   1 
ATOM   659  C  CE1   . HIS C 3 61  ? 0.364   6.963   -6.288  1.00 24.13 ? 115 HIS A CE1   1 
ATOM   660  N  NE2   . HIS C 3 61  ? 1.322   7.616   -5.673  1.00 36.09 ? 115 HIS A NE2   1 
ATOM   661  N  N     . GLY C 3 62  ? -2.704  4.573   -2.663  1.00 17.48 ? 116 GLY A N     1 
ATOM   662  C  CA    . GLY C 3 62  ? -4.058  4.345   -3.123  1.00 18.40 ? 116 GLY A CA    1 
ATOM   663  C  C     . GLY C 3 62  ? -5.097  5.332   -2.615  1.00 17.45 ? 116 GLY A C     1 
ATOM   664  O  O     . GLY C 3 62  ? -6.003  5.798   -3.349  1.00 19.70 ? 116 GLY A O     1 
ATOM   665  N  N     . LEU C 3 63  ? -5.079  5.640   -1.297  1.00 16.85 ? 117 LEU A N     1 
ATOM   666  C  CA    . LEU C 3 63  ? -5.993  6.595   -0.723  1.00 17.20 ? 117 LEU A CA    1 
ATOM   667  C  C     . LEU C 3 63  ? -5.883  7.937   -1.400  1.00 16.44 ? 117 LEU A C     1 
ATOM   668  O  O     . LEU C 3 63  ? -6.860  8.598   -1.736  1.00 17.33 ? 117 LEU A O     1 
ATOM   669  C  CB    . LEU C 3 63  ? -5.778  6.692   0.785   1.00 18.32 ? 117 LEU A CB    1 
ATOM   670  C  CG    . LEU C 3 63  ? -6.203  5.526   1.667   1.00 19.58 ? 117 LEU A CG    1 
ATOM   671  C  CD1   . LEU C 3 63  ? -5.647  5.735   3.069   1.00 23.00 ? 117 LEU A CD1   1 
ATOM   672  C  CD2   . LEU C 3 63  ? -7.745  5.339   1.689   1.00 20.67 ? 117 LEU A CD2   1 
ATOM   673  N  N     . ARG C 3 64  ? -4.609  8.368   -1.584  1.00 17.82 ? 118 ARG A N     1 
ATOM   674  C  CA    . ARG C 3 64  ? -4.349  9.663   -2.225  1.00 18.07 ? 118 ARG A CA    1 
ATOM   675  C  C     . ARG C 3 64  ? -4.797  9.693   -3.677  1.00 19.30 ? 118 ARG A C     1 
ATOM   676  O  O     . ARG C 3 64  ? -5.386  10.698  -4.115  1.00 19.05 ? 118 ARG A O     1 
ATOM   677  C  CB    . ARG C 3 64  ? -2.848  9.954   -2.085  1.00 19.24 ? 118 ARG A CB    1 
ATOM   678  C  CG    . ARG C 3 64  ? -2.400  10.039  -0.641  1.00 22.53 ? 118 ARG A CG    1 
ATOM   679  C  CD    . ARG C 3 64  ? -0.878  10.339  -0.534  1.00 24.51 ? 118 ARG A CD    1 
ATOM   680  N  NE    . ARG C 3 64  ? -0.609  11.752  -1.045  1.00 28.40 ? 118 ARG A NE    1 
ATOM   681  C  CZ    . ARG C 3 64  ? 0.499   12.427  -0.751  1.00 30.73 ? 118 ARG A CZ    1 
ATOM   682  N  NH1   . ARG C 3 64  ? 1.465   11.862  -0.016  1.00 29.09 ? 118 ARG A NH1   1 
ATOM   683  N  NH2   . ARG C 3 64  ? 0.627   13.705  -1.161  1.00 33.09 ? 118 ARG A NH2   1 
ATOM   684  N  N     . TYR C 3 65  ? -4.604  8.571   -4.350  1.00 18.04 ? 119 TYR A N     1 
ATOM   685  C  CA    . TYR C 3 65  ? -4.891  8.408   -5.789  1.00 18.80 ? 119 TYR A CA    1 
ATOM   686  C  C     . TYR C 3 65  ? -6.432  8.545   -5.986  1.00 19.83 ? 119 TYR A C     1 
ATOM   687  O  O     . TYR C 3 65  ? -6.899  9.275   -6.840  1.00 18.75 ? 119 TYR A O     1 
ATOM   688  C  CB    . TYR C 3 65  ? -4.342  7.097   -6.271  1.00 19.52 ? 119 TYR A CB    1 
ATOM   689  C  CG    . TYR C 3 65  ? -4.720  6.803   -7.685  1.00 20.76 ? 119 TYR A CG    1 
ATOM   690  C  CD1   . TYR C 3 65  ? -5.884  6.174   -7.970  1.00 21.19 ? 119 TYR A CD1   1 
ATOM   691  C  CD2   . TYR C 3 65  ? -3.823  7.097   -8.732  1.00 26.05 ? 119 TYR A CD2   1 
ATOM   692  C  CE1   . TYR C 3 65  ? -6.203  5.894   -9.290  1.00 22.97 ? 119 TYR A CE1   1 
ATOM   693  C  CE2   . TYR C 3 65  ? -4.134  6.856   -10.027 1.00 22.52 ? 119 TYR A CE2   1 
ATOM   694  C  CZ    . TYR C 3 65  ? -5.307  6.231   -10.286 1.00 26.09 ? 119 TYR A CZ    1 
ATOM   695  O  OH    . TYR C 3 65  ? -5.707  5.967   -11.586 1.00 27.95 ? 119 TYR A OH    1 
ATOM   696  N  N     . LEU C 3 66  ? -7.168  7.836   -5.144  1.00 18.42 ? 120 LEU A N     1 
ATOM   697  C  CA    . LEU C 3 66  ? -8.671  7.862   -5.216  1.00 17.60 ? 120 LEU A CA    1 
ATOM   698  C  C     . LEU C 3 66  ? -9.233  9.187   -4.769  1.00 18.58 ? 120 LEU A C     1 
ATOM   699  O  O     . LEU C 3 66  ? -10.140 9.691   -5.357  1.00 20.92 ? 120 LEU A O     1 
ATOM   700  C  CB    . LEU C 3 66  ? -9.175  6.702   -4.356  1.00 19.38 ? 120 LEU A CB    1 
ATOM   701  C  CG    . LEU C 3 66  ? -8.838  5.311   -4.889  1.00 18.02 ? 120 LEU A CG    1 
ATOM   702  C  CD1   . LEU C 3 66  ? -9.252  4.231   -3.951  1.00 21.03 ? 120 LEU A CD1   1 
ATOM   703  C  CD2   . LEU C 3 66  ? -9.399  5.053   -6.266  1.00 21.31 ? 120 LEU A CD2   1 
ATOM   704  N  N     . LYS C 3 67  ? -8.668  9.795   -3.732  1.00 18.72 ? 121 LYS A N     1 
ATOM   705  C  CA    . LYS C 3 67  ? -9.108  11.064  -3.257  1.00 21.16 ? 121 LYS A CA    1 
ATOM   706  C  C     . LYS C 3 67  ? -8.963  12.107  -4.300  1.00 23.31 ? 121 LYS A C     1 
ATOM   707  O  O     . LYS C 3 67  ? -9.910  12.878  -4.520  1.00 24.40 ? 121 LYS A O     1 
ATOM   708  C  CB    . LYS C 3 67  ? -8.416  11.457  -1.967  1.00 21.24 ? 121 LYS A CB    1 
ATOM   709  C  CG    . LYS C 3 67  ? -9.001  12.742  -1.340  1.00 25.41 ? 121 LYS A CG    1 
ATOM   710  C  CD    . LYS C 3 67  ? -8.437  13.154  -0.034  1.00 29.46 ? 121 LYS A CD    1 
ATOM   711  C  CE    . LYS C 3 67  ? -9.121  14.410  0.512   1.00 32.66 ? 121 LYS A CE    1 
ATOM   712  N  NZ    . LYS C 3 67  ? -10.422 14.126  1.162   1.00 29.06 ? 121 LYS A NZ    1 
ATOM   713  N  N     . GLU C 3 68  ? -7.817  12.160  -4.943  1.00 23.03 ? 122 GLU A N     1 
ATOM   714  C  CA    . GLU C 3 68  ? -7.565  13.238  -5.964  1.00 27.11 ? 122 GLU A CA    1 
ATOM   715  C  C     . GLU C 3 68  ? -8.491  13.086  -7.169  1.00 26.47 ? 122 GLU A C     1 
ATOM   716  O  O     . GLU C 3 68  ? -8.774  14.089  -7.858  1.00 27.69 ? 122 GLU A O     1 
ATOM   717  C  CB    . GLU C 3 68  ? -6.080  13.372  -6.346  1.00 36.47 ? 122 GLU A CB    1 
ATOM   718  C  CG    . GLU C 3 68  ? -5.346  12.217  -7.054  1.00 46.51 ? 122 GLU A CG    1 
ATOM   719  C  CD    . GLU C 3 68  ? -3.739  12.259  -7.024  1.00 59.47 ? 122 GLU A CD    1 
ATOM   720  O  OE1   . GLU C 3 68  ? -3.215  13.387  -6.850  1.00 71.10 ? 122 GLU A OE1   1 
ATOM   721  O  OE2   . GLU C 3 68  ? -2.978  11.196  -7.208  1.00 49.21 ? 122 GLU A OE2   1 
ATOM   722  N  N     . ARG C 3 69  ? -8.922  11.875  -7.462  1.00 25.44 ? 123 ARG A N     1 
ATOM   723  C  CA    . ARG C 3 69  ? -9.870  11.516  -8.550  1.00 23.64 ? 123 ARG A CA    1 
ATOM   724  C  C     . ARG C 3 69  ? -11.350 11.474  -8.177  1.00 22.66 ? 123 ARG A C     1 
ATOM   725  O  O     . ARG C 3 69  ? -12.205 11.091  -9.012  1.00 23.36 ? 123 ARG A O     1 
ATOM   726  C  CB    . ARG C 3 69  ? -9.419  10.232  -9.188  1.00 26.36 ? 123 ARG A CB    1 
ATOM   727  C  CG    . ARG C 3 69  ? -8.078  10.508  -9.860  1.00 29.62 ? 123 ARG A CG    1 
ATOM   728  C  CD    . ARG C 3 69  ? -7.413  9.228   -10.242 1.00 28.67 ? 123 ARG A CD    1 
ATOM   729  N  NE    . ARG C 3 69  ? -6.148  9.472   -10.923 1.00 25.86 ? 123 ARG A NE    1 
ATOM   730  C  CZ    . ARG C 3 69  ? -5.049  9.956   -10.343 1.00 30.77 ? 123 ARG A CZ    1 
ATOM   731  N  NH1   . ARG C 3 69  ? -5.031  10.240  -9.034  1.00 26.24 ? 123 ARG A NH1   1 
ATOM   732  N  NH2   . ARG C 3 69  ? -3.909  10.180  -11.052 1.00 32.13 ? 123 ARG A NH2   1 
ATOM   733  N  N     . ASN C 3 70  ? -11.682 11.865  -6.957  1.00 20.49 ? 124 ASN A N     1 
ATOM   734  C  CA    . ASN C 3 70  ? -13.033 11.870  -6.434  1.00 23.85 ? 124 ASN A CA    1 
ATOM   735  C  C     . ASN C 3 70  ? -13.725 10.500  -6.577  1.00 26.72 ? 124 ASN A C     1 
ATOM   736  O  O     . ASN C 3 70  ? -14.896 10.429  -6.985  1.00 26.66 ? 124 ASN A O     1 
ATOM   737  C  CB    . ASN C 3 70  ? -13.868 12.979  -7.082  1.00 25.95 ? 124 ASN A CB    1 
ATOM   738  C  CG    . ASN C 3 70  ? -13.426 14.361  -6.672  1.00 29.56 ? 124 ASN A CG    1 
ATOM   739  O  OD1   . ASN C 3 70  ? -13.182 15.225  -7.503  1.00 38.64 ? 124 ASN A OD1   1 
ATOM   740  N  ND2   . ASN C 3 70  ? -13.350 14.583  -5.422  1.00 29.88 ? 124 ASN A ND2   1 
ATOM   741  N  N     . SER C 3 71  ? -12.993 9.416   -6.263  1.00 22.05 ? 125 SER A N     1 
ATOM   742  C  CA    . SER C 3 71  ? -13.468 8.086   -6.396  1.00 20.78 ? 125 SER A CA    1 
ATOM   743  C  C     . SER C 3 71  ? -13.748 7.489   -5.049  1.00 22.40 ? 125 SER A C     1 
ATOM   744  O  O     . SER C 3 71  ? -12.947 7.593   -4.130  1.00 19.37 ? 125 SER A O     1 
ATOM   745  C  CB    . SER C 3 71  ? -12.493 7.158   -7.134  1.00 21.01 ? 125 SER A CB    1 
ATOM   746  O  OG    . SER C 3 71  ? -12.912 5.807   -7.129  1.00 20.07 ? 125 SER A OG    1 
ATOM   747  N  N     . ARG C 3 72  ? -14.896 6.821   -4.969  1.00 18.33 ? 126 ARG A N     1 
ATOM   748  C  CA    . ARG C 3 72  ? -15.320 6.203   -3.705  1.00 19.47 ? 126 ARG A CA    1 
ATOM   749  C  C     . ARG C 3 72  ? -14.985 4.738   -3.647  1.00 19.13 ? 126 ARG A C     1 
ATOM   750  O  O     . ARG C 3 72  ? -15.398 4.045   -2.686  1.00 20.66 ? 126 ARG A O     1 
ATOM   751  C  CB    . ARG C 3 72  ? -16.807 6.456   -3.470  1.00 19.97 ? 126 ARG A CB    1 
ATOM   752  C  CG    . ARG C 3 72  ? -17.110 7.879   -2.968  1.00 20.84 ? 126 ARG A CG    1 
ATOM   753  C  CD    . ARG C 3 72  ? -18.576 8.179   -2.941  1.00 21.28 ? 126 ARG A CD    1 
ATOM   754  N  NE    . ARG C 3 72  ? -19.331 7.307   -2.048  1.00 22.35 ? 126 ARG A NE    1 
ATOM   755  C  CZ    . ARG C 3 72  ? -19.393 7.411   -0.730  1.00 26.38 ? 126 ARG A CZ    1 
ATOM   756  N  NH1   . ARG C 3 72  ? -18.743 8.376   -0.076  1.00 26.63 ? 126 ARG A NH1   1 
ATOM   757  N  NH2   . ARG C 3 72  ? -20.121 6.530   -0.054  1.00 25.80 ? 126 ARG A NH2   1 
ATOM   758  N  N     . LYS C 3 73  ? -14.232 4.224   -4.618  1.00 17.30 ? 127 LYS A N     1 
ATOM   759  C  CA    . LYS C 3 73  ? -13.873 2.791   -4.637  1.00 18.78 ? 127 LYS A CA    1 
ATOM   760  C  C     . LYS C 3 73  ? -13.153 2.338   -3.387  1.00 18.74 ? 127 LYS A C     1 
ATOM   761  O  O     . LYS C 3 73  ? -12.315 3.080   -2.866  1.00 20.63 ? 127 LYS A O     1 
ATOM   762  C  CB    . LYS C 3 73  ? -12.946 2.474   -5.812  1.00 23.68 ? 127 LYS A CB    1 
ATOM   763  C  CG    . LYS C 3 73  ? -13.619 2.420   -7.148  1.00 27.36 ? 127 LYS A CG    1 
ATOM   764  C  CD    . LYS C 3 73  ? -12.654 2.351   -8.279  1.00 31.98 ? 127 LYS A CD    1 
ATOM   765  C  CE    . LYS C 3 73  ? -13.479 2.490   -9.582  1.00 36.37 ? 127 LYS A CE    1 
ATOM   766  N  NZ    . LYS C 3 73  ? -12.604 2.070   -10.663 1.00 40.13 ? 127 LYS A NZ    1 
ATOM   767  N  N     . PRO C 3 74  ? -13.413 1.114   -2.926  1.00 17.73 ? 128 PRO A N     1 
ATOM   768  C  CA    . PRO C 3 74  ? -12.539 0.613   -1.835  1.00 20.12 ? 128 PRO A CA    1 
ATOM   769  C  C     . PRO C 3 74  ? -11.189 0.173   -2.360  1.00 20.96 ? 128 PRO A C     1 
ATOM   770  O  O     . PRO C 3 74  ? -10.985 0.102   -3.596  1.00 18.39 ? 128 PRO A O     1 
ATOM   771  C  CB    . PRO C 3 74  ? -13.264 -0.654  -1.310  1.00 21.54 ? 128 PRO A CB    1 
ATOM   772  C  CG    . PRO C 3 74  ? -14.456 -0.835  -2.197  1.00 23.42 ? 128 PRO A CG    1 
ATOM   773  C  CD    . PRO C 3 74  ? -14.510 0.209   -3.277  1.00 21.02 ? 128 PRO A CD    1 
ATOM   774  N  N     . ILE C 3 75  ? -10.268 -0.043  -1.411  1.00 17.43 ? 129 ILE A N     1 
ATOM   775  C  CA    . ILE C 3 75  ? -8.951  -0.568  -1.658  1.00 16.03 ? 129 ILE A CA    1 
ATOM   776  C  C     . ILE C 3 75  ? -8.884  -1.970  -1.046  1.00 18.68 ? 129 ILE A C     1 
ATOM   777  O  O     . ILE C 3 75  ? -9.224  -2.149  0.105   1.00 20.08 ? 129 ILE A O     1 
ATOM   778  C  CB    . ILE C 3 75  ? -7.839  0.315   -0.994  1.00 15.79 ? 129 ILE A CB    1 
ATOM   779  C  CG1   . ILE C 3 75  ? -7.827  1.694   -1.636  1.00 18.42 ? 129 ILE A CG1   1 
ATOM   780  C  CG2   . ILE C 3 75  ? -6.516  -0.354  -1.205  1.00 17.26 ? 129 ILE A CG2   1 
ATOM   781  C  CD1   . ILE C 3 75  ? -6.924  2.746   -0.977  1.00 21.07 ? 129 ILE A CD1   1 
ATOM   782  N  N     . TYR C 3 76  ? -8.370  -2.889  -1.814  1.00 16.55 ? 130 TYR A N     1 
ATOM   783  C  CA    . TYR C 3 76  ? -7.973  -4.219  -1.361  1.00 15.54 ? 130 TYR A CA    1 
ATOM   784  C  C     . TYR C 3 76  ? -6.466  -4.247  -1.099  1.00 18.42 ? 130 TYR A C     1 
ATOM   785  O  O     . TYR C 3 76  ? -5.625  -3.893  -1.972  1.00 17.26 ? 130 TYR A O     1 
ATOM   786  C  CB    . TYR C 3 76  ? -8.309  -5.327  -2.375  1.00 16.93 ? 130 TYR A CB    1 
ATOM   787  C  CG    . TYR C 3 76  ? -9.733  -5.822  -2.274  1.00 16.73 ? 130 TYR A CG    1 
ATOM   788  C  CD1   . TYR C 3 76  ? -10.176 -6.599  -1.135  1.00 18.93 ? 130 TYR A CD1   1 
ATOM   789  C  CD2   . TYR C 3 76  ? -10.589 -5.640  -3.314  1.00 20.00 ? 130 TYR A CD2   1 
ATOM   790  C  CE1   . TYR C 3 76  ? -11.489 -7.017  -1.052  1.00 19.01 ? 130 TYR A CE1   1 
ATOM   791  C  CE2   . TYR C 3 76  ? -11.860 -6.095  -3.257  1.00 20.19 ? 130 TYR A CE2   1 
ATOM   792  C  CZ    . TYR C 3 76  ? -12.306 -6.809  -2.115  1.00 20.37 ? 130 TYR A CZ    1 
ATOM   793  O  OH    . TYR C 3 76  ? -13.633 -7.227  -2.096  1.00 24.11 ? 130 TYR A OH    1 
ATOM   794  N  N     . SER C 3 77  ? -6.090  -4.782  0.067   1.00 16.83 ? 131 SER A N     1 
ATOM   795  C  CA    . SER C 3 77  ? -4.702  -5.135  0.378   1.00 16.43 ? 131 SER A CA    1 
ATOM   796  C  C     . SER C 3 77  ? -4.702  -6.576  0.958   1.00 17.20 ? 131 SER A C     1 
ATOM   797  O  O     . SER C 3 77  ? -5.684  -6.928  1.658   1.00 19.60 ? 131 SER A O     1 
ATOM   798  C  CB    . SER C 3 77  ? -4.193  -4.216  1.446   1.00 18.60 ? 131 SER A CB    1 
ATOM   799  O  OG    . SER C 3 77  ? -2.887  -4.597  1.866   1.00 19.57 ? 131 SER A OG    1 
ATOM   800  N  N     . ASN C 3 78  ? -3.641  -7.302  0.764   1.00 17.61 ? 132 ASN A N     1 
ATOM   801  C  CA    . ASN C 3 78  ? -3.554  -8.641  1.439   1.00 19.31 ? 132 ASN A CA    1 
ATOM   802  C  C     . ASN C 3 78  ? -2.827  -8.580  2.763   1.00 18.69 ? 132 ASN A C     1 
ATOM   803  O  O     . ASN C 3 78  ? -2.566  -9.637  3.402   1.00 22.67 ? 132 ASN A O     1 
ATOM   804  C  CB    . ASN C 3 78  ? -3.032  -9.710  0.519   1.00 22.27 ? 132 ASN A CB    1 
ATOM   805  C  CG    . ASN C 3 78  ? -1.626  -9.530  0.137   1.00 24.25 ? 132 ASN A CG    1 
ATOM   806  O  OD1   . ASN C 3 78  ? -0.866  -8.775  0.771   1.00 27.06 ? 132 ASN A OD1   1 
ATOM   807  N  ND2   . ASN C 3 78  ? -1.202  -10.269 -0.910  1.00 30.50 ? 132 ASN A ND2   1 
ATOM   808  N  N     . SER C 3 79  ? -2.490  -7.357  3.202   1.00 19.10 ? 133 SER A N     1 
ATOM   809  C  CA    . SER C 3 79  ? -1.541  -7.179  4.299   1.00 20.15 ? 133 SER A CA    1 
ATOM   810  C  C     . SER C 3 79  ? -2.307  -6.830  5.570   1.00 20.42 ? 133 SER A C     1 
ATOM   811  O  O     . SER C 3 79  ? -2.680  -5.661  5.783   1.00 19.50 ? 133 SER A O     1 
ATOM   812  C  CB    . SER C 3 79  ? -0.533  -6.079  3.965   1.00 18.47 ? 133 SER A CB    1 
ATOM   813  O  OG    . SER C 3 79  ? 0.361   -5.831  5.079   1.00 17.95 ? 133 SER A OG    1 
ATOM   814  N  N     . GLN C 3 80  ? -2.425  -7.802  6.470   1.00 20.07 ? 134 GLN A N     1 
ATOM   815  C  CA    . GLN C 3 80  ? -3.012  -7.515  7.807   1.00 23.65 ? 134 GLN A CA    1 
ATOM   816  C  C     . GLN C 3 80  ? -2.252  -6.432  8.555   1.00 18.21 ? 134 GLN A C     1 
ATOM   817  O  O     . GLN C 3 80  ? -2.883  -5.535  9.179   1.00 22.32 ? 134 GLN A O     1 
ATOM   818  C  CB    . GLN C 3 80  ? -3.084  -8.818  8.629   1.00 29.76 ? 134 GLN A CB    1 
ATOM   819  C  CG    . GLN C 3 80  ? -4.031  -9.807  7.979   1.00 40.09 ? 134 GLN A CG    1 
ATOM   820  C  CD    . GLN C 3 80  ? -4.558  -11.024 8.779   1.00 46.95 ? 134 GLN A CD    1 
ATOM   821  O  OE1   . GLN C 3 80  ? -3.945  -11.567 9.786   1.00 47.69 ? 134 GLN A OE1   1 
ATOM   822  N  NE2   . GLN C 3 80  ? -5.710  -11.515 8.270   1.00 39.05 ? 134 GLN A NE2   1 
ATOM   823  N  N     . THR C 3 81  ? -0.951  -6.399  8.417   1.00 18.01 ? 135 THR A N     1 
ATOM   824  C  CA    . THR C 3 81  ? -0.083  -5.422  9.092   1.00 17.08 ? 135 THR A CA    1 
ATOM   825  C  C     . THR C 3 81  ? -0.384  -4.056  8.568   1.00 20.80 ? 135 THR A C     1 
ATOM   826  O  O     . THR C 3 81  ? -0.635  -3.159  9.321   1.00 20.07 ? 135 THR A O     1 
ATOM   827  C  CB    . THR C 3 81  ? 1.381   -5.762  8.956   1.00 20.73 ? 135 THR A CB    1 
ATOM   828  O  OG1   . THR C 3 81  ? 1.649   -7.038  9.612   1.00 24.17 ? 135 THR A OG1   1 
ATOM   829  C  CG2   . THR C 3 81  ? 2.351   -4.720  9.445   1.00 22.58 ? 135 THR A CG2   1 
ATOM   830  N  N     . ALA C 3 82  ? -0.269  -3.905  7.254   1.00 16.37 ? 136 ALA A N     1 
ATOM   831  C  CA    . ALA C 3 82  ? -0.445  -2.589  6.671   1.00 16.51 ? 136 ALA A CA    1 
ATOM   832  C  C     . ALA C 3 82  ? -1.861  -2.034  6.876   1.00 16.86 ? 136 ALA A C     1 
ATOM   833  O  O     . ALA C 3 82  ? -2.013  -0.777  7.071   1.00 19.44 ? 136 ALA A O     1 
ATOM   834  C  CB    . ALA C 3 82  ? -0.132  -2.677  5.181   1.00 18.94 ? 136 ALA A CB    1 
ATOM   835  N  N     . ILE C 3 83  ? -2.877  -2.852  6.871   1.00 17.87 ? 137 ILE A N     1 
ATOM   836  C  CA    . ILE C 3 83  ? -4.239  -2.443  7.055   1.00 18.82 ? 137 ILE A CA    1 
ATOM   837  C  C     . ILE C 3 83  ? -4.347  -1.804  8.487   1.00 22.49 ? 137 ILE A C     1 
ATOM   838  O  O     . ILE C 3 83  ? -4.889  -0.720  8.668   1.00 23.28 ? 137 ILE A O     1 
ATOM   839  C  CB    . ILE C 3 83  ? -5.217  -3.565  6.810   1.00 19.46 ? 137 ILE A CB    1 
ATOM   840  C  CG1   . ILE C 3 83  ? -5.238  -3.930  5.327   1.00 21.10 ? 137 ILE A CG1   1 
ATOM   841  C  CG2   . ILE C 3 83  ? -6.626  -3.215  7.251   1.00 23.45 ? 137 ILE A CG2   1 
ATOM   842  C  CD1   . ILE C 3 83  ? -6.129  -5.105  4.989   1.00 22.03 ? 137 ILE A CD1   1 
ATOM   843  N  N     . LYS C 3 84  ? -3.710  -2.456  9.412   1.00 22.70 ? 138 LYS A N     1 
ATOM   844  C  CA    . LYS C 3 84  ? -3.693  -1.927  10.779  1.00 23.15 ? 138 LYS A CA    1 
ATOM   845  C  C     . LYS C 3 84  ? -2.932  -0.674  10.938  1.00 24.98 ? 138 LYS A C     1 
ATOM   846  O  O     . LYS C 3 84  ? -3.392  0.247   11.616  1.00 26.91 ? 138 LYS A O     1 
ATOM   847  C  CB    . LYS C 3 84  ? -3.106  -2.939  11.693  1.00 25.74 ? 138 LYS A CB    1 
ATOM   848  C  CG    . LYS C 3 84  ? -3.195  -2.517  13.173  1.00 27.67 ? 138 LYS A CG    1 
ATOM   849  C  CD    . LYS C 3 84  ? -2.548  -3.528  14.047  1.00 31.11 ? 138 LYS A CD    1 
ATOM   850  C  CE    . LYS C 3 84  ? -2.830  -3.153  15.527  1.00 35.56 ? 138 LYS A CE    1 
ATOM   851  N  NZ    . LYS C 3 84  ? -2.198  -1.893  15.944  1.00 37.53 ? 138 LYS A NZ    1 
ATOM   852  N  N     . TRP C 3 85  ? -1.716  -0.606  10.381  1.00 20.23 ? 139 TRP A N     1 
ATOM   853  C  CA    . TRP C 3 85  ? -0.938  0.593   10.411  1.00 19.84 ? 139 TRP A CA    1 
ATOM   854  C  C     . TRP C 3 85  ? -1.732  1.774   9.820   1.00 21.68 ? 139 TRP A C     1 
ATOM   855  O  O     . TRP C 3 85  ? -1.699  2.860   10.346  1.00 21.34 ? 139 TRP A O     1 
ATOM   856  C  CB    . TRP C 3 85  ? 0.361   0.419   9.676   1.00 20.76 ? 139 TRP A CB    1 
ATOM   857  C  CG    . TRP C 3 85  ? 1.358   -0.562  10.316  1.00 21.92 ? 139 TRP A CG    1 
ATOM   858  C  CD1   . TRP C 3 85  ? 1.273   -1.159  11.547  1.00 23.91 ? 139 TRP A CD1   1 
ATOM   859  C  CD2   . TRP C 3 85  ? 2.646   -0.866  9.831   1.00 21.60 ? 139 TRP A CD2   1 
ATOM   860  N  NE1   . TRP C 3 85  ? 2.338   -1.889  11.781  1.00 23.04 ? 139 TRP A NE1   1 
ATOM   861  C  CE2   . TRP C 3 85  ? 3.240   -1.730  10.785  1.00 21.94 ? 139 TRP A CE2   1 
ATOM   862  C  CE3   . TRP C 3 85  ? 3.362   -0.526  8.684   1.00 21.69 ? 139 TRP A CE3   1 
ATOM   863  C  CZ2   . TRP C 3 85  ? 4.504   -2.269  10.615  1.00 23.41 ? 139 TRP A CZ2   1 
ATOM   864  C  CZ3   . TRP C 3 85  ? 4.633   -1.046  8.507   1.00 23.20 ? 139 TRP A CZ3   1 
ATOM   865  C  CH2   . TRP C 3 85  ? 5.175   -1.947  9.459   1.00 22.72 ? 139 TRP A CH2   1 
ATOM   866  N  N     . VAL C 3 86  ? -2.464  1.565   8.720   1.00 18.97 ? 140 VAL A N     1 
ATOM   867  C  CA    . VAL C 3 86  ? -3.175  2.687   8.131   1.00 19.91 ? 140 VAL A CA    1 
ATOM   868  C  C     . VAL C 3 86  ? -4.299  3.128   9.083   1.00 23.92 ? 140 VAL A C     1 
ATOM   869  O  O     . VAL C 3 86  ? -4.473  4.319   9.317   1.00 22.61 ? 140 VAL A O     1 
ATOM   870  C  CB    . VAL C 3 86  ? -3.783  2.333   6.734   1.00 20.89 ? 140 VAL A CB    1 
ATOM   871  C  CG1   . VAL C 3 86  ? -4.631  3.492   6.205   1.00 22.34 ? 140 VAL A CG1   1 
ATOM   872  C  CG2   . VAL C 3 86  ? -2.648  2.137   5.813   1.00 18.38 ? 140 VAL A CG2   1 
ATOM   873  N  N     . LYS C 3 87  ? -4.996  2.164   9.663   1.00 24.87 ? 141 LYS A N     1 
ATOM   874  C  CA    . LYS C 3 87  ? -6.078  2.421   10.637  1.00 27.13 ? 141 LYS A CA    1 
ATOM   875  C  C     . LYS C 3 87  ? -5.550  3.216   11.833  1.00 27.43 ? 141 LYS A C     1 
ATOM   876  O  O     . LYS C 3 87  ? -6.177  4.214   12.259  1.00 27.69 ? 141 LYS A O     1 
ATOM   877  C  CB    . LYS C 3 87  ? -6.692  1.125   11.103  1.00 28.94 ? 141 LYS A CB    1 
ATOM   878  C  CG    . LYS C 3 87  ? -7.886  1.368   12.030  1.00 38.99 ? 141 LYS A CG    1 
ATOM   879  C  CD    . LYS C 3 87  ? -7.974  0.251   13.020  1.00 43.80 ? 141 LYS A CD    1 
ATOM   880  C  CE    . LYS C 3 87  ? -9.226  0.363   13.852  1.00 53.44 ? 141 LYS A CE    1 
ATOM   881  N  NZ    . LYS C 3 87  ? -9.359  -0.963  14.512  1.00 61.72 ? 141 LYS A NZ    1 
ATOM   882  N  N     . ASP C 3 88  ? -4.385  2.833   12.320  1.00 27.80 ? 142 ASP A N     1 
ATOM   883  C  CA    . ASP C 3 88  ? -3.735  3.553   13.430  1.00 28.46 ? 142 ASP A CA    1 
ATOM   884  C  C     . ASP C 3 88  ? -3.067  4.889   13.038  1.00 31.79 ? 142 ASP A C     1 
ATOM   885  O  O     . ASP C 3 88  ? -2.596  5.619   13.920  1.00 28.08 ? 142 ASP A O     1 
ATOM   886  C  CB    . ASP C 3 88  ? -2.645  2.655   14.037  1.00 29.15 ? 142 ASP A CB    1 
ATOM   887  C  CG    . ASP C 3 88  ? -3.197  1.372   14.652  1.00 28.24 ? 142 ASP A CG    1 
ATOM   888  O  OD1   . ASP C 3 88  ? -4.418  1.220   14.867  1.00 33.32 ? 142 ASP A OD1   1 
ATOM   889  O  OD2   . ASP C 3 88  ? -2.378  0.439   14.897  1.00 32.81 ? 142 ASP A OD2   1 
ATOM   890  N  N     . LYS C 3 89  ? -2.909  5.184   11.737  1.00 25.81 ? 143 LYS A N     1 
ATOM   891  C  CA    . LYS C 3 89  ? -2.057  6.285   11.237  1.00 28.42 ? 143 LYS A CA    1 
ATOM   892  C  C     . LYS C 3 89  ? -0.615  6.234   11.717  1.00 29.75 ? 143 LYS A C     1 
ATOM   893  O  O     . LYS C 3 89  ? 0.030   7.257   11.974  1.00 30.33 ? 143 LYS A O     1 
ATOM   894  C  CB    . LYS C 3 89  ? -2.702  7.676   11.463  1.00 26.40 ? 143 LYS A CB    1 
ATOM   895  C  CG    . LYS C 3 89  ? -4.115  7.733   10.981  1.00 29.12 ? 143 LYS A CG    1 
ATOM   896  C  CD    . LYS C 3 89  ? -4.649  9.181   11.069  1.00 31.38 ? 143 LYS A CD    1 
ATOM   897  C  CE    . LYS C 3 89  ? -5.904  9.354   10.255  1.00 34.84 ? 143 LYS A CE    1 
ATOM   898  N  NZ    . LYS C 3 89  ? -7.046  8.768   10.909  1.00 44.51 ? 143 LYS A NZ    1 
ATOM   899  N  N     . LYS C 3 90  ? -0.087  5.015   11.808  1.00 27.91 ? 144 LYS A N     1 
ATOM   900  C  CA    . LYS C 3 90  ? 1.211   4.802   12.414  1.00 30.91 ? 144 LYS A CA    1 
ATOM   901  C  C     . LYS C 3 90  ? 1.827   3.473   11.945  1.00 24.11 ? 144 LYS A C     1 
ATOM   902  O  O     . LYS C 3 90  ? 1.324   2.459   12.290  1.00 26.21 ? 144 LYS A O     1 
ATOM   903  C  CB    . LYS C 3 90  ? 1.042   4.771   13.936  1.00 31.06 ? 144 LYS A CB    1 
ATOM   904  C  CG    . LYS C 3 90  ? 2.339   4.481   14.714  1.00 40.96 ? 144 LYS A CG    1 
ATOM   905  C  CD    . LYS C 3 90  ? 3.326   5.626   14.509  1.00 48.75 ? 144 LYS A CD    1 
ATOM   906  C  CE    . LYS C 3 90  ? 4.629   5.394   15.266  1.00 56.77 ? 144 LYS A CE    1 
ATOM   907  N  NZ    . LYS C 3 90  ? 5.417   6.651   15.289  1.00 60.01 ? 144 LYS A NZ    1 
ATOM   908  N  N     . ALA C 3 91  ? 2.934   3.561   11.270  1.00 24.85 ? 145 ALA A N     1 
ATOM   909  C  CA    . ALA C 3 91  ? 3.686   2.400   10.792  1.00 28.04 ? 145 ALA A CA    1 
ATOM   910  C  C     . ALA C 3 91  ? 4.729   1.951   11.768  1.00 27.89 ? 145 ALA A C     1 
ATOM   911  O  O     . ALA C 3 91  ? 5.840   2.480   11.754  1.00 34.67 ? 145 ALA A O     1 
ATOM   912  C  CB    . ALA C 3 91  ? 4.350   2.735   9.478   1.00 30.76 ? 145 ALA A CB    1 
ATOM   913  N  N     . LYS C 3 92  ? 4.402   0.907   12.511  1.00 25.82 ? 146 LYS A N     1 
ATOM   914  C  CA    . LYS C 3 92  ? 5.292   0.357   13.561  1.00 29.06 ? 146 LYS A CA    1 
ATOM   915  C  C     . LYS C 3 92  ? 6.412   -0.592  13.044  1.00 24.73 ? 146 LYS A C     1 
ATOM   916  O  O     . LYS C 3 92  ? 6.521   -1.725  13.461  1.00 26.15 ? 146 LYS A O     1 
ATOM   917  C  CB    . LYS C 3 92  ? 4.402   -0.254  14.621  1.00 31.41 ? 146 LYS A CB    1 
ATOM   918  C  CG    . LYS C 3 92  ? 5.080   -0.471  15.963  1.00 44.19 ? 146 LYS A CG    1 
ATOM   919  C  CD    . LYS C 3 92  ? 4.035   -0.830  17.041  1.00 48.96 ? 146 LYS A CD    1 
ATOM   920  C  CE    . LYS C 3 92  ? 4.455   -2.014  17.918  1.00 54.58 ? 146 LYS A CE    1 
ATOM   921  N  NZ    . LYS C 3 92  ? 3.306   -2.890  18.359  1.00 56.42 ? 146 LYS A NZ    1 
ATOM   922  N  N     . SER C 3 93  ? 7.222   -0.051  12.158  1.00 25.77 ? 147 SER A N     1 
ATOM   923  C  CA    . SER C 3 93  ? 8.372   -0.735  11.573  1.00 27.02 ? 147 SER A CA    1 
ATOM   924  C  C     . SER C 3 93  ? 9.533   -0.784  12.558  1.00 32.71 ? 147 SER A C     1 
ATOM   925  O  O     . SER C 3 93  ? 9.728   0.168   13.339  1.00 31.89 ? 147 SER A O     1 
ATOM   926  C  CB    . SER C 3 93  ? 8.847   -0.144  10.299  1.00 26.03 ? 147 SER A CB    1 
ATOM   927  O  OG    . SER C 3 93  ? 9.773   -0.972  9.649   1.00 24.84 ? 147 SER A OG    1 
ATOM   928  N  N     . THR C 3 94  ? 10.236  -1.926  12.519  1.00 30.67 ? 148 THR A N     1 
ATOM   929  C  CA    . THR C 3 94  ? 11.533  -2.207  13.196  1.00 28.89 ? 148 THR A CA    1 
ATOM   930  C  C     . THR C 3 94  ? 12.750  -1.845  12.423  1.00 31.48 ? 148 THR A C     1 
ATOM   931  O  O     . THR C 3 94  ? 13.861  -1.935  12.991  1.00 34.11 ? 148 THR A O     1 
ATOM   932  C  CB    . THR C 3 94  ? 11.687  -3.781  13.523  1.00 27.90 ? 148 THR A CB    1 
ATOM   933  O  OG1   . THR C 3 94  ? 11.821  -4.634  12.287  1.00 31.75 ? 148 THR A OG1   1 
ATOM   934  C  CG2   . THR C 3 94  ? 10.597  -4.182  14.322  1.00 29.31 ? 148 THR A CG2   1 
ATOM   935  N  N     . LEU C 3 95  ? 12.617  -1.439  11.157  1.00 25.32 ? 149 LEU A N     1 
ATOM   936  C  CA    . LEU C 3 95  ? 13.760  -1.285  10.279  1.00 28.31 ? 149 LEU A CA    1 
ATOM   937  C  C     . LEU C 3 95  ? 14.657  -0.249  10.892  1.00 32.06 ? 149 LEU A C     1 
ATOM   938  O  O     . LEU C 3 95  ? 14.196  0.875   11.229  1.00 31.31 ? 149 LEU A O     1 
ATOM   939  C  CB    . LEU C 3 95  ? 13.402  -0.821  8.860   1.00 24.86 ? 149 LEU A CB    1 
ATOM   940  C  CG    . LEU C 3 95  ? 14.492  -0.623  7.847   1.00 28.95 ? 149 LEU A CG    1 
ATOM   941  C  CD1   . LEU C 3 95  ? 15.158  -1.966  7.516   1.00 26.80 ? 149 LEU A CD1   1 
ATOM   942  C  CD2   . LEU C 3 95  ? 13.976  0.059   6.606   1.00 28.16 ? 149 LEU A CD2   1 
ATOM   943  N  N     . VAL C 3 96  ? 15.943  -0.586  10.950  1.00 33.42 ? 150 VAL A N     1 
ATOM   944  C  CA    . VAL C 3 96  ? 16.970  0.409   11.354  1.00 34.10 ? 150 VAL A CA    1 
ATOM   945  C  C     . VAL C 3 96  ? 16.888  1.746   10.601  1.00 35.34 ? 150 VAL A C     1 
ATOM   946  O  O     . VAL C 3 96  ? 16.581  1.828   9.415   1.00 30.48 ? 150 VAL A O     1 
ATOM   947  C  CB    . VAL C 3 96  ? 18.396  -0.213  11.177  1.00 33.98 ? 150 VAL A CB    1 
ATOM   948  C  CG1   . VAL C 3 96  ? 18.777  -0.381  9.703   1.00 35.49 ? 150 VAL A CG1   1 
ATOM   949  C  CG2   . VAL C 3 96  ? 19.477  0.630   11.861  1.00 36.78 ? 150 VAL A CG2   1 
ATOM   950  N  N     . ARG C 3 97  ? 17.227  2.851   11.283  1.00 33.45 ? 151 ARG A N     1 
ATOM   951  C  CA    . ARG C 3 97  ? 17.430  4.121   10.555  1.00 33.30 ? 151 ARG A CA    1 
ATOM   952  C  C     . ARG C 3 97  ? 18.894  4.433   10.249  1.00 36.36 ? 151 ARG A C     1 
ATOM   953  O  O     . ARG C 3 97  ? 19.693  4.519   11.165  1.00 41.79 ? 151 ARG A O     1 
ATOM   954  C  CB    . ARG C 3 97  ? 16.808  5.260   11.321  1.00 35.57 ? 151 ARG A CB    1 
ATOM   955  C  CG    . ARG C 3 97  ? 15.341  5.030   11.645  1.00 34.46 ? 151 ARG A CG    1 
ATOM   956  C  CD    . ARG C 3 97  ? 14.873  6.202   12.485  1.00 40.48 ? 151 ARG A CD    1 
ATOM   957  N  NE    . ARG C 3 97  ? 13.435  6.169   12.669  1.00 38.15 ? 151 ARG A NE    1 
ATOM   958  C  CZ    . ARG C 3 97  ? 12.556  6.793   11.929  1.00 34.10 ? 151 ARG A CZ    1 
ATOM   959  N  NH1   . ARG C 3 97  ? 12.911  7.589   10.931  1.00 31.18 ? 151 ARG A NH1   1 
ATOM   960  N  NH2   . ARG C 3 97  ? 11.259  6.670   12.257  1.00 39.07 ? 151 ARG A NH2   1 
ATOM   961  N  N     . ASN C 3 98  ? 19.225  4.599   8.980   1.00 39.83 ? 152 ASN A N     1 
ATOM   962  C  CA    . ASN C 3 98  ? 20.583  4.972   8.544   1.00 39.79 ? 152 ASN A CA    1 
ATOM   963  C  C     . ASN C 3 98  ? 20.457  5.599   7.184   1.00 42.32 ? 152 ASN A C     1 
ATOM   964  O  O     . ASN C 3 98  ? 19.371  5.848   6.680   1.00 33.99 ? 152 ASN A O     1 
ATOM   965  C  CB    . ASN C 3 98  ? 21.534  3.746   8.563   1.00 42.62 ? 152 ASN A CB    1 
ATOM   966  C  CG    . ASN C 3 98  ? 21.075  2.616   7.657   1.00 38.17 ? 152 ASN A CG    1 
ATOM   967  O  OD1   . ASN C 3 98  ? 20.688  2.846   6.514   1.00 35.38 ? 152 ASN A OD1   1 
ATOM   968  N  ND2   . ASN C 3 98  ? 21.176  1.400   8.138   1.00 36.61 ? 152 ASN A ND2   1 
ATOM   969  N  N     . GLU C 3 99  ? 21.572  5.906   6.581   1.00 41.00 ? 153 GLU A N     1 
ATOM   970  C  CA    . GLU C 3 99  ? 21.583  6.613   5.323   1.00 45.66 ? 153 GLU A CA    1 
ATOM   971  C  C     . GLU C 3 99  ? 21.009  5.734   4.195   1.00 42.70 ? 153 GLU A C     1 
ATOM   972  O  O     . GLU C 3 99  ? 20.444  6.283   3.252   1.00 41.94 ? 153 GLU A O     1 
ATOM   973  C  CB    . GLU C 3 99  ? 22.988  7.181   4.992   1.00 51.05 ? 153 GLU A CB    1 
ATOM   974  C  CG    . GLU C 3 99  ? 24.223  6.430   5.545   1.00 66.31 ? 153 GLU A CG    1 
ATOM   975  C  CD    . GLU C 3 99  ? 24.667  6.815   6.987   1.00 71.92 ? 153 GLU A CD    1 
ATOM   976  O  OE1   . GLU C 3 99  ? 25.232  7.944   7.183   1.00 66.71 ? 153 GLU A OE1   1 
ATOM   977  O  OE2   . GLU C 3 99  ? 24.492  5.952   7.910   1.00 63.19 ? 153 GLU A OE2   1 
ATOM   978  N  N     . GLU C 3 100 ? 21.150  4.396   4.308   1.00 36.05 ? 154 GLU A N     1 
ATOM   979  C  CA    . GLU C 3 100 ? 20.556  3.469   3.325   1.00 36.43 ? 154 GLU A CA    1 
ATOM   980  C  C     . GLU C 3 100 ? 19.008  3.421   3.436   1.00 33.79 ? 154 GLU A C     1 
ATOM   981  O  O     . GLU C 3 100 ? 18.350  3.341   2.418   1.00 35.14 ? 154 GLU A O     1 
ATOM   982  C  CB    . GLU C 3 100 ? 21.108  2.053   3.474   1.00 44.96 ? 154 GLU A CB    1 
ATOM   983  C  CG    . GLU C 3 100 ? 22.603  1.941   3.190   1.00 53.42 ? 154 GLU A CG    1 
ATOM   984  C  CD    . GLU C 3 100 ? 23.026  0.524   2.836   1.00 60.88 ? 154 GLU A CD    1 
ATOM   985  O  OE1   . GLU C 3 100 ? 24.186  0.351   2.381   1.00 69.33 ? 154 GLU A OE1   1 
ATOM   986  O  OE2   . GLU C 3 100 ? 22.198  -0.403  3.007   1.00 59.40 ? 154 GLU A OE2   1 
ATOM   987  N  N     . THR C 3 101 ? 18.496  3.545   4.663   1.00 29.45 ? 155 THR A N     1 
ATOM   988  C  CA    . THR C 3 101 ? 16.991  3.430   4.946   1.00 29.72 ? 155 THR A CA    1 
ATOM   989  C  C     . THR C 3 101 ? 16.328  4.777   5.116   1.00 32.07 ? 155 THR A C     1 
ATOM   990  O  O     . THR C 3 101 ? 15.146  4.844   5.461   1.00 30.20 ? 155 THR A O     1 
ATOM   991  C  CB    . THR C 3 101 ? 16.680  2.648   6.185   1.00 27.36 ? 155 THR A CB    1 
ATOM   992  O  OG1   . THR C 3 101 ? 17.090  3.321   7.386   1.00 31.95 ? 155 THR A OG1   1 
ATOM   993  C  CG2   . THR C 3 101 ? 17.354  1.202   6.126   1.00 28.89 ? 155 THR A CG2   1 
ATOM   994  N  N     . ALA C 3 102 ? 17.107  5.837   4.972   1.00 31.06 ? 156 ALA A N     1 
ATOM   995  C  CA    . ALA C 3 102 ? 16.508  7.210   5.048   1.00 34.37 ? 156 ALA A CA    1 
ATOM   996  C  C     . ALA C 3 102 ? 15.371  7.463   4.037   1.00 33.51 ? 156 ALA A C     1 
ATOM   997  O  O     . ALA C 3 102 ? 14.359  8.171   4.386   1.00 32.11 ? 156 ALA A O     1 
ATOM   998  C  CB    . ALA C 3 102 ? 17.588  8.274   4.882   1.00 32.52 ? 156 ALA A CB    1 
ATOM   999  N  N     . LEU C 3 103 ? 15.525  6.994   2.807   1.00 31.84 ? 157 LEU A N     1 
ATOM   1000 C  CA    . LEU C 3 103 ? 14.491  7.264   1.805   1.00 34.63 ? 157 LEU A CA    1 
ATOM   1001 C  C     . LEU C 3 103 ? 13.159  6.628   2.195   1.00 31.61 ? 157 LEU A C     1 
ATOM   1002 O  O     . LEU C 3 103 ? 12.118  7.324   2.188   1.00 28.58 ? 157 LEU A O     1 
ATOM   1003 C  CB    . LEU C 3 103 ? 14.881  6.865   0.405   1.00 34.61 ? 157 LEU A CB    1 
ATOM   1004 C  CG    . LEU C 3 103 ? 13.838  6.949   -0.712  1.00 38.51 ? 157 LEU A CG    1 
ATOM   1005 C  CD1   . LEU C 3 103 ? 13.178  8.322   -0.815  1.00 42.00 ? 157 LEU A CD1   1 
ATOM   1006 C  CD2   . LEU C 3 103 ? 14.486  6.592   -2.039  1.00 46.04 ? 157 LEU A CD2   1 
ATOM   1007 N  N     . ILE C 3 104 ? 13.163  5.327   2.520   1.00 26.22 ? 158 ILE A N     1 
ATOM   1008 C  CA    . ILE C 3 104 ? 11.879  4.728   2.888   1.00 30.08 ? 158 ILE A CA    1 
ATOM   1009 C  C     . ILE C 3 104 ? 11.280  5.305   4.154   1.00 29.12 ? 158 ILE A C     1 
ATOM   1010 O  O     . ILE C 3 104 ? 10.051  5.489   4.286   1.00 26.32 ? 158 ILE A O     1 
ATOM   1011 C  CB    . ILE C 3 104 ? 11.893  3.163   2.891   1.00 29.31 ? 158 ILE A CB    1 
ATOM   1012 C  CG1   . ILE C 3 104 ? 10.408  2.733   2.665   1.00 33.92 ? 158 ILE A CG1   1 
ATOM   1013 C  CG2   . ILE C 3 104 ? 12.579  2.589   4.136   1.00 28.56 ? 158 ILE A CG2   1 
ATOM   1014 C  CD1   . ILE C 3 104 ? 10.138  1.290   2.541   1.00 36.93 ? 158 ILE A CD1   1 
ATOM   1015 N  N     . TRP C 3 105 ? 12.131  5.693   5.094   1.00 25.43 ? 159 TRP A N     1 
ATOM   1016 C  CA    . TRP C 3 105 ? 11.622  6.164   6.341   1.00 24.67 ? 159 TRP A CA    1 
ATOM   1017 C  C     . TRP C 3 105 ? 11.020  7.598   6.121   1.00 23.06 ? 159 TRP A C     1 
ATOM   1018 O  O     . TRP C 3 105 ? 10.017  7.899   6.782   1.00 26.87 ? 159 TRP A O     1 
ATOM   1019 C  CB    . TRP C 3 105 ? 12.731  6.152   7.383   1.00 24.82 ? 159 TRP A CB    1 
ATOM   1020 C  CG    . TRP C 3 105 ? 12.735  4.935   8.263   1.00 23.31 ? 159 TRP A CG    1 
ATOM   1021 C  CD1   . TRP C 3 105 ? 13.752  4.050   8.412   1.00 24.95 ? 159 TRP A CD1   1 
ATOM   1022 C  CD2   . TRP C 3 105 ? 11.730  4.548   9.206   1.00 25.29 ? 159 TRP A CD2   1 
ATOM   1023 N  NE1   . TRP C 3 105 ? 13.435  3.143   9.349   1.00 25.34 ? 159 TRP A NE1   1 
ATOM   1024 C  CE2   . TRP C 3 105 ? 12.178  3.356   9.821   1.00 25.04 ? 159 TRP A CE2   1 
ATOM   1025 C  CE3   . TRP C 3 105 ? 10.422  4.989   9.492   1.00 26.14 ? 159 TRP A CE3   1 
ATOM   1026 C  CZ2   . TRP C 3 105 ? 11.469  2.716   10.845  1.00 24.21 ? 159 TRP A CZ2   1 
ATOM   1027 C  CZ3   . TRP C 3 105 ? 9.692   4.313   10.475  1.00 27.04 ? 159 TRP A CZ3   1 
ATOM   1028 C  CH2   . TRP C 3 105 ? 10.212  3.156   11.141  1.00 27.36 ? 159 TRP A CH2   1 
ATOM   1029 N  N     . LYS C 3 106 ? 11.597  8.352   5.204   1.00 25.57 ? 160 LYS A N     1 
ATOM   1030 C  CA    . LYS C 3 106 ? 11.049  9.701   4.807   1.00 26.12 ? 160 LYS A CA    1 
ATOM   1031 C  C     . LYS C 3 106 ? 9.647   9.523   4.205   1.00 28.34 ? 160 LYS A C     1 
ATOM   1032 O  O     . LYS C 3 106 ? 8.697   10.225  4.596   1.00 25.69 ? 160 LYS A O     1 
ATOM   1033 C  CB    . LYS C 3 106 ? 11.964  10.412  3.847   1.00 30.88 ? 160 LYS A CB    1 
ATOM   1034 C  CG    . LYS C 3 106 ? 11.488  11.737  3.270   1.00 34.30 ? 160 LYS A CG    1 
ATOM   1035 C  CD    . LYS C 3 106 ? 12.676  12.448  2.624   1.00 41.80 ? 160 LYS A CD    1 
ATOM   1036 C  CE    . LYS C 3 106 ? 12.448  12.780  1.144   1.00 48.93 ? 160 LYS A CE    1 
ATOM   1037 N  NZ    . LYS C 3 106 ? 11.509  13.932  1.012   1.00 51.37 ? 160 LYS A NZ    1 
ATOM   1038 N  N     . LEU C 3 107 ? 9.533   8.554   3.305   1.00 25.79 ? 161 LEU A N     1 
ATOM   1039 C  CA    . LEU C 3 107 ? 8.228   8.233   2.675   1.00 25.82 ? 161 LEU A CA    1 
ATOM   1040 C  C     . LEU C 3 107 ? 7.221   7.789   3.682   1.00 24.32 ? 161 LEU A C     1 
ATOM   1041 O  O     . LEU C 3 107 ? 6.052   8.172   3.552   1.00 22.53 ? 161 LEU A O     1 
ATOM   1042 C  CB    . LEU C 3 107 ? 8.378   7.197   1.562   1.00 23.71 ? 161 LEU A CB    1 
ATOM   1043 C  CG    . LEU C 3 107 ? 9.152   7.673   0.349   1.00 26.67 ? 161 LEU A CG    1 
ATOM   1044 C  CD1   . LEU C 3 107 ? 9.336   6.480   -0.559  1.00 28.31 ? 161 LEU A CD1   1 
ATOM   1045 C  CD2   . LEU C 3 107 ? 8.548   8.882   -0.370  1.00 29.81 ? 161 LEU A CD2   1 
ATOM   1046 N  N     . VAL C 3 108 ? 7.585   6.922   4.636   1.00 22.53 ? 162 VAL A N     1 
ATOM   1047 C  CA    . VAL C 3 108 ? 6.685   6.461   5.644   1.00 22.91 ? 162 VAL A CA    1 
ATOM   1048 C  C     . VAL C 3 108 ? 6.215   7.612   6.550   1.00 26.06 ? 162 VAL A C     1 
ATOM   1049 O  O     . VAL C 3 108 ? 5.034   7.757   6.831   1.00 21.82 ? 162 VAL A O     1 
ATOM   1050 C  CB    . VAL C 3 108 ? 7.285   5.366   6.477   1.00 23.14 ? 162 VAL A CB    1 
ATOM   1051 C  CG1   . VAL C 3 108 ? 6.484   5.075   7.720   1.00 27.09 ? 162 VAL A CG1   1 
ATOM   1052 C  CG2   . VAL C 3 108 ? 7.447   4.116   5.612   1.00 24.00 ? 162 VAL A CG2   1 
ATOM   1053 N  N     . ASP C 3 109 ? 7.163   8.395   7.024   1.00 24.67 ? 163 ASP A N     1 
ATOM   1054 C  CA    . ASP C 3 109 ? 6.813   9.608   7.832   1.00 27.61 ? 163 ASP A CA    1 
ATOM   1055 C  C     . ASP C 3 109 ? 5.850   10.535  7.040   1.00 23.93 ? 163 ASP A C     1 
ATOM   1056 O  O     . ASP C 3 109 ? 4.820   10.957  7.611   1.00 28.00 ? 163 ASP A O     1 
ATOM   1057 C  CB    . ASP C 3 109 ? 8.124   10.347  8.238   1.00 28.29 ? 163 ASP A CB    1 
ATOM   1058 C  CG    . ASP C 3 109 ? 9.073   9.462   9.177   1.00 41.69 ? 163 ASP A CG    1 
ATOM   1059 O  OD1   . ASP C 3 109 ? 8.589   8.527   9.894   1.00 46.24 ? 163 ASP A OD1   1 
ATOM   1060 O  OD2   . ASP C 3 109 ? 10.336  9.634   9.167   1.00 47.81 ? 163 ASP A OD2   1 
ATOM   1061 N  N     . GLU C 3 110 ? 6.100   10.768  5.765   1.00 23.57 ? 164 GLU A N     1 
ATOM   1062 C  CA    . GLU C 3 110 ? 5.252   11.680  4.895   1.00 23.07 ? 164 GLU A CA    1 
ATOM   1063 C  C     . GLU C 3 110 ? 3.859   11.017  4.670   1.00 24.32 ? 164 GLU A C     1 
ATOM   1064 O  O     . GLU C 3 110 ? 2.820   11.684  4.629   1.00 21.81 ? 164 GLU A O     1 
ATOM   1065 C  CB    . GLU C 3 110 ? 5.916   11.971  3.566   1.00 25.68 ? 164 GLU A CB    1 
ATOM   1066 C  CG    . GLU C 3 110 ? 7.177   12.810  3.743   1.00 28.37 ? 164 GLU A CG    1 
ATOM   1067 C  CD    . GLU C 3 110 ? 8.040   13.078  2.534   1.00 36.21 ? 164 GLU A CD    1 
ATOM   1068 O  OE1   . GLU C 3 110 ? 7.997   12.326  1.506   1.00 34.83 ? 164 GLU A OE1   1 
ATOM   1069 O  OE2   . GLU C 3 110 ? 8.813   14.089  2.668   1.00 33.75 ? 164 GLU A OE2   1 
ATOM   1070 N  N     . ALA C 3 111 ? 3.835   9.681   4.569   1.00 21.41 ? 165 ALA A N     1 
ATOM   1071 C  CA    . ALA C 3 111 ? 2.499   8.944   4.485   1.00 22.05 ? 165 ALA A CA    1 
ATOM   1072 C  C     . ALA C 3 111 ? 1.707   9.105   5.718   1.00 22.15 ? 165 ALA A C     1 
ATOM   1073 O  O     . ALA C 3 111 ? 0.528   9.410   5.653   1.00 23.22 ? 165 ALA A O     1 
ATOM   1074 C  CB    . ALA C 3 111 ? 2.712   7.447   4.238   1.00 21.05 ? 165 ALA A CB    1 
ATOM   1075 N  N     . GLU C 3 112 ? 2.315   8.921   6.909   1.00 21.73 ? 166 GLU A N     1 
ATOM   1076 C  CA    . GLU C 3 112 ? 1.607   9.159   8.142   1.00 23.29 ? 166 GLU A CA    1 
ATOM   1077 C  C     . GLU C 3 112 ? 1.116   10.613  8.218   1.00 22.92 ? 166 GLU A C     1 
ATOM   1078 O  O     . GLU C 3 112 ? 0.027   10.851  8.723   1.00 22.94 ? 166 GLU A O     1 
ATOM   1079 C  CB    . GLU C 3 112 ? 2.493   8.888   9.367   1.00 25.14 ? 166 GLU A CB    1 
ATOM   1080 C  CG    . GLU C 3 112 ? 2.842   7.426   9.567   1.00 23.48 ? 166 GLU A CG    1 
ATOM   1081 C  CD    . GLU C 3 112 ? 4.022   7.219   10.516  1.00 31.35 ? 166 GLU A CD    1 
ATOM   1082 O  OE1   . GLU C 3 112 ? 4.317   6.046   10.866  1.00 29.95 ? 166 GLU A OE1   1 
ATOM   1083 O  OE2   . GLU C 3 112 ? 4.660   8.228   10.906  1.00 32.24 ? 166 GLU A OE2   1 
ATOM   1084 N  N     . GLU C 3 113 ? 1.949   11.533  7.772   1.00 22.46 ? 167 GLU A N     1 
ATOM   1085 C  CA    . GLU C 3 113 ? 1.569   12.972  7.810   1.00 23.44 ? 167 GLU A CA    1 
ATOM   1086 C  C     . GLU C 3 113 ? 0.331   13.211  6.946   1.00 24.61 ? 167 GLU A C     1 
ATOM   1087 O  O     . GLU C 3 113 ? -0.582  13.963  7.341   1.00 24.79 ? 167 GLU A O     1 
ATOM   1088 C  CB    . GLU C 3 113 ? 2.693   13.881  7.415   1.00 26.09 ? 167 GLU A CB    1 
ATOM   1089 C  CG    . GLU C 3 113 ? 2.451   15.325  7.813   1.00 28.44 ? 167 GLU A CG    1 
ATOM   1090 C  CD    . GLU C 3 113 ? 2.187   15.435  9.338   1.00 32.35 ? 167 GLU A CD    1 
ATOM   1091 O  OE1   . GLU C 3 113 ? 2.815   14.753  10.166  1.00 34.73 ? 167 GLU A OE1   1 
ATOM   1092 O  OE2   . GLU C 3 113 ? 1.325   16.218  9.680   1.00 37.74 ? 167 GLU A OE2   1 
ATOM   1093 N  N     . TRP C 3 114 ? 0.333   12.622  5.764   1.00 21.59 ? 168 TRP A N     1 
ATOM   1094 C  CA    . TRP C 3 114 ? -0.834  12.721  4.906   1.00 22.07 ? 168 TRP A CA    1 
ATOM   1095 C  C     . TRP C 3 114 ? -2.120  12.247  5.636   1.00 21.58 ? 168 TRP A C     1 
ATOM   1096 O  O     . TRP C 3 114 ? -3.192  12.909  5.578   1.00 21.83 ? 168 TRP A O     1 
ATOM   1097 C  CB    . TRP C 3 114 ? -0.606  12.003  3.548   1.00 22.26 ? 168 TRP A CB    1 
ATOM   1098 C  CG    . TRP C 3 114 ? -1.682  12.336  2.543   1.00 22.43 ? 168 TRP A CG    1 
ATOM   1099 C  CD1   . TRP C 3 114 ? -1.692  13.368  1.678   1.00 23.64 ? 168 TRP A CD1   1 
ATOM   1100 C  CD2   . TRP C 3 114 ? -2.948  11.709  2.423   1.00 22.48 ? 168 TRP A CD2   1 
ATOM   1101 N  NE1   . TRP C 3 114 ? -2.881  13.432  1.026   1.00 24.21 ? 168 TRP A NE1   1 
ATOM   1102 C  CE2   . TRP C 3 114 ? -3.655  12.401  1.437   1.00 23.58 ? 168 TRP A CE2   1 
ATOM   1103 C  CE3   . TRP C 3 114 ? -3.529  10.619  3.038   1.00 20.42 ? 168 TRP A CE3   1 
ATOM   1104 C  CZ2   . TRP C 3 114 ? -4.955  12.042  1.056   1.00 24.12 ? 168 TRP A CZ2   1 
ATOM   1105 C  CZ3   . TRP C 3 114 ? -4.843  10.232  2.651   1.00 24.52 ? 168 TRP A CZ3   1 
ATOM   1106 C  CH2   . TRP C 3 114 ? -5.504  10.950  1.642   1.00 25.65 ? 168 TRP A CH2   1 
ATOM   1107 N  N     . LEU C 3 115 ? -2.069  11.048  6.256   1.00 20.16 ? 169 LEU A N     1 
ATOM   1108 C  CA    . LEU C 3 115 ? -3.178  10.491  6.973   1.00 18.90 ? 169 LEU A CA    1 
ATOM   1109 C  C     . LEU C 3 115 ? -3.664  11.373  8.092   1.00 23.33 ? 169 LEU A C     1 
ATOM   1110 O  O     . LEU C 3 115 ? -4.835  11.453  8.334   1.00 25.30 ? 169 LEU A O     1 
ATOM   1111 C  CB    . LEU C 3 115 ? -2.871  9.121   7.578   1.00 18.31 ? 169 LEU A CB    1 
ATOM   1112 C  CG    . LEU C 3 115 ? -2.511  8.084   6.548   1.00 19.02 ? 169 LEU A CG    1 
ATOM   1113 C  CD1   . LEU C 3 115 ? -1.934  6.864   7.308   1.00 21.06 ? 169 LEU A CD1   1 
ATOM   1114 C  CD2   . LEU C 3 115 ? -3.776  7.705   5.783   1.00 21.89 ? 169 LEU A CD2   1 
ATOM   1115 N  N     . ASN C 3 116 ? -2.736  12.068  8.739   1.00 22.05 ? 170 ASN A N     1 
ATOM   1116 C  CA    . ASN C 3 116 ? -3.087  13.028  9.816   1.00 24.94 ? 170 ASN A CA    1 
ATOM   1117 C  C     . ASN C 3 116 ? -3.609  14.396  9.349   1.00 27.78 ? 170 ASN A C     1 
ATOM   1118 O  O     . ASN C 3 116 ? -4.004  15.268  10.206  1.00 29.55 ? 170 ASN A O     1 
ATOM   1119 C  CB    . ASN C 3 116 ? -1.815  13.161  10.666  1.00 26.63 ? 170 ASN A CB    1 
ATOM   1120 C  CG    . ASN C 3 116 ? -1.594  11.934  11.538  1.00 30.95 ? 170 ASN A CG    1 
ATOM   1121 O  OD1   . ASN C 3 116 ? -0.509  11.371  11.597  1.00 44.23 ? 170 ASN A OD1   1 
ATOM   1122 N  ND2   . ASN C 3 116 ? -2.610  11.536  12.201  1.00 30.22 ? 170 ASN A ND2   1 
ATOM   1123 N  N     . THR C 3 117 ? -3.625  14.650  8.037   1.00 21.60 ? 171 THR A N     1 
ATOM   1124 C  CA    . THR C 3 117 ? -4.006  15.967  7.469   1.00 25.13 ? 171 THR A CA    1 
ATOM   1125 C  C     . THR C 3 117 ? -5.179  15.906  6.463   1.00 25.72 ? 171 THR A C     1 
ATOM   1126 O  O     . THR C 3 117 ? -5.557  16.930  5.895   1.00 27.02 ? 171 THR A O     1 
ATOM   1127 C  CB    . THR C 3 117 ? -2.824  16.721  6.808   1.00 26.67 ? 171 THR A CB    1 
ATOM   1128 O  OG1   . THR C 3 117 ? -2.041  15.877  5.914   1.00 24.00 ? 171 THR A OG1   1 
ATOM   1129 C  CG2   . THR C 3 117 ? -1.895  17.389  7.857   1.00 30.27 ? 171 THR A CG2   1 
ATOM   1130 N  N     . HIS C 3 118 ? -5.647  14.684  6.174   1.00 24.68 ? 172 HIS A N     1 
ATOM   1131 C  CA    . HIS C 3 118 ? -6.697  14.468  5.183   1.00 23.45 ? 172 HIS A CA    1 
ATOM   1132 C  C     . HIS C 3 118 ? -7.727  13.568  5.704   1.00 25.37 ? 172 HIS A C     1 
ATOM   1133 O  O     . HIS C 3 118 ? -7.468  12.775  6.614   1.00 29.86 ? 172 HIS A O     1 
ATOM   1134 C  CB    . HIS C 3 118 ? -6.092  13.957  3.861   1.00 26.28 ? 172 HIS A CB    1 
ATOM   1135 C  CG    . HIS C 3 118 ? -5.161  14.922  3.246   1.00 22.85 ? 172 HIS A CG    1 
ATOM   1136 N  ND1   . HIS C 3 118 ? -3.891  15.141  3.743   1.00 24.66 ? 172 HIS A ND1   1 
ATOM   1137 C  CD2   . HIS C 3 118 ? -5.324  15.819  2.234   1.00 25.21 ? 172 HIS A CD2   1 
ATOM   1138 C  CE1   . HIS C 3 118 ? -3.337  16.140  3.076   1.00 25.42 ? 172 HIS A CE1   1 
ATOM   1139 N  NE2   . HIS C 3 118 ? -4.182  16.564  2.164   1.00 29.28 ? 172 HIS A NE2   1 
ATOM   1140 N  N     . THR C 3 119 ? -8.938  13.679  5.161   1.00 25.86 ? 173 THR A N     1 
ATOM   1141 C  CA    . THR C 3 119 ? -10.019 12.756  5.466   1.00 28.23 ? 173 THR A CA    1 
ATOM   1142 C  C     . THR C 3 119 ? -10.263 11.877  4.260   1.00 26.11 ? 173 THR A C     1 
ATOM   1143 O  O     . THR C 3 119 ? -9.950  12.192  3.104   1.00 25.88 ? 173 THR A O     1 
ATOM   1144 C  CB    . THR C 3 119 ? -11.321 13.524  5.796   1.00 29.81 ? 173 THR A CB    1 
ATOM   1145 O  OG1   . THR C 3 119 ? -11.655 14.285  4.667   1.00 30.42 ? 173 THR A OG1   1 
ATOM   1146 C  CG2   . THR C 3 119 ? -11.095 14.501  6.923   1.00 33.34 ? 173 THR A CG2   1 
ATOM   1147 N  N     . TYR C 3 120 ? -10.796 10.710  4.568   1.00 25.05 ? 174 TYR A N     1 
ATOM   1148 C  CA    . TYR C 3 120 ? -11.245 9.805   3.504   1.00 25.54 ? 174 TYR A CA    1 
ATOM   1149 C  C     . TYR C 3 120 ? -12.368 8.876   4.024   1.00 26.27 ? 174 TYR A C     1 
ATOM   1150 O  O     . TYR C 3 120 ? -12.404 8.519   5.184   1.00 25.66 ? 174 TYR A O     1 
ATOM   1151 C  CB    . TYR C 3 120 ? -10.035 9.036   3.018   1.00 25.52 ? 174 TYR A CB    1 
ATOM   1152 C  CG    . TYR C 3 120 ? -9.403  8.090   4.041   1.00 25.07 ? 174 TYR A CG    1 
ATOM   1153 C  CD1   . TYR C 3 120 ? -9.883  6.793   4.174   1.00 26.59 ? 174 TYR A CD1   1 
ATOM   1154 C  CD2   . TYR C 3 120 ? -8.317  8.462   4.812   1.00 30.53 ? 174 TYR A CD2   1 
ATOM   1155 C  CE1   . TYR C 3 120 ? -9.343  5.892   5.081   1.00 29.13 ? 174 TYR A CE1   1 
ATOM   1156 C  CE2   . TYR C 3 120 ? -7.736  7.555   5.722   1.00 26.94 ? 174 TYR A CE2   1 
ATOM   1157 C  CZ    . TYR C 3 120 ? -8.263  6.295   5.845   1.00 25.05 ? 174 TYR A CZ    1 
ATOM   1158 O  OH    . TYR C 3 120 ? -7.730  5.331   6.704   1.00 32.65 ? 174 TYR A OH    1 
ATOM   1159 N  N     . GLU C 3 121 ? -13.219 8.425   3.127   1.00 26.44 ? 175 GLU A N     1 
ATOM   1160 C  CA    . GLU C 3 121 ? -14.222 7.449   3.491   1.00 26.61 ? 175 GLU A CA    1 
ATOM   1161 C  C     . GLU C 3 121 ? -13.899 6.062   2.888   1.00 26.42 ? 175 GLU A C     1 
ATOM   1162 O  O     . GLU C 3 121 ? -14.600 5.121   3.146   1.00 26.13 ? 175 GLU A O     1 
ATOM   1163 C  CB    . GLU C 3 121 ? -15.598 7.956   3.105   1.00 31.58 ? 175 GLU A CB    1 
ATOM   1164 C  CG    . GLU C 3 121 ? -16.000 9.215   3.900   1.00 37.18 ? 175 GLU A CG    1 
ATOM   1165 C  CD    . GLU C 3 121 ? -17.318 9.841   3.407   1.00 49.43 ? 175 GLU A CD    1 
ATOM   1166 O  OE1   . GLU C 3 121 ? -18.101 9.194   2.678   1.00 52.07 ? 175 GLU A OE1   1 
ATOM   1167 O  OE2   . GLU C 3 121 ? -17.602 11.007  3.748   1.00 58.51 ? 175 GLU A OE2   1 
ATOM   1168 N  N     . THR C 3 122 ? -12.827 5.944   2.096   1.00 23.87 ? 176 THR A N     1 
ATOM   1169 C  CA    . THR C 3 122 ? -12.456 4.714   1.416   1.00 20.82 ? 176 THR A CA    1 
ATOM   1170 C  C     . THR C 3 122 ? -12.368 3.485   2.346   1.00 21.80 ? 176 THR A C     1 
ATOM   1171 O  O     . THR C 3 122 ? -11.576 3.450   3.324   1.00 21.71 ? 176 THR A O     1 
ATOM   1172 C  CB    . THR C 3 122 ? -11.033 4.853   0.844   1.00 20.84 ? 176 THR A CB    1 
ATOM   1173 O  OG1   . THR C 3 122 ? -10.928 6.075   0.136   1.00 20.31 ? 176 THR A OG1   1 
ATOM   1174 C  CG2   . THR C 3 122 ? -10.691 3.727   0.000   1.00 19.22 ? 176 THR A CG2   1 
ATOM   1175 N  N     . PRO C 3 123 ? -13.164 2.467   2.068   1.00 21.10 ? 177 PRO A N     1 
ATOM   1176 C  CA    . PRO C 3 123 ? -13.053 1.228   2.824   1.00 21.52 ? 177 PRO A CA    1 
ATOM   1177 C  C     . PRO C 3 123 ? -11.772 0.537   2.461   1.00 23.36 ? 177 PRO A C     1 
ATOM   1178 O  O     . PRO C 3 123 ? -11.417 0.454   1.284   1.00 20.34 ? 177 PRO A O     1 
ATOM   1179 C  CB    . PRO C 3 123 ? -14.283 0.415   2.371   1.00 24.20 ? 177 PRO A CB    1 
ATOM   1180 C  CG    . PRO C 3 123 ? -15.215 1.424   1.849   1.00 23.21 ? 177 PRO A CG    1 
ATOM   1181 C  CD    . PRO C 3 123 ? -14.341 2.438   1.181   1.00 20.03 ? 177 PRO A CD    1 
ATOM   1182 N  N     . ILE C 3 124 ? -11.044 0.086   3.467   1.00 19.41 ? 178 ILE A N     1 
ATOM   1183 C  CA    . ILE C 3 124 ? -9.785  -0.585  3.202   1.00 19.97 ? 178 ILE A CA    1 
ATOM   1184 C  C     . ILE C 3 124 ? -10.057 -2.037  3.611   1.00 20.88 ? 178 ILE A C     1 
ATOM   1185 O  O     . ILE C 3 124 ? -10.328 -2.377  4.821   1.00 23.07 ? 178 ILE A O     1 
ATOM   1186 C  CB    . ILE C 3 124 ? -8.617  0.028   3.962   1.00 19.75 ? 178 ILE A CB    1 
ATOM   1187 C  CG1   . ILE C 3 124 ? -8.418  1.489   3.550   1.00 23.64 ? 178 ILE A CG1   1 
ATOM   1188 C  CG2   . ILE C 3 124 ? -7.340  -0.780  3.660   1.00 21.85 ? 178 ILE A CG2   1 
ATOM   1189 C  CD1   . ILE C 3 124 ? -7.404  2.212   4.390   1.00 29.00 ? 178 ILE A CD1   1 
ATOM   1190 N  N     . LEU C 3 125 ? -10.128 -2.889  2.592   1.00 18.45 ? 179 LEU A N     1 
ATOM   1191 C  CA    . LEU C 3 125 ? -10.515 -4.262  2.737   1.00 20.65 ? 179 LEU A CA    1 
ATOM   1192 C  C     . LEU C 3 125 ? -9.434  -5.263  2.637   1.00 20.55 ? 179 LEU A C     1 
ATOM   1193 O  O     . LEU C 3 125 ? -8.530  -5.186  1.804   1.00 20.45 ? 179 LEU A O     1 
ATOM   1194 C  CB    . LEU C 3 125 ? -11.548 -4.552  1.689   1.00 21.08 ? 179 LEU A CB    1 
ATOM   1195 C  CG    . LEU C 3 125 ? -12.729 -3.625  1.551   1.00 23.30 ? 179 LEU A CG    1 
ATOM   1196 C  CD1   . LEU C 3 125 ? -13.516 -3.936  0.269   1.00 22.67 ? 179 LEU A CD1   1 
ATOM   1197 C  CD2   . LEU C 3 125 ? -13.620 -3.657  2.791   1.00 23.79 ? 179 LEU A CD2   1 
ATOM   1198 N  N     . LYS C 3 126 ? -9.561  -6.370  3.410   1.00 21.94 ? 180 LYS A N     1 
ATOM   1199 C  CA    . LYS C 3 126 ? -8.633  -7.472  3.277   1.00 20.57 ? 180 LYS A CA    1 
ATOM   1200 C  C     . LYS C 3 126 ? -8.987  -8.366  2.125   1.00 19.98 ? 180 LYS A C     1 
ATOM   1201 O  O     . LYS C 3 126 ? -10.101 -8.899  2.076   1.00 24.25 ? 180 LYS A O     1 
ATOM   1202 C  CB    . LYS C 3 126 ? -8.694  -8.301  4.558   1.00 22.80 ? 180 LYS A CB    1 
ATOM   1203 C  CG    . LYS C 3 126 ? -7.807  -9.505  4.619   1.00 22.14 ? 180 LYS A CG    1 
ATOM   1204 C  CD    . LYS C 3 126 ? -6.303  -9.211  4.654   1.00 21.76 ? 180 LYS A CD    1 
ATOM   1205 C  CE    . LYS C 3 126 ? -5.414  -10.446 4.835   1.00 23.95 ? 180 LYS A CE    1 
ATOM   1206 N  NZ    . LYS C 3 126 ? -5.437  -11.383 3.670   1.00 23.65 ? 180 LYS A NZ    1 
ATOM   1207 N  N     . TRP C 3 127 ? -8.059  -8.554  1.222   1.00 19.24 ? 181 TRP A N     1 
ATOM   1208 C  CA    . TRP C 3 127 ? -8.179  -9.509  0.127   1.00 19.89 ? 181 TRP A CA    1 
ATOM   1209 C  C     . TRP C 3 127 ? -8.028  -10.897 0.735   1.00 21.13 ? 181 TRP A C     1 
ATOM   1210 O  O     . TRP C 3 127 ? -7.022  -11.222 1.346   1.00 24.18 ? 181 TRP A O     1 
ATOM   1211 C  CB    . TRP C 3 127 ? -7.114  -9.264  -0.941  1.00 21.46 ? 181 TRP A CB    1 
ATOM   1212 C  CG    . TRP C 3 127 ? -7.172  -10.208 -2.052  1.00 22.22 ? 181 TRP A CG    1 
ATOM   1213 C  CD1   . TRP C 3 127 ? -6.428  -11.338 -2.236  1.00 23.04 ? 181 TRP A CD1   1 
ATOM   1214 C  CD2   . TRP C 3 127 ? -8.073  -10.114 -3.153  1.00 22.89 ? 181 TRP A CD2   1 
ATOM   1215 N  NE1   . TRP C 3 127 ? -6.832  -11.990 -3.431  1.00 23.95 ? 181 TRP A NE1   1 
ATOM   1216 C  CE2   . TRP C 3 127 ? -7.827  -11.249 -4.004  1.00 24.20 ? 181 TRP A CE2   1 
ATOM   1217 C  CE3   . TRP C 3 127 ? -9.026  -9.182  -3.530  1.00 23.23 ? 181 TRP A CE3   1 
ATOM   1218 C  CZ2   . TRP C 3 127 ? -8.552  -11.440 -5.201  1.00 25.98 ? 181 TRP A CZ2   1 
ATOM   1219 C  CZ3   . TRP C 3 127 ? -9.789  -9.370  -4.711  1.00 22.95 ? 181 TRP A CZ3   1 
ATOM   1220 C  CH2   . TRP C 3 127 ? -9.536  -10.509 -5.528  1.00 25.25 ? 181 TRP A CH2   1 
ATOM   1221 N  N     . GLN C 3 128 ? -9.025  -11.710 0.497   1.00 25.21 ? 182 GLN A N     1 
ATOM   1222 C  CA    . GLN C 3 128 ? -9.050  -13.080 1.095   1.00 27.72 ? 182 GLN A CA    1 
ATOM   1223 C  C     . GLN C 3 128 ? -8.382  -14.070 0.164   1.00 27.80 ? 182 GLN A C     1 
ATOM   1224 O  O     . GLN C 3 128 ? -9.074  -14.765 -0.581  1.00 34.62 ? 182 GLN A O     1 
ATOM   1225 C  CB    . GLN C 3 128 ? -10.500 -13.410 1.391   1.00 31.62 ? 182 GLN A CB    1 
ATOM   1226 C  CG    . GLN C 3 128 ? -11.134 -12.460 2.406   1.00 36.83 ? 182 GLN A CG    1 
ATOM   1227 C  CD    . GLN C 3 128 ? -12.199 -13.145 3.253   1.00 49.19 ? 182 GLN A CD    1 
ATOM   1228 O  OE1   . GLN C 3 128 ? -13.211 -13.564 2.741   1.00 50.93 ? 182 GLN A OE1   1 
ATOM   1229 N  NE2   . GLN C 3 128 ? -11.938 -13.312 4.546   1.00 61.52 ? 182 GLN A NE2   1 
ATOM   1230 N  N     . THR C 3 129 ? -7.054  -14.153 0.213   1.00 26.36 ? 183 THR A N     1 
ATOM   1231 C  CA    . THR C 3 129 ? -6.166  -14.946 -0.649  1.00 27.46 ? 183 THR A CA    1 
ATOM   1232 C  C     . THR C 3 129 ? -6.506  -16.439 -0.581  1.00 28.42 ? 183 THR A C     1 
ATOM   1233 O  O     . THR C 3 129 ? -6.464  -17.140 -1.588  1.00 32.44 ? 183 THR A O     1 
ATOM   1234 C  CB    . THR C 3 129 ? -4.680  -14.713 -0.262  1.00 27.74 ? 183 THR A CB    1 
ATOM   1235 O  OG1   . THR C 3 129 ? -4.367  -13.295 -0.349  1.00 27.18 ? 183 THR A OG1   1 
ATOM   1236 C  CG2   . THR C 3 129 ? -3.731  -15.412 -1.173  1.00 27.56 ? 183 THR A CG2   1 
ATOM   1237 N  N     . ASP C 3 130 ? -6.861  -16.894 0.593   1.00 34.25 ? 184 ASP A N     1 
ATOM   1238 C  CA    . ASP C 3 130 ? -7.079  -18.322 0.729   1.00 43.02 ? 184 ASP A CA    1 
ATOM   1239 C  C     . ASP C 3 130 ? -8.371  -18.739 0.016   1.00 48.28 ? 184 ASP A C     1 
ATOM   1240 O  O     . ASP C 3 130 ? -8.450  -19.851 -0.472  1.00 50.76 ? 184 ASP A O     1 
ATOM   1241 C  CB    . ASP C 3 130 ? -7.037  -18.757 2.169   1.00 43.03 ? 184 ASP A CB    1 
ATOM   1242 C  CG    . ASP C 3 130 ? -8.052  -18.072 3.042   1.00 42.00 ? 184 ASP A CG    1 
ATOM   1243 O  OD1   . ASP C 3 130 ? -8.838  -17.156 2.662   1.00 51.10 ? 184 ASP A OD1   1 
ATOM   1244 O  OD2   . ASP C 3 130 ? -7.991  -18.433 4.197   1.00 49.16 ? 184 ASP A OD2   1 
ATOM   1245 N  N     . LYS C 3 131 ? -9.332  -17.823 -0.103  1.00 42.28 ? 185 LYS A N     1 
ATOM   1246 C  CA    . LYS C 3 131 ? -10.557 -18.094 -0.839  1.00 41.55 ? 185 LYS A CA    1 
ATOM   1247 C  C     . LYS C 3 131 ? -10.452 -17.682 -2.297  1.00 41.43 ? 185 LYS A C     1 
ATOM   1248 O  O     . LYS C 3 131 ? -10.960 -18.396 -3.175  1.00 34.95 ? 185 LYS A O     1 
ATOM   1249 C  CB    . LYS C 3 131 ? -11.740 -17.398 -0.159  1.00 45.33 ? 185 LYS A CB    1 
ATOM   1250 C  CG    . LYS C 3 131 ? -11.955 -17.820 1.295   1.00 47.30 ? 185 LYS A CG    1 
ATOM   1251 C  CD    . LYS C 3 131 ? -13.091 -17.031 1.940   1.00 54.58 ? 185 LYS A CD    1 
ATOM   1252 C  CE    . LYS C 3 131 ? -12.880 -16.902 3.443   1.00 66.19 ? 185 LYS A CE    1 
ATOM   1253 N  NZ    . LYS C 3 131 ? -13.965 -16.140 4.138   1.00 72.14 ? 185 LYS A NZ    1 
ATOM   1254 N  N     . TRP C 3 132 ? -9.786  -16.549 -2.596  1.00 32.31 ? 186 TRP A N     1 
ATOM   1255 C  CA    . TRP C 3 132 ? -9.814  -15.990 -3.955  1.00 30.82 ? 186 TRP A CA    1 
ATOM   1256 C  C     . TRP C 3 132 ? -8.579  -16.039 -4.778  1.00 29.34 ? 186 TRP A C     1 
ATOM   1257 O  O     . TRP C 3 132 ? -8.610  -15.536 -5.898  1.00 33.36 ? 186 TRP A O     1 
ATOM   1258 C  CB    . TRP C 3 132 ? -10.303 -14.500 -3.935  1.00 29.47 ? 186 TRP A CB    1 
ATOM   1259 C  CG    . TRP C 3 132 ? -11.490 -14.253 -3.114  1.00 30.72 ? 186 TRP A CG    1 
ATOM   1260 C  CD1   . TRP C 3 132 ? -12.538 -15.123 -2.899  1.00 30.77 ? 186 TRP A CD1   1 
ATOM   1261 C  CD2   . TRP C 3 132 ? -11.794 -13.066 -2.339  1.00 27.81 ? 186 TRP A CD2   1 
ATOM   1262 N  NE1   . TRP C 3 132 ? -13.451 -14.539 -2.032  1.00 35.60 ? 186 TRP A NE1   1 
ATOM   1263 C  CE2   . TRP C 3 132 ? -13.045 -13.261 -1.740  1.00 32.33 ? 186 TRP A CE2   1 
ATOM   1264 C  CE3   . TRP C 3 132 ? -11.181 -11.797 -2.201  1.00 27.08 ? 186 TRP A CE3   1 
ATOM   1265 C  CZ2   . TRP C 3 132 ? -13.638 -12.302 -0.912  1.00 33.18 ? 186 TRP A CZ2   1 
ATOM   1266 C  CZ3   . TRP C 3 132 ? -11.788 -10.842 -1.408  1.00 28.55 ? 186 TRP A CZ3   1 
ATOM   1267 C  CH2   . TRP C 3 132 ? -13.023 -11.085 -0.781  1.00 31.28 ? 186 TRP A CH2   1 
ATOM   1268 N  N     . GLY C 3 133 ? -7.463  -16.588 -4.295  1.00 30.07 ? 187 GLY A N     1 
ATOM   1269 C  CA    . GLY C 3 133 ? -6.235  -16.618 -5.073  1.00 30.71 ? 187 GLY A CA    1 
ATOM   1270 C  C     . GLY C 3 133 ? -5.443  -15.349 -4.800  1.00 31.36 ? 187 GLY A C     1 
ATOM   1271 O  O     . GLY C 3 133 ? -5.898  -14.522 -3.987  1.00 28.62 ? 187 GLY A O     1 
ATOM   1272 N  N     . GLU C 3 134 ? -4.340  -15.174 -5.515  1.00 34.69 ? 188 GLU A N     1 
ATOM   1273 C  CA    . GLU C 3 134 ? -3.463  -14.041 -5.319  1.00 31.37 ? 188 GLU A CA    1 
ATOM   1274 C  C     . GLU C 3 134 ? -4.150  -12.738 -5.686  1.00 28.45 ? 188 GLU A C     1 
ATOM   1275 O  O     . GLU C 3 134 ? -5.008  -12.635 -6.630  1.00 26.91 ? 188 GLU A O     1 
ATOM   1276 C  CB    . GLU C 3 134 ? -2.160  -14.125 -6.112  1.00 37.28 ? 188 GLU A CB    1 
ATOM   1277 C  CG    . GLU C 3 134 ? -1.156  -15.096 -5.544  1.00 45.05 ? 188 GLU A CG    1 
ATOM   1278 C  CD    . GLU C 3 134 ? -0.270  -14.528 -4.434  1.00 52.27 ? 188 GLU A CD    1 
ATOM   1279 O  OE1   . GLU C 3 134 ? 0.182   -15.338 -3.612  1.00 54.18 ? 188 GLU A OE1   1 
ATOM   1280 O  OE2   . GLU C 3 134 ? -0.027  -13.296 -4.373  1.00 62.45 ? 188 GLU A OE2   1 
ATOM   1281 N  N     . ILE C 3 135 ? -3.878  -11.731 -4.860  1.00 24.81 ? 189 ILE A N     1 
ATOM   1282 C  CA    . ILE C 3 135 ? -4.396  -10.410 -5.180  1.00 23.34 ? 189 ILE A CA    1 
ATOM   1283 C  C     . ILE C 3 135 ? -3.972  -9.959  -6.575  1.00 23.47 ? 189 ILE A C     1 
ATOM   1284 O  O     . ILE C 3 135 ? -2.911  -10.313 -7.072  1.00 27.19 ? 189 ILE A O     1 
ATOM   1285 C  CB    . ILE C 3 135 ? -3.928  -9.420  -4.125  1.00 21.53 ? 189 ILE A CB    1 
ATOM   1286 C  CG1   . ILE C 3 135 ? -4.756  -8.147  -4.123  1.00 23.93 ? 189 ILE A CG1   1 
ATOM   1287 C  CG2   . ILE C 3 135 ? -2.444  -9.160  -4.256  1.00 23.51 ? 189 ILE A CG2   1 
ATOM   1288 C  CD1   . ILE C 3 135 ? -4.471  -7.315  -2.898  1.00 21.21 ? 189 ILE A CD1   1 
ATOM   1289 N  N     . LYS C 3 136 ? -4.861  -9.234  -7.239  1.00 26.12 ? 190 LYS A N     1 
ATOM   1290 C  CA    . LYS C 3 136 ? -4.678  -8.806  -8.663  1.00 27.47 ? 190 LYS A CA    1 
ATOM   1291 C  C     . LYS C 3 136 ? -3.473  -7.949  -8.924  1.00 28.98 ? 190 LYS A C     1 
ATOM   1292 O  O     . LYS C 3 136 ? -2.931  -7.933  -10.031 1.00 30.39 ? 190 LYS A O     1 
ATOM   1293 C  CB    . LYS C 3 136 ? -5.948  -8.168  -9.236  1.00 34.02 ? 190 LYS A CB    1 
ATOM   1294 C  CG    . LYS C 3 136 ? -7.072  -9.174  -9.496  1.00 39.72 ? 190 LYS A CG    1 
ATOM   1295 C  CD    . LYS C 3 136 ? -6.901  -9.951  -10.809 1.00 48.51 ? 190 LYS A CD    1 
ATOM   1296 C  CE    . LYS C 3 136 ? -7.099  -9.136  -12.112 1.00 51.24 ? 190 LYS A CE    1 
ATOM   1297 N  NZ    . LYS C 3 136 ? -8.498  -9.079  -12.663 1.00 50.07 ? 190 LYS A NZ    1 
ATOM   1298 N  N     . ALA C 3 137 ? -2.975  -7.259  -7.905  1.00 23.18 ? 191 ALA A N     1 
ATOM   1299 C  CA    . ALA C 3 137 ? -1.731  -6.505  -8.011  1.00 23.93 ? 191 ALA A CA    1 
ATOM   1300 C  C     . ALA C 3 137 ? -0.426  -7.262  -7.716  1.00 27.27 ? 191 ALA A C     1 
ATOM   1301 O  O     . ALA C 3 137 ? 0.653   -6.678  -7.702  1.00 27.91 ? 191 ALA A O     1 
ATOM   1302 C  CB    . ALA C 3 137 ? -1.863  -5.248  -7.121  1.00 23.26 ? 191 ALA A CB    1 
ATOM   1303 N  N     . ASP C 3 138 ? -0.474  -8.576  -7.559  1.00 28.34 ? 192 ASP A N     1 
ATOM   1304 C  CA    . ASP C 3 138 ? 0.688   -9.333  -7.176  1.00 32.58 ? 192 ASP A CA    1 
ATOM   1305 C  C     . ASP C 3 138 ? 1.760   -9.212  -8.251  1.00 33.15 ? 192 ASP A C     1 
ATOM   1306 O  O     . ASP C 3 138 ? 1.462   -8.950  -9.400  1.00 35.49 ? 192 ASP A O     1 
ATOM   1307 C  CB    . ASP C 3 138 ? 0.300   -10.807 -6.971  1.00 36.70 ? 192 ASP A CB    1 
ATOM   1308 C  CG    . ASP C 3 138 ? 1.460   -11.674 -6.527  1.00 43.98 ? 192 ASP A CG    1 
ATOM   1309 O  OD1   . ASP C 3 138 ? 2.014   -11.425 -5.445  1.00 41.21 ? 192 ASP A OD1   1 
ATOM   1310 O  OD2   . ASP C 3 138 ? 1.804   -12.622 -7.243  1.00 50.44 ? 192 ASP A OD2   1 
ATOM   1311 N  N     . TYR C 3 139 ? 2.995   -9.332  -7.812  1.00 35.37 ? 193 TYR A N     1 
ATOM   1312 C  CA    . TYR C 3 139 ? 4.157   -9.441  -8.662  1.00 38.13 ? 193 TYR A CA    1 
ATOM   1313 C  C     . TYR C 3 139 ? 4.450   -10.940 -8.710  1.00 41.62 ? 193 TYR A C     1 
ATOM   1314 O  O     . TYR C 3 139 ? 4.470   -11.511 -9.784  1.00 50.47 ? 193 TYR A O     1 
ATOM   1315 C  CB    . TYR C 3 139 ? 5.322   -8.683  -8.044  1.00 35.54 ? 193 TYR A CB    1 
ATOM   1316 C  CG    . TYR C 3 139 ? 5.224   -7.167  -8.066  1.00 31.13 ? 193 TYR A CG    1 
ATOM   1317 C  CD1   . TYR C 3 139 ? 4.456   -6.468  -7.114  1.00 31.00 ? 193 TYR A CD1   1 
ATOM   1318 C  CD2   . TYR C 3 139 ? 5.939   -6.416  -8.987  1.00 32.48 ? 193 TYR A CD2   1 
ATOM   1319 C  CE1   . TYR C 3 139 ? 4.383   -5.075  -7.134  1.00 26.71 ? 193 TYR A CE1   1 
ATOM   1320 C  CE2   . TYR C 3 139 ? 5.876   -5.039  -9.005  1.00 31.08 ? 193 TYR A CE2   1 
ATOM   1321 C  CZ    . TYR C 3 139 ? 5.113   -4.358  -8.078  1.00 28.27 ? 193 TYR A CZ    1 
ATOM   1322 O  OH    . TYR C 3 139 ? 5.077   -2.980  -8.114  1.00 28.12 ? 193 TYR A OH    1 
HETATM 1323 MG MG    . MG  D 4 .   ? 0.917   -8.484  -0.427  1.00 30.21 ? 101 MG  B MG    1 
HETATM 1324 MG MG    . MG  E 4 .   ? 2.328   -10.247 -3.704  1.00 45.62 ? 201 MG  A MG    1 
HETATM 1325 O  O     . HOH F 5 .   ? 0.640   -8.670  7.317   1.00 21.59 ? 201 HOH B O     1 
HETATM 1326 O  O     . HOH F 5 .   ? 10.022  -24.230 22.610  1.00 44.59 ? 202 HOH B O     1 
HETATM 1327 O  O     . HOH G 5 .   ? 0.593   -1.917  15.159  1.00 33.28 ? 101 HOH C O     1 
HETATM 1328 O  O     . HOH G 5 .   ? 9.212   -14.495 10.617  1.00 34.30 ? 102 HOH C O     1 
HETATM 1329 O  O     . HOH H 5 .   ? -1.662  -11.621 10.844  1.00 33.23 ? 301 HOH A O     1 
HETATM 1330 O  O     . HOH H 5 .   ? -7.117  -9.416  8.459   1.00 39.47 ? 302 HOH A O     1 
HETATM 1331 O  O     . HOH H 5 .   ? 2.280   -7.739  5.147   1.00 22.02 ? 303 HOH A O     1 
HETATM 1332 O  O     . HOH H 5 .   ? 0.903   -10.677 -2.416  1.00 40.29 ? 304 HOH A O     1 
HETATM 1333 O  O     . HOH H 5 .   ? 6.480   -3.567  15.350  1.00 31.57 ? 305 HOH A O     1 
HETATM 1334 O  O     . HOH H 5 .   ? -0.875  -3.270  0.770   1.00 20.65 ? 306 HOH A O     1 
HETATM 1335 O  O     . HOH H 5 .   ? 3.782   -9.246  -4.781  1.00 39.06 ? 307 HOH A O     1 
HETATM 1336 O  O     . HOH H 5 .   ? -12.462 5.728   -2.037  1.00 20.76 ? 308 HOH A O     1 
HETATM 1337 O  O     . HOH H 5 .   ? 5.787   11.502  0.193   1.00 29.61 ? 309 HOH A O     1 
HETATM 1338 O  O     . HOH H 5 .   ? -5.435  -5.452  10.080  1.00 27.44 ? 310 HOH A O     1 
HETATM 1339 O  O     . HOH H 5 .   ? -8.569  2.906   7.611   1.00 30.09 ? 311 HOH A O     1 
HETATM 1340 O  O     . HOH H 5 .   ? 2.993   14.175  3.523   1.00 31.05 ? 312 HOH A O     1 
HETATM 1341 O  O     . HOH H 5 .   ? -1.511  -6.340  -0.775  1.00 22.82 ? 313 HOH A O     1 
HETATM 1342 O  O     . HOH H 5 .   ? 4.813   9.124   1.297   1.00 23.30 ? 314 HOH A O     1 
HETATM 1343 O  O     . HOH H 5 .   ? -9.416  8.296   -0.457  1.00 20.39 ? 315 HOH A O     1 
HETATM 1344 O  O     . HOH H 5 .   ? -12.823 -8.883  2.484   1.00 30.98 ? 316 HOH A O     1 
HETATM 1345 O  O     . HOH H 5 .   ? 0.365   0.964   14.393  1.00 27.53 ? 317 HOH A O     1 
HETATM 1346 O  O     . HOH H 5 .   ? -7.339  -8.177  -6.332  1.00 27.31 ? 318 HOH A O     1 
HETATM 1347 O  O     . HOH H 5 .   ? -14.532 -7.960  0.408   1.00 28.98 ? 319 HOH A O     1 
HETATM 1348 O  O     . HOH H 5 .   ? -2.653  -12.172 -2.288  1.00 25.28 ? 320 HOH A O     1 
HETATM 1349 O  O     . HOH H 5 .   ? -9.662  -1.119  7.394   1.00 32.81 ? 321 HOH A O     1 
HETATM 1350 O  O     . HOH H 5 .   ? -21.841 4.642   -1.540  1.00 27.08 ? 322 HOH A O     1 
HETATM 1351 O  O     . HOH H 5 .   ? 0.223   -9.512  10.450  1.00 32.54 ? 323 HOH A O     1 
HETATM 1352 O  O     . HOH H 5 .   ? -12.043 0.405   6.260   1.00 35.56 ? 324 HOH A O     1 
HETATM 1353 O  O     . HOH H 5 .   ? -16.524 10.402  -0.585  1.00 41.39 ? 325 HOH A O     1 
HETATM 1354 O  O     . HOH H 5 .   ? -2.085  -8.151  11.142  1.00 38.76 ? 326 HOH A O     1 
HETATM 1355 O  O     . HOH H 5 .   ? -10.190 8.994   8.060   1.00 46.27 ? 327 HOH A O     1 
HETATM 1356 O  O     . HOH H 5 .   ? -11.684 9.911   -0.451  1.00 30.61 ? 328 HOH A O     1 
# 
loop_
_pdbx_poly_seq_scheme.asym_id 
_pdbx_poly_seq_scheme.entity_id 
_pdbx_poly_seq_scheme.seq_id 
_pdbx_poly_seq_scheme.mon_id 
_pdbx_poly_seq_scheme.ndb_seq_num 
_pdbx_poly_seq_scheme.pdb_seq_num 
_pdbx_poly_seq_scheme.auth_seq_num 
_pdbx_poly_seq_scheme.pdb_mon_id 
_pdbx_poly_seq_scheme.auth_mon_id 
_pdbx_poly_seq_scheme.pdb_strand_id 
_pdbx_poly_seq_scheme.pdb_ins_code 
_pdbx_poly_seq_scheme.hetero 
A 1 1   U   1   1   1   U   U   B . n 
A 1 2   C   2   2   2   C   C   B . n 
A 1 3   G   3   3   3   G   G   B . n 
A 1 4   A   4   4   4   A   A   B . n 
A 1 5   C   5   5   5   C   C   B . n 
A 1 6   A   6   6   6   A   A   B . n 
B 2 1   DA  1   1   1   DA  DA  C . n 
B 2 2   DT  2   2   2   DT  DT  C . n 
B 2 3   DG  3   3   3   DG  DG  C . n 
B 2 4   T5S 4   4   4   T5S T5S C . n 
B 2 5   DC  5   5   5   DC  DC  C . n 
B 2 6   DG  6   6   6   DG  DG  C . n 
C 3 1   GLY 1   55  ?   ?   ?   A . n 
C 3 2   SER 2   56  ?   ?   ?   A . n 
C 3 3   HIS 3   57  ?   ?   ?   A . n 
C 3 4   MET 4   58  ?   ?   ?   A . n 
C 3 5   ALA 5   59  ?   ?   ?   A . n 
C 3 6   LYS 6   60  ?   ?   ?   A . n 
C 3 7   GLU 7   61  ?   ?   ?   A . n 
C 3 8   GLU 8   62  62  GLU GLU A . n 
C 3 9   ILE 9   63  63  ILE ILE A . n 
C 3 10  ILE 10  64  64  ILE ILE A . n 
C 3 11  TRP 11  65  65  TRP TRP A . n 
C 3 12  GLU 12  66  66  GLU GLU A . n 
C 3 13  SER 13  67  67  SER SER A . n 
C 3 14  LEU 14  68  68  LEU LEU A . n 
C 3 15  SER 15  69  69  SER SER A . n 
C 3 16  VAL 16  70  70  VAL VAL A . n 
C 3 17  ASP 17  71  71  ASP ASP A . n 
C 3 18  VAL 18  72  72  VAL VAL A . n 
C 3 19  GLY 19  73  73  GLY GLY A . n 
C 3 20  SER 20  74  74  SER SER A . n 
C 3 21  GLN 21  75  75  GLN GLN A . n 
C 3 22  GLY 22  76  76  GLY GLY A . n 
C 3 23  ASN 23  77  77  ASN ASN A . n 
C 3 24  PRO 24  78  78  PRO PRO A . n 
C 3 25  GLY 25  79  79  GLY GLY A . n 
C 3 26  ILE 26  80  80  ILE ILE A . n 
C 3 27  VAL 27  81  81  VAL VAL A . n 
C 3 28  GLU 28  82  82  GLU GLU A . n 
C 3 29  TYR 29  83  83  TYR TYR A . n 
C 3 30  LYS 30  84  84  LYS LYS A . n 
C 3 31  GLY 31  85  85  GLY GLY A . n 
C 3 32  VAL 32  86  86  VAL VAL A . n 
C 3 33  ASP 33  87  87  ASP ASP A . n 
C 3 34  THR 34  88  88  THR THR A . n 
C 3 35  LYS 35  89  89  LYS LYS A . n 
C 3 36  THR 36  90  90  THR THR A . n 
C 3 37  GLY 37  91  91  GLY GLY A . n 
C 3 38  GLU 38  92  92  GLU GLU A . n 
C 3 39  VAL 39  93  93  VAL VAL A . n 
C 3 40  LEU 40  94  94  LEU LEU A . n 
C 3 41  PHE 41  95  95  PHE PHE A . n 
C 3 42  GLU 42  96  96  GLU GLU A . n 
C 3 43  ARG 43  97  97  ARG ARG A . n 
C 3 44  GLU 44  98  98  GLU GLU A . n 
C 3 45  PRO 45  99  99  PRO PRO A . n 
C 3 46  ILE 46  100 100 ILE ILE A . n 
C 3 47  PRO 47  101 101 PRO PRO A . n 
C 3 48  ILE 48  102 102 ILE ILE A . n 
C 3 49  GLY 49  103 103 GLY GLY A . n 
C 3 50  THR 50  104 104 THR THR A . n 
C 3 51  ASN 51  105 105 ASN ASN A . n 
C 3 52  ASN 52  106 106 ASN ASN A . n 
C 3 53  MET 53  107 107 MET MET A . n 
C 3 54  GLY 54  108 108 GLY GLY A . n 
C 3 55  GLU 55  109 109 GLU GLU A . n 
C 3 56  PHE 56  110 110 PHE PHE A . n 
C 3 57  LEU 57  111 111 LEU LEU A . n 
C 3 58  ALA 58  112 112 ALA ALA A . n 
C 3 59  ILE 59  113 113 ILE ILE A . n 
C 3 60  VAL 60  114 114 VAL VAL A . n 
C 3 61  HIS 61  115 115 HIS HIS A . n 
C 3 62  GLY 62  116 116 GLY GLY A . n 
C 3 63  LEU 63  117 117 LEU LEU A . n 
C 3 64  ARG 64  118 118 ARG ARG A . n 
C 3 65  TYR 65  119 119 TYR TYR A . n 
C 3 66  LEU 66  120 120 LEU LEU A . n 
C 3 67  LYS 67  121 121 LYS LYS A . n 
C 3 68  GLU 68  122 122 GLU GLU A . n 
C 3 69  ARG 69  123 123 ARG ARG A . n 
C 3 70  ASN 70  124 124 ASN ASN A . n 
C 3 71  SER 71  125 125 SER SER A . n 
C 3 72  ARG 72  126 126 ARG ARG A . n 
C 3 73  LYS 73  127 127 LYS LYS A . n 
C 3 74  PRO 74  128 128 PRO PRO A . n 
C 3 75  ILE 75  129 129 ILE ILE A . n 
C 3 76  TYR 76  130 130 TYR TYR A . n 
C 3 77  SER 77  131 131 SER SER A . n 
C 3 78  ASN 78  132 132 ASN ASN A . n 
C 3 79  SER 79  133 133 SER SER A . n 
C 3 80  GLN 80  134 134 GLN GLN A . n 
C 3 81  THR 81  135 135 THR THR A . n 
C 3 82  ALA 82  136 136 ALA ALA A . n 
C 3 83  ILE 83  137 137 ILE ILE A . n 
C 3 84  LYS 84  138 138 LYS LYS A . n 
C 3 85  TRP 85  139 139 TRP TRP A . n 
C 3 86  VAL 86  140 140 VAL VAL A . n 
C 3 87  LYS 87  141 141 LYS LYS A . n 
C 3 88  ASP 88  142 142 ASP ASP A . n 
C 3 89  LYS 89  143 143 LYS LYS A . n 
C 3 90  LYS 90  144 144 LYS LYS A . n 
C 3 91  ALA 91  145 145 ALA ALA A . n 
C 3 92  LYS 92  146 146 LYS LYS A . n 
C 3 93  SER 93  147 147 SER SER A . n 
C 3 94  THR 94  148 148 THR THR A . n 
C 3 95  LEU 95  149 149 LEU LEU A . n 
C 3 96  VAL 96  150 150 VAL VAL A . n 
C 3 97  ARG 97  151 151 ARG ARG A . n 
C 3 98  ASN 98  152 152 ASN ASN A . n 
C 3 99  GLU 99  153 153 GLU GLU A . n 
C 3 100 GLU 100 154 154 GLU GLU A . n 
C 3 101 THR 101 155 155 THR THR A . n 
C 3 102 ALA 102 156 156 ALA ALA A . n 
C 3 103 LEU 103 157 157 LEU LEU A . n 
C 3 104 ILE 104 158 158 ILE ILE A . n 
C 3 105 TRP 105 159 159 TRP TRP A . n 
C 3 106 LYS 106 160 160 LYS LYS A . n 
C 3 107 LEU 107 161 161 LEU LEU A . n 
C 3 108 VAL 108 162 162 VAL VAL A . n 
C 3 109 ASP 109 163 163 ASP ASP A . n 
C 3 110 GLU 110 164 164 GLU GLU A . n 
C 3 111 ALA 111 165 165 ALA ALA A . n 
C 3 112 GLU 112 166 166 GLU GLU A . n 
C 3 113 GLU 113 167 167 GLU GLU A . n 
C 3 114 TRP 114 168 168 TRP TRP A . n 
C 3 115 LEU 115 169 169 LEU LEU A . n 
C 3 116 ASN 116 170 170 ASN ASN A . n 
C 3 117 THR 117 171 171 THR THR A . n 
C 3 118 HIS 118 172 172 HIS HIS A . n 
C 3 119 THR 119 173 173 THR THR A . n 
C 3 120 TYR 120 174 174 TYR TYR A . n 
C 3 121 GLU 121 175 175 GLU GLU A . n 
C 3 122 THR 122 176 176 THR THR A . n 
C 3 123 PRO 123 177 177 PRO PRO A . n 
C 3 124 ILE 124 178 178 ILE ILE A . n 
C 3 125 LEU 125 179 179 LEU LEU A . n 
C 3 126 LYS 126 180 180 LYS LYS A . n 
C 3 127 TRP 127 181 181 TRP TRP A . n 
C 3 128 GLN 128 182 182 GLN GLN A . n 
C 3 129 THR 129 183 183 THR THR A . n 
C 3 130 ASP 130 184 184 ASP ASP A . n 
C 3 131 LYS 131 185 185 LYS LYS A . n 
C 3 132 TRP 132 186 186 TRP TRP A . n 
C 3 133 GLY 133 187 187 GLY GLY A . n 
C 3 134 GLU 134 188 188 GLU GLU A . n 
C 3 135 ILE 135 189 189 ILE ILE A . n 
C 3 136 LYS 136 190 190 LYS LYS A . n 
C 3 137 ALA 137 191 191 ALA ALA A . n 
C 3 138 ASP 138 192 192 ASP ASP A . n 
C 3 139 TYR 139 193 193 TYR TYR A . n 
C 3 140 GLY 140 194 ?   ?   ?   A . n 
C 3 141 ARG 141 195 ?   ?   ?   A . n 
C 3 142 LYS 142 196 ?   ?   ?   A . n 
# 
loop_
_pdbx_nonpoly_scheme.asym_id 
_pdbx_nonpoly_scheme.entity_id 
_pdbx_nonpoly_scheme.mon_id 
_pdbx_nonpoly_scheme.ndb_seq_num 
_pdbx_nonpoly_scheme.pdb_seq_num 
_pdbx_nonpoly_scheme.auth_seq_num 
_pdbx_nonpoly_scheme.pdb_mon_id 
_pdbx_nonpoly_scheme.auth_mon_id 
_pdbx_nonpoly_scheme.pdb_strand_id 
_pdbx_nonpoly_scheme.pdb_ins_code 
D 4 MG  1  101 2  MG  MG  B . 
E 4 MG  1  201 1  MG  MG  A . 
F 5 HOH 1  201 5  HOH HOH B . 
F 5 HOH 2  202 1  HOH HOH B . 
G 5 HOH 1  101 24 HOH HOH C . 
G 5 HOH 2  102 12 HOH HOH C . 
H 5 HOH 1  301 6  HOH HOH A . 
H 5 HOH 2  302 27 HOH HOH A . 
H 5 HOH 3  303 4  HOH HOH A . 
H 5 HOH 4  304 13 HOH HOH A . 
H 5 HOH 5  305 23 HOH HOH A . 
H 5 HOH 6  306 3  HOH HOH A . 
H 5 HOH 7  307 14 HOH HOH A . 
H 5 HOH 8  308 10 HOH HOH A . 
H 5 HOH 9  309 31 HOH HOH A . 
H 5 HOH 10 310 7  HOH HOH A . 
H 5 HOH 11 311 20 HOH HOH A . 
H 5 HOH 12 312 30 HOH HOH A . 
H 5 HOH 13 313 2  HOH HOH A . 
H 5 HOH 14 314 29 HOH HOH A . 
H 5 HOH 15 315 9  HOH HOH A . 
H 5 HOH 16 316 26 HOH HOH A . 
H 5 HOH 17 317 8  HOH HOH A . 
H 5 HOH 18 318 16 HOH HOH A . 
H 5 HOH 19 319 25 HOH HOH A . 
H 5 HOH 20 320 15 HOH HOH A . 
H 5 HOH 21 321 19 HOH HOH A . 
H 5 HOH 22 322 11 HOH HOH A . 
H 5 HOH 23 323 32 HOH HOH A . 
H 5 HOH 24 324 21 HOH HOH A . 
H 5 HOH 25 325 18 HOH HOH A . 
H 5 HOH 26 326 28 HOH HOH A . 
H 5 HOH 27 327 22 HOH HOH A . 
H 5 HOH 28 328 17 HOH HOH A . 
# 
_pdbx_struct_assembly.id                   1 
_pdbx_struct_assembly.details              author_and_software_defined_assembly 
_pdbx_struct_assembly.method_details       PISA 
_pdbx_struct_assembly.oligomeric_details   trimeric 
_pdbx_struct_assembly.oligomeric_count     3 
# 
_pdbx_struct_assembly_gen.assembly_id       1 
_pdbx_struct_assembly_gen.oper_expression   1 
_pdbx_struct_assembly_gen.asym_id_list      A,B,C,D,E,F,G,H 
# 
loop_
_pdbx_struct_assembly_prop.biol_id 
_pdbx_struct_assembly_prop.type 
_pdbx_struct_assembly_prop.value 
_pdbx_struct_assembly_prop.details 
1 'ABSA (A^2)' 2020 ? 
1 MORE         -24  ? 
1 'SSA (A^2)'  8600 ? 
# 
_pdbx_struct_oper_list.id                   1 
_pdbx_struct_oper_list.type                 'identity operation' 
_pdbx_struct_oper_list.name                 1_555 
_pdbx_struct_oper_list.symmetry_operation   x,y,z 
_pdbx_struct_oper_list.matrix[1][1]         1.0000000000 
_pdbx_struct_oper_list.matrix[1][2]         0.0000000000 
_pdbx_struct_oper_list.matrix[1][3]         0.0000000000 
_pdbx_struct_oper_list.vector[1]            0.0000000000 
_pdbx_struct_oper_list.matrix[2][1]         0.0000000000 
_pdbx_struct_oper_list.matrix[2][2]         1.0000000000 
_pdbx_struct_oper_list.matrix[2][3]         0.0000000000 
_pdbx_struct_oper_list.vector[2]            0.0000000000 
_pdbx_struct_oper_list.matrix[3][1]         0.0000000000 
_pdbx_struct_oper_list.matrix[3][2]         0.0000000000 
_pdbx_struct_oper_list.matrix[3][3]         1.0000000000 
_pdbx_struct_oper_list.vector[3]            0.0000000000 
# 
loop_
_pdbx_struct_conn_angle.id 
_pdbx_struct_conn_angle.ptnr1_label_atom_id 
_pdbx_struct_conn_angle.ptnr1_label_alt_id 
_pdbx_struct_conn_angle.ptnr1_label_asym_id 
_pdbx_struct_conn_angle.ptnr1_label_comp_id 
_pdbx_struct_conn_angle.ptnr1_label_seq_id 
_pdbx_struct_conn_angle.ptnr1_auth_atom_id 
_pdbx_struct_conn_angle.ptnr1_auth_asym_id 
_pdbx_struct_conn_angle.ptnr1_auth_comp_id 
_pdbx_struct_conn_angle.ptnr1_auth_seq_id 
_pdbx_struct_conn_angle.ptnr1_PDB_ins_code 
_pdbx_struct_conn_angle.ptnr1_symmetry 
_pdbx_struct_conn_angle.ptnr2_label_atom_id 
_pdbx_struct_conn_angle.ptnr2_label_alt_id 
_pdbx_struct_conn_angle.ptnr2_label_asym_id 
_pdbx_struct_conn_angle.ptnr2_label_comp_id 
_pdbx_struct_conn_angle.ptnr2_label_seq_id 
_pdbx_struct_conn_angle.ptnr2_auth_atom_id 
_pdbx_struct_conn_angle.ptnr2_auth_asym_id 
_pdbx_struct_conn_angle.ptnr2_auth_comp_id 
_pdbx_struct_conn_angle.ptnr2_auth_seq_id 
_pdbx_struct_conn_angle.ptnr2_PDB_ins_code 
_pdbx_struct_conn_angle.ptnr2_symmetry 
_pdbx_struct_conn_angle.ptnr3_label_atom_id 
_pdbx_struct_conn_angle.ptnr3_label_alt_id 
_pdbx_struct_conn_angle.ptnr3_label_asym_id 
_pdbx_struct_conn_angle.ptnr3_label_comp_id 
_pdbx_struct_conn_angle.ptnr3_label_seq_id 
_pdbx_struct_conn_angle.ptnr3_auth_atom_id 
_pdbx_struct_conn_angle.ptnr3_auth_asym_id 
_pdbx_struct_conn_angle.ptnr3_auth_comp_id 
_pdbx_struct_conn_angle.ptnr3_auth_seq_id 
_pdbx_struct_conn_angle.ptnr3_PDB_ins_code 
_pdbx_struct_conn_angle.ptnr3_symmetry 
_pdbx_struct_conn_angle.value 
_pdbx_struct_conn_angle.value_esd 
1  "O3'" ? A A   6   ? B A   6   ? 1_555 MG ? D MG . ? B MG 101 ? 1_555 O   ? F HOH .   ? B HOH 202 ? 4_746 68.7  ? 
2  "O3'" ? A A   6   ? B A   6   ? 1_555 MG ? D MG . ? B MG 101 ? 1_555 OD1 ? C ASP 17  ? A ASP 71  ? 1_555 133.9 ? 
3  O     ? F HOH .   ? B HOH 202 ? 4_746 MG ? D MG . ? B MG 101 ? 1_555 OD1 ? C ASP 17  ? A ASP 71  ? 1_555 65.3  ? 
4  "O3'" ? A A   6   ? B A   6   ? 1_555 MG ? D MG . ? B MG 101 ? 1_555 OE2 ? C GLU 55  ? A GLU 109 ? 1_555 86.9  ? 
5  O     ? F HOH .   ? B HOH 202 ? 4_746 MG ? D MG . ? B MG 101 ? 1_555 OE2 ? C GLU 55  ? A GLU 109 ? 1_555 98.5  ? 
6  OD1   ? C ASP 17  ? A ASP 71  ? 1_555 MG ? D MG . ? B MG 101 ? 1_555 OE2 ? C GLU 55  ? A GLU 109 ? 1_555 97.9  ? 
7  "O3'" ? A A   6   ? B A   6   ? 1_555 MG ? D MG . ? B MG 101 ? 1_555 OD1 ? C ASN 78  ? A ASN 132 ? 1_555 93.2  ? 
8  O     ? F HOH .   ? B HOH 202 ? 4_746 MG ? D MG . ? B MG 101 ? 1_555 OD1 ? C ASN 78  ? A ASN 132 ? 1_555 155.1 ? 
9  OD1   ? C ASP 17  ? A ASP 71  ? 1_555 MG ? D MG . ? B MG 101 ? 1_555 OD1 ? C ASN 78  ? A ASN 132 ? 1_555 130.9 ? 
10 OE2   ? C GLU 55  ? A GLU 109 ? 1_555 MG ? D MG . ? B MG 101 ? 1_555 OD1 ? C ASN 78  ? A ASN 132 ? 1_555 97.3  ? 
11 "O3'" ? A A   6   ? B A   6   ? 1_555 MG ? D MG . ? B MG 101 ? 1_555 O   ? H HOH .   ? A HOH 304 ? 1_555 74.4  ? 
12 O     ? F HOH .   ? B HOH 202 ? 4_746 MG ? D MG . ? B MG 101 ? 1_555 O   ? H HOH .   ? A HOH 304 ? 1_555 54.2  ? 
13 OD1   ? C ASP 17  ? A ASP 71  ? 1_555 MG ? D MG . ? B MG 101 ? 1_555 O   ? H HOH .   ? A HOH 304 ? 1_555 80.5  ? 
14 OE2   ? C GLU 55  ? A GLU 109 ? 1_555 MG ? D MG . ? B MG 101 ? 1_555 O   ? H HOH .   ? A HOH 304 ? 1_555 151.0 ? 
15 OD1   ? C ASN 78  ? A ASN 132 ? 1_555 MG ? D MG . ? B MG 101 ? 1_555 O   ? H HOH .   ? A HOH 304 ? 1_555 105.6 ? 
16 O     ? F HOH .   ? B HOH 202 ? 4_746 MG ? E MG . ? A MG 201 ? 1_555 OD2 ? C ASP 17  ? A ASP 71  ? 1_555 91.1  ? 
17 O     ? F HOH .   ? B HOH 202 ? 4_746 MG ? E MG . ? A MG 201 ? 1_555 OD1 ? C ASP 138 ? A ASP 192 ? 1_555 162.4 ? 
18 OD2   ? C ASP 17  ? A ASP 71  ? 1_555 MG ? E MG . ? A MG 201 ? 1_555 OD1 ? C ASP 138 ? A ASP 192 ? 1_555 103.6 ? 
19 O     ? F HOH .   ? B HOH 202 ? 4_746 MG ? E MG . ? A MG 201 ? 1_555 O   ? H HOH .   ? A HOH 304 ? 1_555 83.2  ? 
20 OD2   ? C ASP 17  ? A ASP 71  ? 1_555 MG ? E MG . ? A MG 201 ? 1_555 O   ? H HOH .   ? A HOH 304 ? 1_555 83.4  ? 
21 OD1   ? C ASP 138 ? A ASP 192 ? 1_555 MG ? E MG . ? A MG 201 ? 1_555 O   ? H HOH .   ? A HOH 304 ? 1_555 108.0 ? 
22 O     ? F HOH .   ? B HOH 202 ? 4_746 MG ? E MG . ? A MG 201 ? 1_555 O   ? H HOH .   ? A HOH 307 ? 1_555 84.6  ? 
23 OD2   ? C ASP 17  ? A ASP 71  ? 1_555 MG ? E MG . ? A MG 201 ? 1_555 O   ? H HOH .   ? A HOH 307 ? 1_555 84.7  ? 
24 OD1   ? C ASP 138 ? A ASP 192 ? 1_555 MG ? E MG . ? A MG 201 ? 1_555 O   ? H HOH .   ? A HOH 307 ? 1_555 86.9  ? 
25 O     ? H HOH .   ? A HOH 304 ? 1_555 MG ? E MG . ? A MG 201 ? 1_555 O   ? H HOH .   ? A HOH 307 ? 1_555 162.8 ? 
# 
loop_
_pdbx_audit_revision_history.ordinal 
_pdbx_audit_revision_history.data_content_type 
_pdbx_audit_revision_history.major_revision 
_pdbx_audit_revision_history.minor_revision 
_pdbx_audit_revision_history.revision_date 
1 'Structure model' 1 0 2017-03-08 
2 'Structure model' 1 1 2023-08-02 
3 'Structure model' 1 2 2023-10-04 
# 
_pdbx_audit_revision_details.ordinal             1 
_pdbx_audit_revision_details.revision_ordinal    1 
_pdbx_audit_revision_details.data_content_type   'Structure model' 
_pdbx_audit_revision_details.provider            repository 
_pdbx_audit_revision_details.type                'Initial release' 
_pdbx_audit_revision_details.description         ? 
_pdbx_audit_revision_details.details             ? 
# 
loop_
_pdbx_audit_revision_group.ordinal 
_pdbx_audit_revision_group.revision_ordinal 
_pdbx_audit_revision_group.data_content_type 
_pdbx_audit_revision_group.group 
1 2 'Structure model' 'Database references'    
2 2 'Structure model' 'Derived calculations'   
3 3 'Structure model' 'Data collection'        
4 3 'Structure model' 'Refinement description' 
# 
loop_
_pdbx_audit_revision_category.ordinal 
_pdbx_audit_revision_category.revision_ordinal 
_pdbx_audit_revision_category.data_content_type 
_pdbx_audit_revision_category.category 
1 2 'Structure model' citation                      
2 2 'Structure model' citation_author               
3 2 'Structure model' database_2                    
4 2 'Structure model' pdbx_struct_conn_angle        
5 2 'Structure model' struct_conn                   
6 2 'Structure model' struct_conn_type              
7 3 'Structure model' chem_comp_atom                
8 3 'Structure model' chem_comp_bond                
9 3 'Structure model' pdbx_initial_refinement_model 
# 
loop_
_pdbx_audit_revision_item.ordinal 
_pdbx_audit_revision_item.revision_ordinal 
_pdbx_audit_revision_item.data_content_type 
_pdbx_audit_revision_item.item 
1  2 'Structure model' '_citation.country'                           
2  2 'Structure model' '_citation.journal_abbrev'                    
3  2 'Structure model' '_citation.journal_id_CSD'                    
4  2 'Structure model' '_citation.journal_id_ISSN'                   
5  2 'Structure model' '_citation.journal_volume'                    
6  2 'Structure model' '_citation.pdbx_database_id_DOI'              
7  2 'Structure model' '_citation.title'                             
8  2 'Structure model' '_citation.year'                              
9  2 'Structure model' '_database_2.pdbx_DOI'                        
10 2 'Structure model' '_database_2.pdbx_database_accession'         
11 2 'Structure model' '_pdbx_struct_conn_angle.ptnr1_auth_asym_id'  
12 2 'Structure model' '_pdbx_struct_conn_angle.ptnr1_auth_comp_id'  
13 2 'Structure model' '_pdbx_struct_conn_angle.ptnr1_auth_seq_id'   
14 2 'Structure model' '_pdbx_struct_conn_angle.ptnr1_label_asym_id' 
15 2 'Structure model' '_pdbx_struct_conn_angle.ptnr1_label_atom_id' 
16 2 'Structure model' '_pdbx_struct_conn_angle.ptnr1_label_comp_id' 
17 2 'Structure model' '_pdbx_struct_conn_angle.ptnr1_label_seq_id'  
18 2 'Structure model' '_pdbx_struct_conn_angle.ptnr1_symmetry'      
19 2 'Structure model' '_pdbx_struct_conn_angle.ptnr3_auth_asym_id'  
20 2 'Structure model' '_pdbx_struct_conn_angle.ptnr3_auth_comp_id'  
21 2 'Structure model' '_pdbx_struct_conn_angle.ptnr3_auth_seq_id'   
22 2 'Structure model' '_pdbx_struct_conn_angle.ptnr3_label_asym_id' 
23 2 'Structure model' '_pdbx_struct_conn_angle.ptnr3_label_atom_id' 
24 2 'Structure model' '_pdbx_struct_conn_angle.ptnr3_label_comp_id' 
25 2 'Structure model' '_pdbx_struct_conn_angle.ptnr3_label_seq_id'  
26 2 'Structure model' '_pdbx_struct_conn_angle.ptnr3_symmetry'      
27 2 'Structure model' '_pdbx_struct_conn_angle.value'               
28 2 'Structure model' '_struct_conn.conn_type_id'                   
29 2 'Structure model' '_struct_conn.id'                             
30 2 'Structure model' '_struct_conn.pdbx_dist_value'                
31 2 'Structure model' '_struct_conn.pdbx_leaving_atom_flag'         
32 2 'Structure model' '_struct_conn.ptnr1_auth_asym_id'             
33 2 'Structure model' '_struct_conn.ptnr1_auth_comp_id'             
34 2 'Structure model' '_struct_conn.ptnr1_auth_seq_id'              
35 2 'Structure model' '_struct_conn.ptnr1_label_asym_id'            
36 2 'Structure model' '_struct_conn.ptnr1_label_atom_id'            
37 2 'Structure model' '_struct_conn.ptnr1_label_comp_id'            
38 2 'Structure model' '_struct_conn.ptnr1_label_seq_id'             
39 2 'Structure model' '_struct_conn.ptnr1_symmetry'                 
40 2 'Structure model' '_struct_conn.ptnr2_auth_asym_id'             
41 2 'Structure model' '_struct_conn.ptnr2_auth_comp_id'             
42 2 'Structure model' '_struct_conn.ptnr2_auth_seq_id'              
43 2 'Structure model' '_struct_conn.ptnr2_label_asym_id'            
44 2 'Structure model' '_struct_conn.ptnr2_label_atom_id'            
45 2 'Structure model' '_struct_conn.ptnr2_label_comp_id'            
46 2 'Structure model' '_struct_conn.ptnr2_label_seq_id'             
47 2 'Structure model' '_struct_conn.ptnr2_symmetry'                 
48 2 'Structure model' '_struct_conn_type.id'                        
# 
loop_
_software.citation_id 
_software.classification 
_software.compiler_name 
_software.compiler_version 
_software.contact_author 
_software.contact_author_email 
_software.date 
_software.description 
_software.dependencies 
_software.hardware 
_software.language 
_software.location 
_software.mods 
_software.name 
_software.os 
_software.os_version 
_software.type 
_software.version 
_software.pdbx_ordinal 
? refinement       ? ? ? ? ? ? ? ? ? ? ? REFMAC   ? ? ? 5.8.0135 1 
? 'data reduction' ? ? ? ? ? ? ? ? ? ? ? HKL-2000 ? ? ? .        2 
? 'data scaling'   ? ? ? ? ? ? ? ? ? ? ? HKL-2000 ? ? ? .        3 
? phasing          ? ? ? ? ? ? ? ? ? ? ? PHASER   ? ? ? .        4 
# 
loop_
_pdbx_validate_rmsd_bond.id 
_pdbx_validate_rmsd_bond.PDB_model_num 
_pdbx_validate_rmsd_bond.auth_atom_id_1 
_pdbx_validate_rmsd_bond.auth_asym_id_1 
_pdbx_validate_rmsd_bond.auth_comp_id_1 
_pdbx_validate_rmsd_bond.auth_seq_id_1 
_pdbx_validate_rmsd_bond.PDB_ins_code_1 
_pdbx_validate_rmsd_bond.label_alt_id_1 
_pdbx_validate_rmsd_bond.auth_atom_id_2 
_pdbx_validate_rmsd_bond.auth_asym_id_2 
_pdbx_validate_rmsd_bond.auth_comp_id_2 
_pdbx_validate_rmsd_bond.auth_seq_id_2 
_pdbx_validate_rmsd_bond.PDB_ins_code_2 
_pdbx_validate_rmsd_bond.label_alt_id_2 
_pdbx_validate_rmsd_bond.bond_value 
_pdbx_validate_rmsd_bond.bond_target_value 
_pdbx_validate_rmsd_bond.bond_deviation 
_pdbx_validate_rmsd_bond.bond_standard_deviation 
_pdbx_validate_rmsd_bond.linker_flag 
1 1 "O3'" C DG  3   ? ? P   C T5S 4   ? ? 1.726 1.607 0.119 0.012 Y 
2 1 CG    A GLU 122 ? ? CD  A GLU 122 ? ? 1.608 1.515 0.093 0.015 N 
3 1 CD    A GLU 122 ? ? OE2 A GLU 122 ? ? 1.320 1.252 0.068 0.011 N 
# 
loop_
_pdbx_validate_rmsd_angle.id 
_pdbx_validate_rmsd_angle.PDB_model_num 
_pdbx_validate_rmsd_angle.auth_atom_id_1 
_pdbx_validate_rmsd_angle.auth_asym_id_1 
_pdbx_validate_rmsd_angle.auth_comp_id_1 
_pdbx_validate_rmsd_angle.auth_seq_id_1 
_pdbx_validate_rmsd_angle.PDB_ins_code_1 
_pdbx_validate_rmsd_angle.label_alt_id_1 
_pdbx_validate_rmsd_angle.auth_atom_id_2 
_pdbx_validate_rmsd_angle.auth_asym_id_2 
_pdbx_validate_rmsd_angle.auth_comp_id_2 
_pdbx_validate_rmsd_angle.auth_seq_id_2 
_pdbx_validate_rmsd_angle.PDB_ins_code_2 
_pdbx_validate_rmsd_angle.label_alt_id_2 
_pdbx_validate_rmsd_angle.auth_atom_id_3 
_pdbx_validate_rmsd_angle.auth_asym_id_3 
_pdbx_validate_rmsd_angle.auth_comp_id_3 
_pdbx_validate_rmsd_angle.auth_seq_id_3 
_pdbx_validate_rmsd_angle.PDB_ins_code_3 
_pdbx_validate_rmsd_angle.label_alt_id_3 
_pdbx_validate_rmsd_angle.angle_value 
_pdbx_validate_rmsd_angle.angle_target_value 
_pdbx_validate_rmsd_angle.angle_deviation 
_pdbx_validate_rmsd_angle.angle_standard_deviation 
_pdbx_validate_rmsd_angle.linker_flag 
1 1 "C3'" C T5S 4   ? ? "O3'" C T5S 4   ? ? P   C DC  5   ? ? 127.44 119.70 7.74  1.20 Y 
2 1 CB    A ASP 184 ? ? CG    A ASP 184 ? ? OD1 A ASP 184 ? ? 125.02 118.30 6.72  0.90 N 
3 1 CB    A ASP 184 ? ? CG    A ASP 184 ? ? OD2 A ASP 184 ? ? 112.58 118.30 -5.72 0.90 N 
# 
loop_
_pdbx_unobs_or_zero_occ_residues.id 
_pdbx_unobs_or_zero_occ_residues.PDB_model_num 
_pdbx_unobs_or_zero_occ_residues.polymer_flag 
_pdbx_unobs_or_zero_occ_residues.occupancy_flag 
_pdbx_unobs_or_zero_occ_residues.auth_asym_id 
_pdbx_unobs_or_zero_occ_residues.auth_comp_id 
_pdbx_unobs_or_zero_occ_residues.auth_seq_id 
_pdbx_unobs_or_zero_occ_residues.PDB_ins_code 
_pdbx_unobs_or_zero_occ_residues.label_asym_id 
_pdbx_unobs_or_zero_occ_residues.label_comp_id 
_pdbx_unobs_or_zero_occ_residues.label_seq_id 
1  1 Y 1 A GLY 55  ? C GLY 1   
2  1 Y 1 A SER 56  ? C SER 2   
3  1 Y 1 A HIS 57  ? C HIS 3   
4  1 Y 1 A MET 58  ? C MET 4   
5  1 Y 1 A ALA 59  ? C ALA 5   
6  1 Y 1 A LYS 60  ? C LYS 6   
7  1 Y 1 A GLU 61  ? C GLU 7   
8  1 Y 1 A GLY 194 ? C GLY 140 
9  1 Y 1 A ARG 195 ? C ARG 141 
10 1 Y 1 A LYS 196 ? C LYS 142 
# 
loop_
_chem_comp_atom.comp_id 
_chem_comp_atom.atom_id 
_chem_comp_atom.type_symbol 
_chem_comp_atom.pdbx_aromatic_flag 
_chem_comp_atom.pdbx_stereo_config 
_chem_comp_atom.pdbx_ordinal 
A   OP3    O  N N 1   
A   P      P  N N 2   
A   OP1    O  N N 3   
A   OP2    O  N N 4   
A   "O5'"  O  N N 5   
A   "C5'"  C  N N 6   
A   "C4'"  C  N R 7   
A   "O4'"  O  N N 8   
A   "C3'"  C  N S 9   
A   "O3'"  O  N N 10  
A   "C2'"  C  N R 11  
A   "O2'"  O  N N 12  
A   "C1'"  C  N R 13  
A   N9     N  Y N 14  
A   C8     C  Y N 15  
A   N7     N  Y N 16  
A   C5     C  Y N 17  
A   C6     C  Y N 18  
A   N6     N  N N 19  
A   N1     N  Y N 20  
A   C2     C  Y N 21  
A   N3     N  Y N 22  
A   C4     C  Y N 23  
A   HOP3   H  N N 24  
A   HOP2   H  N N 25  
A   "H5'"  H  N N 26  
A   "H5''" H  N N 27  
A   "H4'"  H  N N 28  
A   "H3'"  H  N N 29  
A   "HO3'" H  N N 30  
A   "H2'"  H  N N 31  
A   "HO2'" H  N N 32  
A   "H1'"  H  N N 33  
A   H8     H  N N 34  
A   H61    H  N N 35  
A   H62    H  N N 36  
A   H2     H  N N 37  
ALA N      N  N N 38  
ALA CA     C  N S 39  
ALA C      C  N N 40  
ALA O      O  N N 41  
ALA CB     C  N N 42  
ALA OXT    O  N N 43  
ALA H      H  N N 44  
ALA H2     H  N N 45  
ALA HA     H  N N 46  
ALA HB1    H  N N 47  
ALA HB2    H  N N 48  
ALA HB3    H  N N 49  
ALA HXT    H  N N 50  
ARG N      N  N N 51  
ARG CA     C  N S 52  
ARG C      C  N N 53  
ARG O      O  N N 54  
ARG CB     C  N N 55  
ARG CG     C  N N 56  
ARG CD     C  N N 57  
ARG NE     N  N N 58  
ARG CZ     C  N N 59  
ARG NH1    N  N N 60  
ARG NH2    N  N N 61  
ARG OXT    O  N N 62  
ARG H      H  N N 63  
ARG H2     H  N N 64  
ARG HA     H  N N 65  
ARG HB2    H  N N 66  
ARG HB3    H  N N 67  
ARG HG2    H  N N 68  
ARG HG3    H  N N 69  
ARG HD2    H  N N 70  
ARG HD3    H  N N 71  
ARG HE     H  N N 72  
ARG HH11   H  N N 73  
ARG HH12   H  N N 74  
ARG HH21   H  N N 75  
ARG HH22   H  N N 76  
ARG HXT    H  N N 77  
ASN N      N  N N 78  
ASN CA     C  N S 79  
ASN C      C  N N 80  
ASN O      O  N N 81  
ASN CB     C  N N 82  
ASN CG     C  N N 83  
ASN OD1    O  N N 84  
ASN ND2    N  N N 85  
ASN OXT    O  N N 86  
ASN H      H  N N 87  
ASN H2     H  N N 88  
ASN HA     H  N N 89  
ASN HB2    H  N N 90  
ASN HB3    H  N N 91  
ASN HD21   H  N N 92  
ASN HD22   H  N N 93  
ASN HXT    H  N N 94  
ASP N      N  N N 95  
ASP CA     C  N S 96  
ASP C      C  N N 97  
ASP O      O  N N 98  
ASP CB     C  N N 99  
ASP CG     C  N N 100 
ASP OD1    O  N N 101 
ASP OD2    O  N N 102 
ASP OXT    O  N N 103 
ASP H      H  N N 104 
ASP H2     H  N N 105 
ASP HA     H  N N 106 
ASP HB2    H  N N 107 
ASP HB3    H  N N 108 
ASP HD2    H  N N 109 
ASP HXT    H  N N 110 
C   OP3    O  N N 111 
C   P      P  N N 112 
C   OP1    O  N N 113 
C   OP2    O  N N 114 
C   "O5'"  O  N N 115 
C   "C5'"  C  N N 116 
C   "C4'"  C  N R 117 
C   "O4'"  O  N N 118 
C   "C3'"  C  N S 119 
C   "O3'"  O  N N 120 
C   "C2'"  C  N R 121 
C   "O2'"  O  N N 122 
C   "C1'"  C  N R 123 
C   N1     N  N N 124 
C   C2     C  N N 125 
C   O2     O  N N 126 
C   N3     N  N N 127 
C   C4     C  N N 128 
C   N4     N  N N 129 
C   C5     C  N N 130 
C   C6     C  N N 131 
C   HOP3   H  N N 132 
C   HOP2   H  N N 133 
C   "H5'"  H  N N 134 
C   "H5''" H  N N 135 
C   "H4'"  H  N N 136 
C   "H3'"  H  N N 137 
C   "HO3'" H  N N 138 
C   "H2'"  H  N N 139 
C   "HO2'" H  N N 140 
C   "H1'"  H  N N 141 
C   H41    H  N N 142 
C   H42    H  N N 143 
C   H5     H  N N 144 
C   H6     H  N N 145 
DA  OP3    O  N N 146 
DA  P      P  N N 147 
DA  OP1    O  N N 148 
DA  OP2    O  N N 149 
DA  "O5'"  O  N N 150 
DA  "C5'"  C  N N 151 
DA  "C4'"  C  N R 152 
DA  "O4'"  O  N N 153 
DA  "C3'"  C  N S 154 
DA  "O3'"  O  N N 155 
DA  "C2'"  C  N N 156 
DA  "C1'"  C  N R 157 
DA  N9     N  Y N 158 
DA  C8     C  Y N 159 
DA  N7     N  Y N 160 
DA  C5     C  Y N 161 
DA  C6     C  Y N 162 
DA  N6     N  N N 163 
DA  N1     N  Y N 164 
DA  C2     C  Y N 165 
DA  N3     N  Y N 166 
DA  C4     C  Y N 167 
DA  HOP3   H  N N 168 
DA  HOP2   H  N N 169 
DA  "H5'"  H  N N 170 
DA  "H5''" H  N N 171 
DA  "H4'"  H  N N 172 
DA  "H3'"  H  N N 173 
DA  "HO3'" H  N N 174 
DA  "H2'"  H  N N 175 
DA  "H2''" H  N N 176 
DA  "H1'"  H  N N 177 
DA  H8     H  N N 178 
DA  H61    H  N N 179 
DA  H62    H  N N 180 
DA  H2     H  N N 181 
DC  OP3    O  N N 182 
DC  P      P  N N 183 
DC  OP1    O  N N 184 
DC  OP2    O  N N 185 
DC  "O5'"  O  N N 186 
DC  "C5'"  C  N N 187 
DC  "C4'"  C  N R 188 
DC  "O4'"  O  N N 189 
DC  "C3'"  C  N S 190 
DC  "O3'"  O  N N 191 
DC  "C2'"  C  N N 192 
DC  "C1'"  C  N R 193 
DC  N1     N  N N 194 
DC  C2     C  N N 195 
DC  O2     O  N N 196 
DC  N3     N  N N 197 
DC  C4     C  N N 198 
DC  N4     N  N N 199 
DC  C5     C  N N 200 
DC  C6     C  N N 201 
DC  HOP3   H  N N 202 
DC  HOP2   H  N N 203 
DC  "H5'"  H  N N 204 
DC  "H5''" H  N N 205 
DC  "H4'"  H  N N 206 
DC  "H3'"  H  N N 207 
DC  "HO3'" H  N N 208 
DC  "H2'"  H  N N 209 
DC  "H2''" H  N N 210 
DC  "H1'"  H  N N 211 
DC  H41    H  N N 212 
DC  H42    H  N N 213 
DC  H5     H  N N 214 
DC  H6     H  N N 215 
DG  OP3    O  N N 216 
DG  P      P  N N 217 
DG  OP1    O  N N 218 
DG  OP2    O  N N 219 
DG  "O5'"  O  N N 220 
DG  "C5'"  C  N N 221 
DG  "C4'"  C  N R 222 
DG  "O4'"  O  N N 223 
DG  "C3'"  C  N S 224 
DG  "O3'"  O  N N 225 
DG  "C2'"  C  N N 226 
DG  "C1'"  C  N R 227 
DG  N9     N  Y N 228 
DG  C8     C  Y N 229 
DG  N7     N  Y N 230 
DG  C5     C  Y N 231 
DG  C6     C  N N 232 
DG  O6     O  N N 233 
DG  N1     N  N N 234 
DG  C2     C  N N 235 
DG  N2     N  N N 236 
DG  N3     N  N N 237 
DG  C4     C  Y N 238 
DG  HOP3   H  N N 239 
DG  HOP2   H  N N 240 
DG  "H5'"  H  N N 241 
DG  "H5''" H  N N 242 
DG  "H4'"  H  N N 243 
DG  "H3'"  H  N N 244 
DG  "HO3'" H  N N 245 
DG  "H2'"  H  N N 246 
DG  "H2''" H  N N 247 
DG  "H1'"  H  N N 248 
DG  H8     H  N N 249 
DG  H1     H  N N 250 
DG  H21    H  N N 251 
DG  H22    H  N N 252 
DT  OP3    O  N N 253 
DT  P      P  N N 254 
DT  OP1    O  N N 255 
DT  OP2    O  N N 256 
DT  "O5'"  O  N N 257 
DT  "C5'"  C  N N 258 
DT  "C4'"  C  N R 259 
DT  "O4'"  O  N N 260 
DT  "C3'"  C  N S 261 
DT  "O3'"  O  N N 262 
DT  "C2'"  C  N N 263 
DT  "C1'"  C  N R 264 
DT  N1     N  N N 265 
DT  C2     C  N N 266 
DT  O2     O  N N 267 
DT  N3     N  N N 268 
DT  C4     C  N N 269 
DT  O4     O  N N 270 
DT  C5     C  N N 271 
DT  C7     C  N N 272 
DT  C6     C  N N 273 
DT  HOP3   H  N N 274 
DT  HOP2   H  N N 275 
DT  "H5'"  H  N N 276 
DT  "H5''" H  N N 277 
DT  "H4'"  H  N N 278 
DT  "H3'"  H  N N 279 
DT  "HO3'" H  N N 280 
DT  "H2'"  H  N N 281 
DT  "H2''" H  N N 282 
DT  "H1'"  H  N N 283 
DT  H3     H  N N 284 
DT  H71    H  N N 285 
DT  H72    H  N N 286 
DT  H73    H  N N 287 
DT  H6     H  N N 288 
G   OP3    O  N N 289 
G   P      P  N N 290 
G   OP1    O  N N 291 
G   OP2    O  N N 292 
G   "O5'"  O  N N 293 
G   "C5'"  C  N N 294 
G   "C4'"  C  N R 295 
G   "O4'"  O  N N 296 
G   "C3'"  C  N S 297 
G   "O3'"  O  N N 298 
G   "C2'"  C  N R 299 
G   "O2'"  O  N N 300 
G   "C1'"  C  N R 301 
G   N9     N  Y N 302 
G   C8     C  Y N 303 
G   N7     N  Y N 304 
G   C5     C  Y N 305 
G   C6     C  N N 306 
G   O6     O  N N 307 
G   N1     N  N N 308 
G   C2     C  N N 309 
G   N2     N  N N 310 
G   N3     N  N N 311 
G   C4     C  Y N 312 
G   HOP3   H  N N 313 
G   HOP2   H  N N 314 
G   "H5'"  H  N N 315 
G   "H5''" H  N N 316 
G   "H4'"  H  N N 317 
G   "H3'"  H  N N 318 
G   "HO3'" H  N N 319 
G   "H2'"  H  N N 320 
G   "HO2'" H  N N 321 
G   "H1'"  H  N N 322 
G   H8     H  N N 323 
G   H1     H  N N 324 
G   H21    H  N N 325 
G   H22    H  N N 326 
GLN N      N  N N 327 
GLN CA     C  N S 328 
GLN C      C  N N 329 
GLN O      O  N N 330 
GLN CB     C  N N 331 
GLN CG     C  N N 332 
GLN CD     C  N N 333 
GLN OE1    O  N N 334 
GLN NE2    N  N N 335 
GLN OXT    O  N N 336 
GLN H      H  N N 337 
GLN H2     H  N N 338 
GLN HA     H  N N 339 
GLN HB2    H  N N 340 
GLN HB3    H  N N 341 
GLN HG2    H  N N 342 
GLN HG3    H  N N 343 
GLN HE21   H  N N 344 
GLN HE22   H  N N 345 
GLN HXT    H  N N 346 
GLU N      N  N N 347 
GLU CA     C  N S 348 
GLU C      C  N N 349 
GLU O      O  N N 350 
GLU CB     C  N N 351 
GLU CG     C  N N 352 
GLU CD     C  N N 353 
GLU OE1    O  N N 354 
GLU OE2    O  N N 355 
GLU OXT    O  N N 356 
GLU H      H  N N 357 
GLU H2     H  N N 358 
GLU HA     H  N N 359 
GLU HB2    H  N N 360 
GLU HB3    H  N N 361 
GLU HG2    H  N N 362 
GLU HG3    H  N N 363 
GLU HE2    H  N N 364 
GLU HXT    H  N N 365 
GLY N      N  N N 366 
GLY CA     C  N N 367 
GLY C      C  N N 368 
GLY O      O  N N 369 
GLY OXT    O  N N 370 
GLY H      H  N N 371 
GLY H2     H  N N 372 
GLY HA2    H  N N 373 
GLY HA3    H  N N 374 
GLY HXT    H  N N 375 
HIS N      N  N N 376 
HIS CA     C  N S 377 
HIS C      C  N N 378 
HIS O      O  N N 379 
HIS CB     C  N N 380 
HIS CG     C  Y N 381 
HIS ND1    N  Y N 382 
HIS CD2    C  Y N 383 
HIS CE1    C  Y N 384 
HIS NE2    N  Y N 385 
HIS OXT    O  N N 386 
HIS H      H  N N 387 
HIS H2     H  N N 388 
HIS HA     H  N N 389 
HIS HB2    H  N N 390 
HIS HB3    H  N N 391 
HIS HD1    H  N N 392 
HIS HD2    H  N N 393 
HIS HE1    H  N N 394 
HIS HE2    H  N N 395 
HIS HXT    H  N N 396 
HOH O      O  N N 397 
HOH H1     H  N N 398 
HOH H2     H  N N 399 
ILE N      N  N N 400 
ILE CA     C  N S 401 
ILE C      C  N N 402 
ILE O      O  N N 403 
ILE CB     C  N S 404 
ILE CG1    C  N N 405 
ILE CG2    C  N N 406 
ILE CD1    C  N N 407 
ILE OXT    O  N N 408 
ILE H      H  N N 409 
ILE H2     H  N N 410 
ILE HA     H  N N 411 
ILE HB     H  N N 412 
ILE HG12   H  N N 413 
ILE HG13   H  N N 414 
ILE HG21   H  N N 415 
ILE HG22   H  N N 416 
ILE HG23   H  N N 417 
ILE HD11   H  N N 418 
ILE HD12   H  N N 419 
ILE HD13   H  N N 420 
ILE HXT    H  N N 421 
LEU N      N  N N 422 
LEU CA     C  N S 423 
LEU C      C  N N 424 
LEU O      O  N N 425 
LEU CB     C  N N 426 
LEU CG     C  N N 427 
LEU CD1    C  N N 428 
LEU CD2    C  N N 429 
LEU OXT    O  N N 430 
LEU H      H  N N 431 
LEU H2     H  N N 432 
LEU HA     H  N N 433 
LEU HB2    H  N N 434 
LEU HB3    H  N N 435 
LEU HG     H  N N 436 
LEU HD11   H  N N 437 
LEU HD12   H  N N 438 
LEU HD13   H  N N 439 
LEU HD21   H  N N 440 
LEU HD22   H  N N 441 
LEU HD23   H  N N 442 
LEU HXT    H  N N 443 
LYS N      N  N N 444 
LYS CA     C  N S 445 
LYS C      C  N N 446 
LYS O      O  N N 447 
LYS CB     C  N N 448 
LYS CG     C  N N 449 
LYS CD     C  N N 450 
LYS CE     C  N N 451 
LYS NZ     N  N N 452 
LYS OXT    O  N N 453 
LYS H      H  N N 454 
LYS H2     H  N N 455 
LYS HA     H  N N 456 
LYS HB2    H  N N 457 
LYS HB3    H  N N 458 
LYS HG2    H  N N 459 
LYS HG3    H  N N 460 
LYS HD2    H  N N 461 
LYS HD3    H  N N 462 
LYS HE2    H  N N 463 
LYS HE3    H  N N 464 
LYS HZ1    H  N N 465 
LYS HZ2    H  N N 466 
LYS HZ3    H  N N 467 
LYS HXT    H  N N 468 
MET N      N  N N 469 
MET CA     C  N S 470 
MET C      C  N N 471 
MET O      O  N N 472 
MET CB     C  N N 473 
MET CG     C  N N 474 
MET SD     S  N N 475 
MET CE     C  N N 476 
MET OXT    O  N N 477 
MET H      H  N N 478 
MET H2     H  N N 479 
MET HA     H  N N 480 
MET HB2    H  N N 481 
MET HB3    H  N N 482 
MET HG2    H  N N 483 
MET HG3    H  N N 484 
MET HE1    H  N N 485 
MET HE2    H  N N 486 
MET HE3    H  N N 487 
MET HXT    H  N N 488 
MG  MG     MG N N 489 
PHE N      N  N N 490 
PHE CA     C  N S 491 
PHE C      C  N N 492 
PHE O      O  N N 493 
PHE CB     C  N N 494 
PHE CG     C  Y N 495 
PHE CD1    C  Y N 496 
PHE CD2    C  Y N 497 
PHE CE1    C  Y N 498 
PHE CE2    C  Y N 499 
PHE CZ     C  Y N 500 
PHE OXT    O  N N 501 
PHE H      H  N N 502 
PHE H2     H  N N 503 
PHE HA     H  N N 504 
PHE HB2    H  N N 505 
PHE HB3    H  N N 506 
PHE HD1    H  N N 507 
PHE HD2    H  N N 508 
PHE HE1    H  N N 509 
PHE HE2    H  N N 510 
PHE HZ     H  N N 511 
PHE HXT    H  N N 512 
PRO N      N  N N 513 
PRO CA     C  N S 514 
PRO C      C  N N 515 
PRO O      O  N N 516 
PRO CB     C  N N 517 
PRO CG     C  N N 518 
PRO CD     C  N N 519 
PRO OXT    O  N N 520 
PRO H      H  N N 521 
PRO HA     H  N N 522 
PRO HB2    H  N N 523 
PRO HB3    H  N N 524 
PRO HG2    H  N N 525 
PRO HG3    H  N N 526 
PRO HD2    H  N N 527 
PRO HD3    H  N N 528 
PRO HXT    H  N N 529 
SER N      N  N N 530 
SER CA     C  N S 531 
SER C      C  N N 532 
SER O      O  N N 533 
SER CB     C  N N 534 
SER OG     O  N N 535 
SER OXT    O  N N 536 
SER H      H  N N 537 
SER H2     H  N N 538 
SER HA     H  N N 539 
SER HB2    H  N N 540 
SER HB3    H  N N 541 
SER HG     H  N N 542 
SER HXT    H  N N 543 
T5S OP3    O  N N 544 
T5S P      P  N N 545 
T5S OP1    O  N N 546 
T5S OP2    O  N N 547 
T5S "O5'"  O  N N 548 
T5S N1     N  N N 549 
T5S C6     C  N N 550 
T5S C2     C  N N 551 
T5S O2     O  N N 552 
T5S N3     N  N N 553 
T5S C4     C  N N 554 
T5S O4     O  N N 555 
T5S C5     C  N N 556 
T5S SE     SE N N 557 
T5S CH3    C  N N 558 
T5S "C2'"  C  N N 559 
T5S "C5'"  C  N N 560 
T5S "C4'"  C  N R 561 
T5S "O4'"  O  N N 562 
T5S "C1'"  C  N R 563 
T5S "C3'"  C  N S 564 
T5S "O3'"  O  N N 565 
T5S HOP3   H  N N 566 
T5S HOP2   H  N N 567 
T5S H6     H  N N 568 
T5S HN3    H  N N 569 
T5S HH3    H  N N 570 
T5S HH3A   H  N N 571 
T5S HH3B   H  N N 572 
T5S "H2'"  H  N N 573 
T5S "H2'A" H  N N 574 
T5S "H5'"  H  N N 575 
T5S "H5'A" H  N N 576 
T5S "H4'"  H  N N 577 
T5S "H1'"  H  N N 578 
T5S "H3'"  H  N N 579 
T5S "HO3'" H  N N 580 
THR N      N  N N 581 
THR CA     C  N S 582 
THR C      C  N N 583 
THR O      O  N N 584 
THR CB     C  N R 585 
THR OG1    O  N N 586 
THR CG2    C  N N 587 
THR OXT    O  N N 588 
THR H      H  N N 589 
THR H2     H  N N 590 
THR HA     H  N N 591 
THR HB     H  N N 592 
THR HG1    H  N N 593 
THR HG21   H  N N 594 
THR HG22   H  N N 595 
THR HG23   H  N N 596 
THR HXT    H  N N 597 
TRP N      N  N N 598 
TRP CA     C  N S 599 
TRP C      C  N N 600 
TRP O      O  N N 601 
TRP CB     C  N N 602 
TRP CG     C  Y N 603 
TRP CD1    C  Y N 604 
TRP CD2    C  Y N 605 
TRP NE1    N  Y N 606 
TRP CE2    C  Y N 607 
TRP CE3    C  Y N 608 
TRP CZ2    C  Y N 609 
TRP CZ3    C  Y N 610 
TRP CH2    C  Y N 611 
TRP OXT    O  N N 612 
TRP H      H  N N 613 
TRP H2     H  N N 614 
TRP HA     H  N N 615 
TRP HB2    H  N N 616 
TRP HB3    H  N N 617 
TRP HD1    H  N N 618 
TRP HE1    H  N N 619 
TRP HE3    H  N N 620 
TRP HZ2    H  N N 621 
TRP HZ3    H  N N 622 
TRP HH2    H  N N 623 
TRP HXT    H  N N 624 
TYR N      N  N N 625 
TYR CA     C  N S 626 
TYR C      C  N N 627 
TYR O      O  N N 628 
TYR CB     C  N N 629 
TYR CG     C  Y N 630 
TYR CD1    C  Y N 631 
TYR CD2    C  Y N 632 
TYR CE1    C  Y N 633 
TYR CE2    C  Y N 634 
TYR CZ     C  Y N 635 
TYR OH     O  N N 636 
TYR OXT    O  N N 637 
TYR H      H  N N 638 
TYR H2     H  N N 639 
TYR HA     H  N N 640 
TYR HB2    H  N N 641 
TYR HB3    H  N N 642 
TYR HD1    H  N N 643 
TYR HD2    H  N N 644 
TYR HE1    H  N N 645 
TYR HE2    H  N N 646 
TYR HH     H  N N 647 
TYR HXT    H  N N 648 
U   OP3    O  N N 649 
U   P      P  N N 650 
U   OP1    O  N N 651 
U   OP2    O  N N 652 
U   "O5'"  O  N N 653 
U   "C5'"  C  N N 654 
U   "C4'"  C  N R 655 
U   "O4'"  O  N N 656 
U   "C3'"  C  N S 657 
U   "O3'"  O  N N 658 
U   "C2'"  C  N R 659 
U   "O2'"  O  N N 660 
U   "C1'"  C  N R 661 
U   N1     N  N N 662 
U   C2     C  N N 663 
U   O2     O  N N 664 
U   N3     N  N N 665 
U   C4     C  N N 666 
U   O4     O  N N 667 
U   C5     C  N N 668 
U   C6     C  N N 669 
U   HOP3   H  N N 670 
U   HOP2   H  N N 671 
U   "H5'"  H  N N 672 
U   "H5''" H  N N 673 
U   "H4'"  H  N N 674 
U   "H3'"  H  N N 675 
U   "HO3'" H  N N 676 
U   "H2'"  H  N N 677 
U   "HO2'" H  N N 678 
U   "H1'"  H  N N 679 
U   H3     H  N N 680 
U   H5     H  N N 681 
U   H6     H  N N 682 
VAL N      N  N N 683 
VAL CA     C  N S 684 
VAL C      C  N N 685 
VAL O      O  N N 686 
VAL CB     C  N N 687 
VAL CG1    C  N N 688 
VAL CG2    C  N N 689 
VAL OXT    O  N N 690 
VAL H      H  N N 691 
VAL H2     H  N N 692 
VAL HA     H  N N 693 
VAL HB     H  N N 694 
VAL HG11   H  N N 695 
VAL HG12   H  N N 696 
VAL HG13   H  N N 697 
VAL HG21   H  N N 698 
VAL HG22   H  N N 699 
VAL HG23   H  N N 700 
VAL HXT    H  N N 701 
# 
loop_
_chem_comp_bond.comp_id 
_chem_comp_bond.atom_id_1 
_chem_comp_bond.atom_id_2 
_chem_comp_bond.value_order 
_chem_comp_bond.pdbx_aromatic_flag 
_chem_comp_bond.pdbx_stereo_config 
_chem_comp_bond.pdbx_ordinal 
A   OP3   P      sing N N 1   
A   OP3   HOP3   sing N N 2   
A   P     OP1    doub N N 3   
A   P     OP2    sing N N 4   
A   P     "O5'"  sing N N 5   
A   OP2   HOP2   sing N N 6   
A   "O5'" "C5'"  sing N N 7   
A   "C5'" "C4'"  sing N N 8   
A   "C5'" "H5'"  sing N N 9   
A   "C5'" "H5''" sing N N 10  
A   "C4'" "O4'"  sing N N 11  
A   "C4'" "C3'"  sing N N 12  
A   "C4'" "H4'"  sing N N 13  
A   "O4'" "C1'"  sing N N 14  
A   "C3'" "O3'"  sing N N 15  
A   "C3'" "C2'"  sing N N 16  
A   "C3'" "H3'"  sing N N 17  
A   "O3'" "HO3'" sing N N 18  
A   "C2'" "O2'"  sing N N 19  
A   "C2'" "C1'"  sing N N 20  
A   "C2'" "H2'"  sing N N 21  
A   "O2'" "HO2'" sing N N 22  
A   "C1'" N9     sing N N 23  
A   "C1'" "H1'"  sing N N 24  
A   N9    C8     sing Y N 25  
A   N9    C4     sing Y N 26  
A   C8    N7     doub Y N 27  
A   C8    H8     sing N N 28  
A   N7    C5     sing Y N 29  
A   C5    C6     sing Y N 30  
A   C5    C4     doub Y N 31  
A   C6    N6     sing N N 32  
A   C6    N1     doub Y N 33  
A   N6    H61    sing N N 34  
A   N6    H62    sing N N 35  
A   N1    C2     sing Y N 36  
A   C2    N3     doub Y N 37  
A   C2    H2     sing N N 38  
A   N3    C4     sing Y N 39  
ALA N     CA     sing N N 40  
ALA N     H      sing N N 41  
ALA N     H2     sing N N 42  
ALA CA    C      sing N N 43  
ALA CA    CB     sing N N 44  
ALA CA    HA     sing N N 45  
ALA C     O      doub N N 46  
ALA C     OXT    sing N N 47  
ALA CB    HB1    sing N N 48  
ALA CB    HB2    sing N N 49  
ALA CB    HB3    sing N N 50  
ALA OXT   HXT    sing N N 51  
ARG N     CA     sing N N 52  
ARG N     H      sing N N 53  
ARG N     H2     sing N N 54  
ARG CA    C      sing N N 55  
ARG CA    CB     sing N N 56  
ARG CA    HA     sing N N 57  
ARG C     O      doub N N 58  
ARG C     OXT    sing N N 59  
ARG CB    CG     sing N N 60  
ARG CB    HB2    sing N N 61  
ARG CB    HB3    sing N N 62  
ARG CG    CD     sing N N 63  
ARG CG    HG2    sing N N 64  
ARG CG    HG3    sing N N 65  
ARG CD    NE     sing N N 66  
ARG CD    HD2    sing N N 67  
ARG CD    HD3    sing N N 68  
ARG NE    CZ     sing N N 69  
ARG NE    HE     sing N N 70  
ARG CZ    NH1    sing N N 71  
ARG CZ    NH2    doub N N 72  
ARG NH1   HH11   sing N N 73  
ARG NH1   HH12   sing N N 74  
ARG NH2   HH21   sing N N 75  
ARG NH2   HH22   sing N N 76  
ARG OXT   HXT    sing N N 77  
ASN N     CA     sing N N 78  
ASN N     H      sing N N 79  
ASN N     H2     sing N N 80  
ASN CA    C      sing N N 81  
ASN CA    CB     sing N N 82  
ASN CA    HA     sing N N 83  
ASN C     O      doub N N 84  
ASN C     OXT    sing N N 85  
ASN CB    CG     sing N N 86  
ASN CB    HB2    sing N N 87  
ASN CB    HB3    sing N N 88  
ASN CG    OD1    doub N N 89  
ASN CG    ND2    sing N N 90  
ASN ND2   HD21   sing N N 91  
ASN ND2   HD22   sing N N 92  
ASN OXT   HXT    sing N N 93  
ASP N     CA     sing N N 94  
ASP N     H      sing N N 95  
ASP N     H2     sing N N 96  
ASP CA    C      sing N N 97  
ASP CA    CB     sing N N 98  
ASP CA    HA     sing N N 99  
ASP C     O      doub N N 100 
ASP C     OXT    sing N N 101 
ASP CB    CG     sing N N 102 
ASP CB    HB2    sing N N 103 
ASP CB    HB3    sing N N 104 
ASP CG    OD1    doub N N 105 
ASP CG    OD2    sing N N 106 
ASP OD2   HD2    sing N N 107 
ASP OXT   HXT    sing N N 108 
C   OP3   P      sing N N 109 
C   OP3   HOP3   sing N N 110 
C   P     OP1    doub N N 111 
C   P     OP2    sing N N 112 
C   P     "O5'"  sing N N 113 
C   OP2   HOP2   sing N N 114 
C   "O5'" "C5'"  sing N N 115 
C   "C5'" "C4'"  sing N N 116 
C   "C5'" "H5'"  sing N N 117 
C   "C5'" "H5''" sing N N 118 
C   "C4'" "O4'"  sing N N 119 
C   "C4'" "C3'"  sing N N 120 
C   "C4'" "H4'"  sing N N 121 
C   "O4'" "C1'"  sing N N 122 
C   "C3'" "O3'"  sing N N 123 
C   "C3'" "C2'"  sing N N 124 
C   "C3'" "H3'"  sing N N 125 
C   "O3'" "HO3'" sing N N 126 
C   "C2'" "O2'"  sing N N 127 
C   "C2'" "C1'"  sing N N 128 
C   "C2'" "H2'"  sing N N 129 
C   "O2'" "HO2'" sing N N 130 
C   "C1'" N1     sing N N 131 
C   "C1'" "H1'"  sing N N 132 
C   N1    C2     sing N N 133 
C   N1    C6     sing N N 134 
C   C2    O2     doub N N 135 
C   C2    N3     sing N N 136 
C   N3    C4     doub N N 137 
C   C4    N4     sing N N 138 
C   C4    C5     sing N N 139 
C   N4    H41    sing N N 140 
C   N4    H42    sing N N 141 
C   C5    C6     doub N N 142 
C   C5    H5     sing N N 143 
C   C6    H6     sing N N 144 
DA  OP3   P      sing N N 145 
DA  OP3   HOP3   sing N N 146 
DA  P     OP1    doub N N 147 
DA  P     OP2    sing N N 148 
DA  P     "O5'"  sing N N 149 
DA  OP2   HOP2   sing N N 150 
DA  "O5'" "C5'"  sing N N 151 
DA  "C5'" "C4'"  sing N N 152 
DA  "C5'" "H5'"  sing N N 153 
DA  "C5'" "H5''" sing N N 154 
DA  "C4'" "O4'"  sing N N 155 
DA  "C4'" "C3'"  sing N N 156 
DA  "C4'" "H4'"  sing N N 157 
DA  "O4'" "C1'"  sing N N 158 
DA  "C3'" "O3'"  sing N N 159 
DA  "C3'" "C2'"  sing N N 160 
DA  "C3'" "H3'"  sing N N 161 
DA  "O3'" "HO3'" sing N N 162 
DA  "C2'" "C1'"  sing N N 163 
DA  "C2'" "H2'"  sing N N 164 
DA  "C2'" "H2''" sing N N 165 
DA  "C1'" N9     sing N N 166 
DA  "C1'" "H1'"  sing N N 167 
DA  N9    C8     sing Y N 168 
DA  N9    C4     sing Y N 169 
DA  C8    N7     doub Y N 170 
DA  C8    H8     sing N N 171 
DA  N7    C5     sing Y N 172 
DA  C5    C6     sing Y N 173 
DA  C5    C4     doub Y N 174 
DA  C6    N6     sing N N 175 
DA  C6    N1     doub Y N 176 
DA  N6    H61    sing N N 177 
DA  N6    H62    sing N N 178 
DA  N1    C2     sing Y N 179 
DA  C2    N3     doub Y N 180 
DA  C2    H2     sing N N 181 
DA  N3    C4     sing Y N 182 
DC  OP3   P      sing N N 183 
DC  OP3   HOP3   sing N N 184 
DC  P     OP1    doub N N 185 
DC  P     OP2    sing N N 186 
DC  P     "O5'"  sing N N 187 
DC  OP2   HOP2   sing N N 188 
DC  "O5'" "C5'"  sing N N 189 
DC  "C5'" "C4'"  sing N N 190 
DC  "C5'" "H5'"  sing N N 191 
DC  "C5'" "H5''" sing N N 192 
DC  "C4'" "O4'"  sing N N 193 
DC  "C4'" "C3'"  sing N N 194 
DC  "C4'" "H4'"  sing N N 195 
DC  "O4'" "C1'"  sing N N 196 
DC  "C3'" "O3'"  sing N N 197 
DC  "C3'" "C2'"  sing N N 198 
DC  "C3'" "H3'"  sing N N 199 
DC  "O3'" "HO3'" sing N N 200 
DC  "C2'" "C1'"  sing N N 201 
DC  "C2'" "H2'"  sing N N 202 
DC  "C2'" "H2''" sing N N 203 
DC  "C1'" N1     sing N N 204 
DC  "C1'" "H1'"  sing N N 205 
DC  N1    C2     sing N N 206 
DC  N1    C6     sing N N 207 
DC  C2    O2     doub N N 208 
DC  C2    N3     sing N N 209 
DC  N3    C4     doub N N 210 
DC  C4    N4     sing N N 211 
DC  C4    C5     sing N N 212 
DC  N4    H41    sing N N 213 
DC  N4    H42    sing N N 214 
DC  C5    C6     doub N N 215 
DC  C5    H5     sing N N 216 
DC  C6    H6     sing N N 217 
DG  OP3   P      sing N N 218 
DG  OP3   HOP3   sing N N 219 
DG  P     OP1    doub N N 220 
DG  P     OP2    sing N N 221 
DG  P     "O5'"  sing N N 222 
DG  OP2   HOP2   sing N N 223 
DG  "O5'" "C5'"  sing N N 224 
DG  "C5'" "C4'"  sing N N 225 
DG  "C5'" "H5'"  sing N N 226 
DG  "C5'" "H5''" sing N N 227 
DG  "C4'" "O4'"  sing N N 228 
DG  "C4'" "C3'"  sing N N 229 
DG  "C4'" "H4'"  sing N N 230 
DG  "O4'" "C1'"  sing N N 231 
DG  "C3'" "O3'"  sing N N 232 
DG  "C3'" "C2'"  sing N N 233 
DG  "C3'" "H3'"  sing N N 234 
DG  "O3'" "HO3'" sing N N 235 
DG  "C2'" "C1'"  sing N N 236 
DG  "C2'" "H2'"  sing N N 237 
DG  "C2'" "H2''" sing N N 238 
DG  "C1'" N9     sing N N 239 
DG  "C1'" "H1'"  sing N N 240 
DG  N9    C8     sing Y N 241 
DG  N9    C4     sing Y N 242 
DG  C8    N7     doub Y N 243 
DG  C8    H8     sing N N 244 
DG  N7    C5     sing Y N 245 
DG  C5    C6     sing N N 246 
DG  C5    C4     doub Y N 247 
DG  C6    O6     doub N N 248 
DG  C6    N1     sing N N 249 
DG  N1    C2     sing N N 250 
DG  N1    H1     sing N N 251 
DG  C2    N2     sing N N 252 
DG  C2    N3     doub N N 253 
DG  N2    H21    sing N N 254 
DG  N2    H22    sing N N 255 
DG  N3    C4     sing N N 256 
DT  OP3   P      sing N N 257 
DT  OP3   HOP3   sing N N 258 
DT  P     OP1    doub N N 259 
DT  P     OP2    sing N N 260 
DT  P     "O5'"  sing N N 261 
DT  OP2   HOP2   sing N N 262 
DT  "O5'" "C5'"  sing N N 263 
DT  "C5'" "C4'"  sing N N 264 
DT  "C5'" "H5'"  sing N N 265 
DT  "C5'" "H5''" sing N N 266 
DT  "C4'" "O4'"  sing N N 267 
DT  "C4'" "C3'"  sing N N 268 
DT  "C4'" "H4'"  sing N N 269 
DT  "O4'" "C1'"  sing N N 270 
DT  "C3'" "O3'"  sing N N 271 
DT  "C3'" "C2'"  sing N N 272 
DT  "C3'" "H3'"  sing N N 273 
DT  "O3'" "HO3'" sing N N 274 
DT  "C2'" "C1'"  sing N N 275 
DT  "C2'" "H2'"  sing N N 276 
DT  "C2'" "H2''" sing N N 277 
DT  "C1'" N1     sing N N 278 
DT  "C1'" "H1'"  sing N N 279 
DT  N1    C2     sing N N 280 
DT  N1    C6     sing N N 281 
DT  C2    O2     doub N N 282 
DT  C2    N3     sing N N 283 
DT  N3    C4     sing N N 284 
DT  N3    H3     sing N N 285 
DT  C4    O4     doub N N 286 
DT  C4    C5     sing N N 287 
DT  C5    C7     sing N N 288 
DT  C5    C6     doub N N 289 
DT  C7    H71    sing N N 290 
DT  C7    H72    sing N N 291 
DT  C7    H73    sing N N 292 
DT  C6    H6     sing N N 293 
G   OP3   P      sing N N 294 
G   OP3   HOP3   sing N N 295 
G   P     OP1    doub N N 296 
G   P     OP2    sing N N 297 
G   P     "O5'"  sing N N 298 
G   OP2   HOP2   sing N N 299 
G   "O5'" "C5'"  sing N N 300 
G   "C5'" "C4'"  sing N N 301 
G   "C5'" "H5'"  sing N N 302 
G   "C5'" "H5''" sing N N 303 
G   "C4'" "O4'"  sing N N 304 
G   "C4'" "C3'"  sing N N 305 
G   "C4'" "H4'"  sing N N 306 
G   "O4'" "C1'"  sing N N 307 
G   "C3'" "O3'"  sing N N 308 
G   "C3'" "C2'"  sing N N 309 
G   "C3'" "H3'"  sing N N 310 
G   "O3'" "HO3'" sing N N 311 
G   "C2'" "O2'"  sing N N 312 
G   "C2'" "C1'"  sing N N 313 
G   "C2'" "H2'"  sing N N 314 
G   "O2'" "HO2'" sing N N 315 
G   "C1'" N9     sing N N 316 
G   "C1'" "H1'"  sing N N 317 
G   N9    C8     sing Y N 318 
G   N9    C4     sing Y N 319 
G   C8    N7     doub Y N 320 
G   C8    H8     sing N N 321 
G   N7    C5     sing Y N 322 
G   C5    C6     sing N N 323 
G   C5    C4     doub Y N 324 
G   C6    O6     doub N N 325 
G   C6    N1     sing N N 326 
G   N1    C2     sing N N 327 
G   N1    H1     sing N N 328 
G   C2    N2     sing N N 329 
G   C2    N3     doub N N 330 
G   N2    H21    sing N N 331 
G   N2    H22    sing N N 332 
G   N3    C4     sing N N 333 
GLN N     CA     sing N N 334 
GLN N     H      sing N N 335 
GLN N     H2     sing N N 336 
GLN CA    C      sing N N 337 
GLN CA    CB     sing N N 338 
GLN CA    HA     sing N N 339 
GLN C     O      doub N N 340 
GLN C     OXT    sing N N 341 
GLN CB    CG     sing N N 342 
GLN CB    HB2    sing N N 343 
GLN CB    HB3    sing N N 344 
GLN CG    CD     sing N N 345 
GLN CG    HG2    sing N N 346 
GLN CG    HG3    sing N N 347 
GLN CD    OE1    doub N N 348 
GLN CD    NE2    sing N N 349 
GLN NE2   HE21   sing N N 350 
GLN NE2   HE22   sing N N 351 
GLN OXT   HXT    sing N N 352 
GLU N     CA     sing N N 353 
GLU N     H      sing N N 354 
GLU N     H2     sing N N 355 
GLU CA    C      sing N N 356 
GLU CA    CB     sing N N 357 
GLU CA    HA     sing N N 358 
GLU C     O      doub N N 359 
GLU C     OXT    sing N N 360 
GLU CB    CG     sing N N 361 
GLU CB    HB2    sing N N 362 
GLU CB    HB3    sing N N 363 
GLU CG    CD     sing N N 364 
GLU CG    HG2    sing N N 365 
GLU CG    HG3    sing N N 366 
GLU CD    OE1    doub N N 367 
GLU CD    OE2    sing N N 368 
GLU OE2   HE2    sing N N 369 
GLU OXT   HXT    sing N N 370 
GLY N     CA     sing N N 371 
GLY N     H      sing N N 372 
GLY N     H2     sing N N 373 
GLY CA    C      sing N N 374 
GLY CA    HA2    sing N N 375 
GLY CA    HA3    sing N N 376 
GLY C     O      doub N N 377 
GLY C     OXT    sing N N 378 
GLY OXT   HXT    sing N N 379 
HIS N     CA     sing N N 380 
HIS N     H      sing N N 381 
HIS N     H2     sing N N 382 
HIS CA    C      sing N N 383 
HIS CA    CB     sing N N 384 
HIS CA    HA     sing N N 385 
HIS C     O      doub N N 386 
HIS C     OXT    sing N N 387 
HIS CB    CG     sing N N 388 
HIS CB    HB2    sing N N 389 
HIS CB    HB3    sing N N 390 
HIS CG    ND1    sing Y N 391 
HIS CG    CD2    doub Y N 392 
HIS ND1   CE1    doub Y N 393 
HIS ND1   HD1    sing N N 394 
HIS CD2   NE2    sing Y N 395 
HIS CD2   HD2    sing N N 396 
HIS CE1   NE2    sing Y N 397 
HIS CE1   HE1    sing N N 398 
HIS NE2   HE2    sing N N 399 
HIS OXT   HXT    sing N N 400 
HOH O     H1     sing N N 401 
HOH O     H2     sing N N 402 
ILE N     CA     sing N N 403 
ILE N     H      sing N N 404 
ILE N     H2     sing N N 405 
ILE CA    C      sing N N 406 
ILE CA    CB     sing N N 407 
ILE CA    HA     sing N N 408 
ILE C     O      doub N N 409 
ILE C     OXT    sing N N 410 
ILE CB    CG1    sing N N 411 
ILE CB    CG2    sing N N 412 
ILE CB    HB     sing N N 413 
ILE CG1   CD1    sing N N 414 
ILE CG1   HG12   sing N N 415 
ILE CG1   HG13   sing N N 416 
ILE CG2   HG21   sing N N 417 
ILE CG2   HG22   sing N N 418 
ILE CG2   HG23   sing N N 419 
ILE CD1   HD11   sing N N 420 
ILE CD1   HD12   sing N N 421 
ILE CD1   HD13   sing N N 422 
ILE OXT   HXT    sing N N 423 
LEU N     CA     sing N N 424 
LEU N     H      sing N N 425 
LEU N     H2     sing N N 426 
LEU CA    C      sing N N 427 
LEU CA    CB     sing N N 428 
LEU CA    HA     sing N N 429 
LEU C     O      doub N N 430 
LEU C     OXT    sing N N 431 
LEU CB    CG     sing N N 432 
LEU CB    HB2    sing N N 433 
LEU CB    HB3    sing N N 434 
LEU CG    CD1    sing N N 435 
LEU CG    CD2    sing N N 436 
LEU CG    HG     sing N N 437 
LEU CD1   HD11   sing N N 438 
LEU CD1   HD12   sing N N 439 
LEU CD1   HD13   sing N N 440 
LEU CD2   HD21   sing N N 441 
LEU CD2   HD22   sing N N 442 
LEU CD2   HD23   sing N N 443 
LEU OXT   HXT    sing N N 444 
LYS N     CA     sing N N 445 
LYS N     H      sing N N 446 
LYS N     H2     sing N N 447 
LYS CA    C      sing N N 448 
LYS CA    CB     sing N N 449 
LYS CA    HA     sing N N 450 
LYS C     O      doub N N 451 
LYS C     OXT    sing N N 452 
LYS CB    CG     sing N N 453 
LYS CB    HB2    sing N N 454 
LYS CB    HB3    sing N N 455 
LYS CG    CD     sing N N 456 
LYS CG    HG2    sing N N 457 
LYS CG    HG3    sing N N 458 
LYS CD    CE     sing N N 459 
LYS CD    HD2    sing N N 460 
LYS CD    HD3    sing N N 461 
LYS CE    NZ     sing N N 462 
LYS CE    HE2    sing N N 463 
LYS CE    HE3    sing N N 464 
LYS NZ    HZ1    sing N N 465 
LYS NZ    HZ2    sing N N 466 
LYS NZ    HZ3    sing N N 467 
LYS OXT   HXT    sing N N 468 
MET N     CA     sing N N 469 
MET N     H      sing N N 470 
MET N     H2     sing N N 471 
MET CA    C      sing N N 472 
MET CA    CB     sing N N 473 
MET CA    HA     sing N N 474 
MET C     O      doub N N 475 
MET C     OXT    sing N N 476 
MET CB    CG     sing N N 477 
MET CB    HB2    sing N N 478 
MET CB    HB3    sing N N 479 
MET CG    SD     sing N N 480 
MET CG    HG2    sing N N 481 
MET CG    HG3    sing N N 482 
MET SD    CE     sing N N 483 
MET CE    HE1    sing N N 484 
MET CE    HE2    sing N N 485 
MET CE    HE3    sing N N 486 
MET OXT   HXT    sing N N 487 
PHE N     CA     sing N N 488 
PHE N     H      sing N N 489 
PHE N     H2     sing N N 490 
PHE CA    C      sing N N 491 
PHE CA    CB     sing N N 492 
PHE CA    HA     sing N N 493 
PHE C     O      doub N N 494 
PHE C     OXT    sing N N 495 
PHE CB    CG     sing N N 496 
PHE CB    HB2    sing N N 497 
PHE CB    HB3    sing N N 498 
PHE CG    CD1    doub Y N 499 
PHE CG    CD2    sing Y N 500 
PHE CD1   CE1    sing Y N 501 
PHE CD1   HD1    sing N N 502 
PHE CD2   CE2    doub Y N 503 
PHE CD2   HD2    sing N N 504 
PHE CE1   CZ     doub Y N 505 
PHE CE1   HE1    sing N N 506 
PHE CE2   CZ     sing Y N 507 
PHE CE2   HE2    sing N N 508 
PHE CZ    HZ     sing N N 509 
PHE OXT   HXT    sing N N 510 
PRO N     CA     sing N N 511 
PRO N     CD     sing N N 512 
PRO N     H      sing N N 513 
PRO CA    C      sing N N 514 
PRO CA    CB     sing N N 515 
PRO CA    HA     sing N N 516 
PRO C     O      doub N N 517 
PRO C     OXT    sing N N 518 
PRO CB    CG     sing N N 519 
PRO CB    HB2    sing N N 520 
PRO CB    HB3    sing N N 521 
PRO CG    CD     sing N N 522 
PRO CG    HG2    sing N N 523 
PRO CG    HG3    sing N N 524 
PRO CD    HD2    sing N N 525 
PRO CD    HD3    sing N N 526 
PRO OXT   HXT    sing N N 527 
SER N     CA     sing N N 528 
SER N     H      sing N N 529 
SER N     H2     sing N N 530 
SER CA    C      sing N N 531 
SER CA    CB     sing N N 532 
SER CA    HA     sing N N 533 
SER C     O      doub N N 534 
SER C     OXT    sing N N 535 
SER CB    OG     sing N N 536 
SER CB    HB2    sing N N 537 
SER CB    HB3    sing N N 538 
SER OG    HG     sing N N 539 
SER OXT   HXT    sing N N 540 
T5S P     OP3    sing N N 541 
T5S OP3   HOP3   sing N N 542 
T5S OP1   P      doub N N 543 
T5S P     OP2    sing N N 544 
T5S P     "O5'"  sing N N 545 
T5S OP2   HOP2   sing N N 546 
T5S "C5'" "O5'"  sing N N 547 
T5S "C1'" N1     sing N N 548 
T5S C6    N1     sing N N 549 
T5S N1    C2     sing N N 550 
T5S C6    C5     doub N N 551 
T5S C6    H6     sing N N 552 
T5S C2    O2     doub N N 553 
T5S C2    N3     sing N N 554 
T5S C4    N3     sing N N 555 
T5S N3    HN3    sing N N 556 
T5S C5    C4     sing N N 557 
T5S C4    O4     doub N N 558 
T5S SE    C5     sing N N 559 
T5S CH3   SE     sing N N 560 
T5S CH3   HH3    sing N N 561 
T5S CH3   HH3A   sing N N 562 
T5S CH3   HH3B   sing N N 563 
T5S "C3'" "C2'"  sing N N 564 
T5S "C2'" "C1'"  sing N N 565 
T5S "C2'" "H2'"  sing N N 566 
T5S "C2'" "H2'A" sing N N 567 
T5S "C5'" "C4'"  sing N N 568 
T5S "C5'" "H5'"  sing N N 569 
T5S "C5'" "H5'A" sing N N 570 
T5S "C3'" "C4'"  sing N N 571 
T5S "C4'" "O4'"  sing N N 572 
T5S "C4'" "H4'"  sing N N 573 
T5S "O4'" "C1'"  sing N N 574 
T5S "C1'" "H1'"  sing N N 575 
T5S "O3'" "C3'"  sing N N 576 
T5S "C3'" "H3'"  sing N N 577 
T5S "O3'" "HO3'" sing N N 578 
THR N     CA     sing N N 579 
THR N     H      sing N N 580 
THR N     H2     sing N N 581 
THR CA    C      sing N N 582 
THR CA    CB     sing N N 583 
THR CA    HA     sing N N 584 
THR C     O      doub N N 585 
THR C     OXT    sing N N 586 
THR CB    OG1    sing N N 587 
THR CB    CG2    sing N N 588 
THR CB    HB     sing N N 589 
THR OG1   HG1    sing N N 590 
THR CG2   HG21   sing N N 591 
THR CG2   HG22   sing N N 592 
THR CG2   HG23   sing N N 593 
THR OXT   HXT    sing N N 594 
TRP N     CA     sing N N 595 
TRP N     H      sing N N 596 
TRP N     H2     sing N N 597 
TRP CA    C      sing N N 598 
TRP CA    CB     sing N N 599 
TRP CA    HA     sing N N 600 
TRP C     O      doub N N 601 
TRP C     OXT    sing N N 602 
TRP CB    CG     sing N N 603 
TRP CB    HB2    sing N N 604 
TRP CB    HB3    sing N N 605 
TRP CG    CD1    doub Y N 606 
TRP CG    CD2    sing Y N 607 
TRP CD1   NE1    sing Y N 608 
TRP CD1   HD1    sing N N 609 
TRP CD2   CE2    doub Y N 610 
TRP CD2   CE3    sing Y N 611 
TRP NE1   CE2    sing Y N 612 
TRP NE1   HE1    sing N N 613 
TRP CE2   CZ2    sing Y N 614 
TRP CE3   CZ3    doub Y N 615 
TRP CE3   HE3    sing N N 616 
TRP CZ2   CH2    doub Y N 617 
TRP CZ2   HZ2    sing N N 618 
TRP CZ3   CH2    sing Y N 619 
TRP CZ3   HZ3    sing N N 620 
TRP CH2   HH2    sing N N 621 
TRP OXT   HXT    sing N N 622 
TYR N     CA     sing N N 623 
TYR N     H      sing N N 624 
TYR N     H2     sing N N 625 
TYR CA    C      sing N N 626 
TYR CA    CB     sing N N 627 
TYR CA    HA     sing N N 628 
TYR C     O      doub N N 629 
TYR C     OXT    sing N N 630 
TYR CB    CG     sing N N 631 
TYR CB    HB2    sing N N 632 
TYR CB    HB3    sing N N 633 
TYR CG    CD1    doub Y N 634 
TYR CG    CD2    sing Y N 635 
TYR CD1   CE1    sing Y N 636 
TYR CD1   HD1    sing N N 637 
TYR CD2   CE2    doub Y N 638 
TYR CD2   HD2    sing N N 639 
TYR CE1   CZ     doub Y N 640 
TYR CE1   HE1    sing N N 641 
TYR CE2   CZ     sing Y N 642 
TYR CE2   HE2    sing N N 643 
TYR CZ    OH     sing N N 644 
TYR OH    HH     sing N N 645 
TYR OXT   HXT    sing N N 646 
U   OP3   P      sing N N 647 
U   OP3   HOP3   sing N N 648 
U   P     OP1    doub N N 649 
U   P     OP2    sing N N 650 
U   P     "O5'"  sing N N 651 
U   OP2   HOP2   sing N N 652 
U   "O5'" "C5'"  sing N N 653 
U   "C5'" "C4'"  sing N N 654 
U   "C5'" "H5'"  sing N N 655 
U   "C5'" "H5''" sing N N 656 
U   "C4'" "O4'"  sing N N 657 
U   "C4'" "C3'"  sing N N 658 
U   "C4'" "H4'"  sing N N 659 
U   "O4'" "C1'"  sing N N 660 
U   "C3'" "O3'"  sing N N 661 
U   "C3'" "C2'"  sing N N 662 
U   "C3'" "H3'"  sing N N 663 
U   "O3'" "HO3'" sing N N 664 
U   "C2'" "O2'"  sing N N 665 
U   "C2'" "C1'"  sing N N 666 
U   "C2'" "H2'"  sing N N 667 
U   "O2'" "HO2'" sing N N 668 
U   "C1'" N1     sing N N 669 
U   "C1'" "H1'"  sing N N 670 
U   N1    C2     sing N N 671 
U   N1    C6     sing N N 672 
U   C2    O2     doub N N 673 
U   C2    N3     sing N N 674 
U   N3    C4     sing N N 675 
U   N3    H3     sing N N 676 
U   C4    O4     doub N N 677 
U   C4    C5     sing N N 678 
U   C5    C6     doub N N 679 
U   C5    H5     sing N N 680 
U   C6    H6     sing N N 681 
VAL N     CA     sing N N 682 
VAL N     H      sing N N 683 
VAL N     H2     sing N N 684 
VAL CA    C      sing N N 685 
VAL CA    CB     sing N N 686 
VAL CA    HA     sing N N 687 
VAL C     O      doub N N 688 
VAL C     OXT    sing N N 689 
VAL CB    CG1    sing N N 690 
VAL CB    CG2    sing N N 691 
VAL CB    HB     sing N N 692 
VAL CG1   HG11   sing N N 693 
VAL CG1   HG12   sing N N 694 
VAL CG1   HG13   sing N N 695 
VAL CG2   HG21   sing N N 696 
VAL CG2   HG22   sing N N 697 
VAL CG2   HG23   sing N N 698 
VAL OXT   HXT    sing N N 699 
# 
_ndb_struct_conf_na.entry_id   5USE 
_ndb_struct_conf_na.feature    'double helix' 
# 
loop_
_ndb_struct_na_base_pair.model_number 
_ndb_struct_na_base_pair.i_label_asym_id 
_ndb_struct_na_base_pair.i_label_comp_id 
_ndb_struct_na_base_pair.i_label_seq_id 
_ndb_struct_na_base_pair.i_symmetry 
_ndb_struct_na_base_pair.j_label_asym_id 
_ndb_struct_na_base_pair.j_label_comp_id 
_ndb_struct_na_base_pair.j_label_seq_id 
_ndb_struct_na_base_pair.j_symmetry 
_ndb_struct_na_base_pair.shear 
_ndb_struct_na_base_pair.stretch 
_ndb_struct_na_base_pair.stagger 
_ndb_struct_na_base_pair.buckle 
_ndb_struct_na_base_pair.propeller 
_ndb_struct_na_base_pair.opening 
_ndb_struct_na_base_pair.pair_number 
_ndb_struct_na_base_pair.pair_name 
_ndb_struct_na_base_pair.i_auth_asym_id 
_ndb_struct_na_base_pair.i_auth_seq_id 
_ndb_struct_na_base_pair.i_PDB_ins_code 
_ndb_struct_na_base_pair.j_auth_asym_id 
_ndb_struct_na_base_pair.j_auth_seq_id 
_ndb_struct_na_base_pair.j_PDB_ins_code 
_ndb_struct_na_base_pair.hbond_type_28 
_ndb_struct_na_base_pair.hbond_type_12 
1 A C 2 1_555 B DG  6 1_555 0.017  -0.148 0.164  -1.481  -6.531  -3.369 1 B_C2:DG6_C  B 2 ? C 6 ? 19 1 
1 A G 3 1_555 B DC  5 1_555 -0.219 -0.155 -0.192 -17.413 -13.998 -1.416 2 B_G3:DC5_C  B 3 ? C 5 ? 19 1 
1 A A 4 1_555 B T5S 4 1_555 0.110  -0.104 -0.030 -7.977  -16.619 0.595  3 B_A4:T5S4_C B 4 ? C 4 ? 20 1 
1 A C 5 1_555 B DG  3 1_555 0.178  -0.214 0.213  -3.958  -11.619 -1.912 4 B_C5:DG3_C  B 5 ? C 3 ? 19 1 
1 A A 6 1_555 B DT  2 1_555 0.087  -0.138 -0.064 -7.831  -5.518  0.535  5 B_A6:DT2_C  B 6 ? C 2 ? 20 1 
# 
loop_
_ndb_struct_na_base_pair_step.model_number 
_ndb_struct_na_base_pair_step.i_label_asym_id_1 
_ndb_struct_na_base_pair_step.i_label_comp_id_1 
_ndb_struct_na_base_pair_step.i_label_seq_id_1 
_ndb_struct_na_base_pair_step.i_symmetry_1 
_ndb_struct_na_base_pair_step.j_label_asym_id_1 
_ndb_struct_na_base_pair_step.j_label_comp_id_1 
_ndb_struct_na_base_pair_step.j_label_seq_id_1 
_ndb_struct_na_base_pair_step.j_symmetry_1 
_ndb_struct_na_base_pair_step.i_label_asym_id_2 
_ndb_struct_na_base_pair_step.i_label_comp_id_2 
_ndb_struct_na_base_pair_step.i_label_seq_id_2 
_ndb_struct_na_base_pair_step.i_symmetry_2 
_ndb_struct_na_base_pair_step.j_label_asym_id_2 
_ndb_struct_na_base_pair_step.j_label_comp_id_2 
_ndb_struct_na_base_pair_step.j_label_seq_id_2 
_ndb_struct_na_base_pair_step.j_symmetry_2 
_ndb_struct_na_base_pair_step.shift 
_ndb_struct_na_base_pair_step.slide 
_ndb_struct_na_base_pair_step.rise 
_ndb_struct_na_base_pair_step.tilt 
_ndb_struct_na_base_pair_step.roll 
_ndb_struct_na_base_pair_step.twist 
_ndb_struct_na_base_pair_step.x_displacement 
_ndb_struct_na_base_pair_step.y_displacement 
_ndb_struct_na_base_pair_step.helical_rise 
_ndb_struct_na_base_pair_step.inclination 
_ndb_struct_na_base_pair_step.tip 
_ndb_struct_na_base_pair_step.helical_twist 
_ndb_struct_na_base_pair_step.step_number 
_ndb_struct_na_base_pair_step.step_name 
_ndb_struct_na_base_pair_step.i_auth_asym_id_1 
_ndb_struct_na_base_pair_step.i_auth_seq_id_1 
_ndb_struct_na_base_pair_step.i_PDB_ins_code_1 
_ndb_struct_na_base_pair_step.j_auth_asym_id_1 
_ndb_struct_na_base_pair_step.j_auth_seq_id_1 
_ndb_struct_na_base_pair_step.j_PDB_ins_code_1 
_ndb_struct_na_base_pair_step.i_auth_asym_id_2 
_ndb_struct_na_base_pair_step.i_auth_seq_id_2 
_ndb_struct_na_base_pair_step.i_PDB_ins_code_2 
_ndb_struct_na_base_pair_step.j_auth_asym_id_2 
_ndb_struct_na_base_pair_step.j_auth_seq_id_2 
_ndb_struct_na_base_pair_step.j_PDB_ins_code_2 
1 A C 2 1_555 B DG  6 1_555 A G 3 1_555 B DC  5 1_555 0.404  -1.111 3.635 5.711  5.794 38.552 -2.402 0.142  3.461 8.658  -8.534  
39.370 1 BB_C2G3:DC5DG6_CC  B 2 ? C 6 ? B 3 ? C 5 ? 
1 A G 3 1_555 B DC  5 1_555 A A 4 1_555 B T5S 4 1_555 0.537  -1.175 3.160 0.481  3.128 34.535 -2.428 -0.831 3.052 5.255  -0.808  
34.675 2 BB_G3A4:T5S4DC5_CC B 3 ? C 5 ? B 4 ? C 4 ? 
1 A A 4 1_555 B T5S 4 1_555 A C 5 1_555 B DG  3 1_555 -0.716 -1.302 3.197 -1.949 5.396 29.090 -3.626 1.010  2.953 10.613 3.834   
29.638 3 BB_A4C5:DG3T5S4_CC B 4 ? C 4 ? B 5 ? C 3 ? 
1 A C 5 1_555 B DG  3 1_555 A A 6 1_555 B DT  2 1_555 1.074  -1.896 3.300 5.977  6.534 24.888 -5.853 -0.797 2.892 14.583 -13.340 
26.393 4 BB_C5A6:DT2DG3_CC  B 5 ? C 3 ? B 6 ? C 2 ? 
# 
loop_
_pdbx_entity_nonpoly.entity_id 
_pdbx_entity_nonpoly.name 
_pdbx_entity_nonpoly.comp_id 
4 'MAGNESIUM ION' MG  
5 water           HOH 
# 
_pdbx_initial_refinement_model.id               1 
_pdbx_initial_refinement_model.entity_id_list   ? 
_pdbx_initial_refinement_model.type             'experimental model' 
_pdbx_initial_refinement_model.source_name      PDB 
_pdbx_initial_refinement_model.accession_code   2G8U 
_pdbx_initial_refinement_model.details          ? 
# 
